data_7SQ6
#
_entry.id   7SQ6
#
_cell.length_a   1.00
_cell.length_b   1.00
_cell.length_c   1.00
_cell.angle_alpha   90.00
_cell.angle_beta   90.00
_cell.angle_gamma   90.00
#
_symmetry.space_group_name_H-M   'P 1'
#
loop_
_entity.id
_entity.type
_entity.pdbx_description
1 polymer Mucolipin-1
2 branched 2-acetamido-2-deoxy-beta-D-glucopyranose-(1-4)-2-acetamido-2-deoxy-beta-D-glucopyranose
3 non-polymer 2-{2-oxo-2-[(4S)-2,2,4-trimethyl-3,4-dihydroquinolin-1(2H)-yl]ethyl}-1H-isoindole-1,3(2H)-dione
4 non-polymer 'SODIUM ION'
5 water water
#
_entity_poly.entity_id   1
_entity_poly.type   'polypeptide(L)'
_entity_poly.pdbx_seq_one_letter_code
;MATPAGRRASETERLLTPNPGYGTQVGTSPAPTTPTEEEDLRRRLKYFFMSPCDKFRAKGRKPCKLMLQVVKILVVTVQL
ILFGLSNQLVVTFREENTIAFRHLFLLGYSDGSDDTFAAYTQEQLYQAIFYAVDQYLILPEISLGRYAYVRGGGGPWANG
SALALCQRYYHRGHVDPANDTFDIDPRVVTDCIQVDPPDRPPDIPSEDLDFLDGSASYKNLTLKFHKLINVTIHFQLKTI
NLQSLINNEIPDCYTFSILITFDNKAHSGRIPIRLETKTHIQECKHPSVSRHGDNSFRLLFDVVVILTCSLSFLLCARSL
LRGFLLQNEFVVFMWRRRGREISLWERLEFVNGWYILLVTSDVLTISGTVMKIGIEAKNLASYDVCSILLGTSTLLVWVG
VIRYLTFFHKYNILIATLRVALPSVMRFCCCVAVIYLGYCFCGWIVLGPYHVKFRSLSMVSECLFSLINGDDMFVTFAAM
QAQQGHSSLVWLFSQLYLYSFISLFIYMVLSLFIALITGAYDTIKHPGGTGTEKSELQAYIEQCQDSPTSGKFRRGSGSA
CSLFCCCGRDSPEDHSLLVN
;
_entity_poly.pdbx_strand_id   A,B,C,D
#
# COMPACT_ATOMS: atom_id res chain seq x y z
N ASP A 40 -52.39 12.44 41.60
CA ASP A 40 -51.75 11.65 40.56
C ASP A 40 -50.99 12.54 39.58
N LEU A 41 -50.22 13.49 40.10
CA LEU A 41 -49.41 14.38 39.25
C LEU A 41 -48.23 13.63 38.66
N ARG A 42 -47.72 12.62 39.37
CA ARG A 42 -46.63 11.78 38.88
C ARG A 42 -45.40 12.61 38.52
N ARG A 43 -44.97 13.46 39.46
CA ARG A 43 -43.66 14.08 39.30
C ARG A 43 -42.55 13.05 39.37
N ARG A 44 -42.84 11.87 39.93
CA ARG A 44 -41.87 10.78 39.90
C ARG A 44 -41.48 10.43 38.46
N LEU A 45 -42.46 10.39 37.56
CA LEU A 45 -42.15 10.14 36.16
C LEU A 45 -41.30 11.27 35.59
N LYS A 46 -41.36 12.46 36.19
CA LYS A 46 -40.45 13.53 35.82
C LYS A 46 -39.06 13.29 36.39
N TYR A 47 -38.98 12.84 37.64
CA TYR A 47 -37.68 12.59 38.27
C TYR A 47 -36.98 11.37 37.69
N PHE A 48 -37.71 10.50 36.98
CA PHE A 48 -37.09 9.31 36.41
C PHE A 48 -36.21 9.67 35.22
N PHE A 49 -36.70 10.54 34.34
CA PHE A 49 -35.96 10.94 33.14
C PHE A 49 -35.15 12.20 33.39
N MET A 50 -34.34 12.19 34.44
CA MET A 50 -33.60 13.37 34.87
C MET A 50 -32.10 13.09 34.84
N SER A 51 -31.34 14.10 34.42
CA SER A 51 -29.90 13.99 34.43
C SER A 51 -29.40 13.89 35.87
N PRO A 52 -28.28 13.19 36.09
CA PRO A 52 -27.78 13.03 37.47
C PRO A 52 -27.61 14.36 38.19
N CYS A 53 -27.14 15.39 37.49
CA CYS A 53 -27.08 16.71 38.10
C CYS A 53 -28.47 17.21 38.49
N ASP A 54 -29.43 17.03 37.61
CA ASP A 54 -30.79 17.42 37.96
C ASP A 54 -31.34 16.48 39.02
N LYS A 55 -31.01 15.19 38.96
CA LYS A 55 -31.49 14.27 39.97
C LYS A 55 -30.95 14.62 41.34
N PHE A 56 -29.82 15.32 41.41
CA PHE A 56 -29.25 15.70 42.68
C PHE A 56 -29.70 17.09 43.14
N ARG A 57 -29.81 18.05 42.21
CA ARG A 57 -30.33 19.35 42.59
C ARG A 57 -31.78 19.25 43.07
N ALA A 58 -32.50 18.29 42.50
CA ALA A 58 -33.88 18.04 42.94
C ALA A 58 -34.02 17.20 44.21
N LYS A 59 -33.33 16.08 44.31
CA LYS A 59 -33.59 15.19 45.45
C LYS A 59 -32.43 14.86 46.33
N GLY A 60 -31.39 15.68 46.34
CA GLY A 60 -30.25 15.26 47.13
C GLY A 60 -29.76 13.85 46.86
N ARG A 61 -29.56 13.50 45.59
CA ARG A 61 -29.16 12.12 45.24
C ARG A 61 -27.70 12.09 44.76
N LYS A 62 -26.80 11.46 45.51
CA LYS A 62 -25.39 11.32 45.03
C LYS A 62 -25.36 10.46 43.77
N PRO A 63 -24.70 10.90 42.67
CA PRO A 63 -24.58 10.10 41.45
C PRO A 63 -23.67 8.90 41.63
N CYS A 64 -24.13 7.86 42.33
CA CYS A 64 -23.32 6.68 42.61
C CYS A 64 -22.92 5.97 41.32
N LYS A 65 -23.86 5.80 40.39
CA LYS A 65 -23.54 5.11 39.15
C LYS A 65 -22.49 5.87 38.34
N LEU A 66 -22.61 7.20 38.28
CA LEU A 66 -21.64 7.99 37.53
C LEU A 66 -20.24 7.82 38.11
N MET A 67 -20.11 7.83 39.43
CA MET A 67 -18.81 7.64 40.06
C MET A 67 -18.28 6.23 39.85
N LEU A 68 -19.17 5.24 39.88
CA LEU A 68 -18.75 3.86 39.66
C LEU A 68 -18.16 3.69 38.26
N GLN A 69 -18.77 4.34 37.27
CA GLN A 69 -18.31 4.16 35.88
C GLN A 69 -16.85 4.56 35.73
N VAL A 70 -16.46 5.71 36.30
CA VAL A 70 -15.08 6.16 36.20
C VAL A 70 -14.15 5.16 36.89
N VAL A 71 -14.46 4.81 38.12
CA VAL A 71 -13.65 3.84 38.85
C VAL A 71 -13.66 2.50 38.14
N LYS A 72 -14.83 2.08 37.65
CA LYS A 72 -14.92 0.83 36.92
C LYS A 72 -14.06 0.89 35.66
N ILE A 73 -14.08 2.01 34.95
CA ILE A 73 -13.25 2.18 33.74
C ILE A 73 -11.81 1.96 34.12
N LEU A 74 -11.36 2.65 35.15
CA LEU A 74 -9.96 2.58 35.55
C LEU A 74 -9.56 1.16 35.91
N VAL A 75 -10.34 0.51 36.78
CA VAL A 75 -9.94 -0.81 37.28
C VAL A 75 -10.01 -1.84 36.18
N VAL A 76 -11.02 -1.77 35.31
CA VAL A 76 -11.14 -2.74 34.24
C VAL A 76 -10.00 -2.59 33.24
N THR A 77 -9.63 -1.36 32.89
CA THR A 77 -8.51 -1.17 31.97
C THR A 77 -7.21 -1.66 32.59
N VAL A 78 -6.99 -1.36 33.87
CA VAL A 78 -5.77 -1.83 34.54
C VAL A 78 -5.72 -3.35 34.55
N GLN A 79 -6.86 -3.99 34.85
CA GLN A 79 -6.89 -5.45 34.86
C GLN A 79 -6.60 -6.01 33.49
N LEU A 80 -7.12 -5.37 32.45
CA LEU A 80 -6.90 -5.81 31.09
C LEU A 80 -5.40 -5.79 30.77
N ILE A 81 -4.74 -4.69 31.10
CA ILE A 81 -3.31 -4.58 30.84
C ILE A 81 -2.52 -5.62 31.63
N LEU A 82 -2.87 -5.79 32.91
CA LEU A 82 -2.16 -6.76 33.74
C LEU A 82 -2.29 -8.16 33.18
N PHE A 83 -3.49 -8.54 32.75
CA PHE A 83 -3.65 -9.84 32.10
C PHE A 83 -2.84 -9.92 30.81
N GLY A 84 -2.82 -8.82 30.05
CA GLY A 84 -2.12 -8.82 28.79
C GLY A 84 -0.65 -9.13 28.93
N LEU A 85 -0.04 -8.71 30.03
CA LEU A 85 1.36 -9.07 30.27
C LEU A 85 1.59 -10.58 30.09
N SER A 86 0.92 -11.38 30.92
CA SER A 86 1.09 -12.83 30.86
C SER A 86 0.56 -13.42 29.56
N ASN A 87 -0.53 -12.87 29.02
CA ASN A 87 -1.05 -13.37 27.76
C ASN A 87 -0.02 -13.24 26.65
N GLN A 88 0.64 -12.08 26.58
CA GLN A 88 1.70 -11.87 25.59
C GLN A 88 2.85 -12.82 25.83
N LEU A 89 3.23 -13.05 27.09
CA LEU A 89 4.30 -14.00 27.35
C LEU A 89 3.96 -15.39 26.78
N VAL A 90 2.73 -15.84 27.00
CA VAL A 90 2.33 -17.17 26.52
C VAL A 90 2.37 -17.23 24.98
N VAL A 91 1.78 -16.23 24.34
CA VAL A 91 1.70 -16.26 22.88
C VAL A 91 3.10 -16.22 22.27
N THR A 92 3.96 -15.36 22.80
CA THR A 92 5.33 -15.29 22.30
C THR A 92 5.98 -16.65 22.45
N PHE A 93 5.90 -17.24 23.64
CA PHE A 93 6.55 -18.54 23.84
C PHE A 93 6.14 -19.51 22.74
N ARG A 94 4.84 -19.61 22.48
CA ARG A 94 4.37 -20.56 21.47
C ARG A 94 4.95 -20.24 20.10
N GLU A 95 4.85 -18.97 19.68
CA GLU A 95 5.30 -18.58 18.35
C GLU A 95 6.81 -18.78 18.18
N GLU A 96 7.59 -18.36 19.17
CA GLU A 96 9.05 -18.48 19.08
C GLU A 96 9.46 -19.94 19.02
N ASN A 97 8.82 -20.80 19.81
CA ASN A 97 9.15 -22.22 19.72
C ASN A 97 8.83 -22.77 18.34
N THR A 98 7.70 -22.37 17.76
CA THR A 98 7.36 -22.85 16.42
C THR A 98 8.42 -22.45 15.40
N ILE A 99 8.87 -21.19 15.45
CA ILE A 99 9.91 -20.74 14.53
C ILE A 99 11.19 -21.55 14.74
N ALA A 100 11.55 -21.78 16.00
CA ALA A 100 12.74 -22.57 16.29
C ALA A 100 12.63 -23.96 15.71
N PHE A 101 11.45 -24.58 15.83
CA PHE A 101 11.25 -25.91 15.25
C PHE A 101 11.41 -25.88 13.74
N ARG A 102 10.88 -24.86 13.09
CA ARG A 102 11.02 -24.77 11.64
C ARG A 102 12.48 -24.65 11.23
N HIS A 103 13.28 -23.91 12.01
CA HIS A 103 14.70 -23.82 11.69
C HIS A 103 15.45 -25.10 12.03
N LEU A 104 14.99 -25.85 13.03
CA LEU A 104 15.70 -27.05 13.45
C LEU A 104 15.41 -28.24 12.57
N PHE A 105 14.19 -28.36 12.03
CA PHE A 105 13.76 -29.59 11.40
C PHE A 105 13.54 -29.49 9.90
N LEU A 106 13.39 -28.30 9.35
CA LEU A 106 13.11 -28.12 7.92
C LEU A 106 14.42 -27.80 7.20
N LEU A 107 14.85 -28.73 6.34
CA LEU A 107 16.14 -28.59 5.67
C LEU A 107 16.16 -27.37 4.77
N GLY A 108 17.16 -26.52 4.97
CA GLY A 108 17.30 -25.32 4.16
C GLY A 108 16.24 -24.28 4.39
N TYR A 109 15.49 -24.37 5.50
CA TYR A 109 14.45 -23.39 5.77
C TYR A 109 15.05 -22.00 5.96
N SER A 110 14.35 -21.00 5.46
CA SER A 110 14.72 -19.61 5.67
C SER A 110 13.46 -18.80 5.96
N ASP A 111 13.61 -17.78 6.79
CA ASP A 111 12.47 -17.01 7.23
C ASP A 111 11.76 -16.35 6.06
N GLY A 112 10.44 -16.39 6.08
CA GLY A 112 9.62 -15.76 5.07
C GLY A 112 9.17 -16.65 3.94
N SER A 113 9.83 -17.78 3.73
CA SER A 113 9.49 -18.68 2.62
C SER A 113 8.52 -19.77 3.06
N ASP A 114 7.55 -19.46 3.90
CA ASP A 114 6.66 -20.47 4.45
C ASP A 114 5.68 -21.00 3.41
N ASP A 115 5.25 -20.16 2.47
CA ASP A 115 4.26 -20.56 1.48
C ASP A 115 4.85 -21.15 0.21
N THR A 116 6.14 -20.94 -0.04
CA THR A 116 6.80 -21.49 -1.21
C THR A 116 7.76 -22.62 -0.89
N PHE A 117 7.92 -22.96 0.38
CA PHE A 117 8.83 -24.03 0.78
C PHE A 117 8.31 -25.37 0.28
N ALA A 118 9.09 -26.04 -0.56
CA ALA A 118 8.62 -27.25 -1.20
C ALA A 118 9.79 -28.01 -1.79
N ALA A 119 9.55 -29.29 -2.09
CA ALA A 119 10.51 -30.15 -2.76
C ALA A 119 10.07 -30.40 -4.19
N TYR A 120 11.03 -30.51 -5.10
CA TYR A 120 10.74 -30.74 -6.51
C TYR A 120 11.46 -31.96 -7.07
N THR A 121 12.20 -32.69 -6.25
CA THR A 121 12.99 -33.82 -6.70
C THR A 121 12.90 -34.92 -5.66
N GLN A 122 13.04 -36.16 -6.12
CA GLN A 122 13.01 -37.29 -5.20
C GLN A 122 14.13 -37.20 -4.17
N GLU A 123 15.32 -36.85 -4.62
CA GLU A 123 16.44 -36.68 -3.71
C GLU A 123 16.15 -35.59 -2.68
N GLN A 124 15.58 -34.46 -3.11
CA GLN A 124 15.25 -33.39 -2.17
C GLN A 124 14.29 -33.86 -1.10
N LEU A 125 13.26 -34.62 -1.50
CA LEU A 125 12.29 -35.09 -0.52
C LEU A 125 12.93 -36.05 0.47
N TYR A 126 13.75 -36.99 -0.03
CA TYR A 126 14.43 -37.91 0.87
C TYR A 126 15.35 -37.16 1.83
N GLN A 127 16.10 -36.17 1.31
CA GLN A 127 17.01 -35.43 2.16
C GLN A 127 16.25 -34.64 3.23
N ALA A 128 15.11 -34.04 2.87
CA ALA A 128 14.33 -33.31 3.86
C ALA A 128 13.81 -34.23 4.96
N ILE A 129 13.26 -35.39 4.57
CA ILE A 129 12.73 -36.32 5.55
C ILE A 129 13.83 -36.78 6.50
N PHE A 130 14.96 -37.20 5.93
CA PHE A 130 16.04 -37.72 6.75
C PHE A 130 16.65 -36.63 7.62
N TYR A 131 16.70 -35.38 7.12
CA TYR A 131 17.18 -34.28 7.93
C TYR A 131 16.28 -34.06 9.14
N ALA A 132 14.96 -34.08 8.93
CA ALA A 132 14.05 -33.92 10.06
C ALA A 132 14.31 -35.01 11.10
N VAL A 133 14.40 -36.26 10.67
CA VAL A 133 14.57 -37.34 11.65
C VAL A 133 15.92 -37.24 12.36
N ASP A 134 16.98 -36.95 11.61
CA ASP A 134 18.32 -36.85 12.21
C ASP A 134 18.37 -35.73 13.24
N GLN A 135 17.81 -34.58 12.91
CA GLN A 135 17.78 -33.46 13.84
C GLN A 135 16.98 -33.81 15.09
N TYR A 136 15.86 -34.51 14.91
CA TYR A 136 15.14 -34.98 16.09
C TYR A 136 16.02 -35.88 16.95
N LEU A 137 16.80 -36.75 16.32
CA LEU A 137 17.58 -37.73 17.07
C LEU A 137 18.73 -37.08 17.83
N ILE A 138 19.24 -35.94 17.36
CA ILE A 138 20.35 -35.29 18.07
C ILE A 138 19.92 -34.00 18.77
N LEU A 139 18.62 -33.70 18.83
CA LEU A 139 18.12 -32.47 19.45
C LEU A 139 18.84 -32.03 20.72
N PRO A 140 19.00 -32.87 21.75
CA PRO A 140 19.58 -32.38 23.00
C PRO A 140 20.97 -31.77 22.84
N GLU A 141 21.77 -32.25 21.89
CA GLU A 141 23.12 -31.75 21.74
C GLU A 141 23.21 -30.44 20.97
N ILE A 142 22.15 -30.03 20.26
CA ILE A 142 22.20 -28.88 19.38
C ILE A 142 21.24 -27.77 19.81
N SER A 143 20.06 -28.13 20.30
CA SER A 143 19.02 -27.14 20.51
C SER A 143 19.43 -26.14 21.59
N LEU A 144 19.10 -24.87 21.35
CA LEU A 144 19.31 -23.82 22.34
C LEU A 144 18.27 -23.91 23.45
N GLY A 145 17.04 -24.29 23.12
CA GLY A 145 16.06 -24.56 24.14
C GLY A 145 16.28 -25.92 24.80
N ARG A 146 15.73 -26.06 25.99
CA ARG A 146 15.84 -27.30 26.76
C ARG A 146 14.57 -28.10 26.52
N TYR A 147 14.63 -29.05 25.61
CA TYR A 147 13.49 -29.87 25.22
C TYR A 147 13.63 -31.27 25.79
N ALA A 148 12.51 -31.87 26.16
CA ALA A 148 12.46 -33.25 26.58
C ALA A 148 11.65 -34.05 25.57
N TYR A 149 12.11 -35.26 25.30
CA TYR A 149 11.33 -36.17 24.47
C TYR A 149 10.07 -36.60 25.21
N VAL A 150 9.11 -37.11 24.46
CA VAL A 150 7.86 -37.63 25.01
C VAL A 150 7.72 -39.06 24.50
N ARG A 151 8.04 -40.03 25.36
CA ARG A 151 7.95 -41.43 24.97
C ARG A 151 6.49 -41.84 24.79
N GLY A 152 6.17 -42.37 23.62
CA GLY A 152 4.80 -42.65 23.27
C GLY A 152 4.04 -41.48 22.67
N GLY A 153 4.72 -40.37 22.41
CA GLY A 153 4.09 -39.20 21.84
C GLY A 153 3.99 -39.19 20.33
N GLY A 154 4.40 -40.27 19.66
CA GLY A 154 4.40 -40.30 18.22
C GLY A 154 3.03 -40.26 17.59
N GLY A 155 1.97 -40.41 18.38
CA GLY A 155 0.62 -40.33 17.86
C GLY A 155 -0.01 -41.70 17.67
N PRO A 156 -1.17 -41.73 17.03
CA PRO A 156 -1.89 -43.00 16.87
C PRO A 156 -1.12 -44.04 16.07
N TRP A 157 -0.31 -43.59 15.13
CA TRP A 157 0.41 -44.52 14.28
C TRP A 157 1.68 -44.95 14.98
N ALA A 158 2.08 -44.22 16.02
CA ALA A 158 3.23 -44.68 16.77
C ALA A 158 2.76 -45.60 17.85
N ASN A 159 3.10 -46.87 17.73
CA ASN A 159 2.69 -47.86 18.72
C ASN A 159 3.63 -47.76 19.91
N GLY A 160 3.45 -46.69 20.68
CA GLY A 160 4.29 -46.40 21.83
C GLY A 160 5.61 -45.74 21.51
N SER A 161 5.83 -45.43 20.23
CA SER A 161 7.11 -44.80 19.81
C SER A 161 7.04 -43.28 20.00
N ALA A 162 8.20 -42.63 20.10
CA ALA A 162 8.25 -41.17 20.25
C ALA A 162 8.01 -40.46 18.93
N LEU A 163 8.59 -41.01 17.86
CA LEU A 163 8.43 -40.43 16.54
C LEU A 163 7.81 -41.41 15.56
N ALA A 164 6.83 -40.94 14.81
CA ALA A 164 6.19 -41.74 13.77
C ALA A 164 6.45 -41.08 12.42
N LEU A 165 6.89 -41.87 11.45
CA LEU A 165 7.17 -41.37 10.10
C LEU A 165 6.27 -42.14 9.14
N CYS A 166 5.10 -41.60 8.84
CA CYS A 166 4.08 -42.31 8.06
C CYS A 166 4.06 -41.80 6.62
N GLN A 167 3.95 -42.74 5.68
CA GLN A 167 3.68 -42.43 4.29
C GLN A 167 2.34 -43.05 3.91
N ARG A 168 1.51 -42.28 3.19
CA ARG A 168 0.19 -42.72 2.81
C ARG A 168 0.09 -42.75 1.30
N TYR A 169 -0.39 -43.88 0.77
CA TYR A 169 -0.49 -44.06 -0.67
C TYR A 169 -1.77 -44.84 -0.98
N TYR A 170 -2.18 -44.76 -2.24
CA TYR A 170 -3.35 -45.50 -2.68
C TYR A 170 -3.10 -47.00 -2.56
N HIS A 171 -4.15 -47.74 -2.22
CA HIS A 171 -4.01 -49.18 -2.11
C HIS A 171 -3.52 -49.79 -3.42
N ARG A 172 -4.11 -49.37 -4.53
CA ARG A 172 -3.63 -49.72 -5.86
C ARG A 172 -3.46 -48.44 -6.67
N GLY A 173 -2.30 -48.29 -7.30
CA GLY A 173 -2.08 -47.18 -8.20
C GLY A 173 -1.17 -47.58 -9.35
N HIS A 174 -1.66 -47.43 -10.57
CA HIS A 174 -0.95 -47.86 -11.77
C HIS A 174 -0.95 -46.76 -12.81
N VAL A 175 -0.55 -45.55 -12.40
CA VAL A 175 -0.53 -44.41 -13.31
C VAL A 175 0.43 -44.71 -14.45
N ASP A 176 -0.07 -44.67 -15.68
CA ASP A 176 0.72 -44.92 -16.88
C ASP A 176 0.38 -43.89 -17.94
N PRO A 177 0.84 -42.65 -17.78
CA PRO A 177 0.46 -41.60 -18.74
C PRO A 177 0.92 -41.89 -20.15
N ALA A 178 1.95 -42.71 -20.33
CA ALA A 178 2.40 -43.02 -21.69
C ALA A 178 1.31 -43.73 -22.48
N ASN A 179 0.57 -44.62 -21.84
CA ASN A 179 -0.53 -45.28 -22.53
C ASN A 179 -1.87 -44.64 -22.18
N ASP A 180 -1.84 -43.48 -21.54
CA ASP A 180 -3.07 -42.75 -21.24
C ASP A 180 -4.01 -43.60 -20.39
N THR A 181 -3.41 -44.46 -19.57
CA THR A 181 -4.16 -45.44 -18.81
C THR A 181 -3.81 -45.42 -17.33
N PHE A 182 -4.78 -45.68 -16.46
CA PHE A 182 -4.51 -45.80 -15.05
C PHE A 182 -5.45 -46.82 -14.43
N ASP A 183 -5.11 -47.32 -13.25
CA ASP A 183 -5.95 -48.25 -12.51
C ASP A 183 -5.78 -47.95 -11.03
N ILE A 184 -6.78 -47.32 -10.43
CA ILE A 184 -6.65 -46.75 -9.09
C ILE A 184 -7.65 -47.41 -8.17
N ASP A 185 -7.15 -47.85 -7.01
CA ASP A 185 -8.00 -48.17 -5.87
C ASP A 185 -7.78 -47.09 -4.83
N PRO A 186 -8.67 -46.12 -4.71
CA PRO A 186 -8.36 -44.91 -3.93
C PRO A 186 -8.39 -45.11 -2.43
N ARG A 187 -8.47 -46.36 -1.98
CA ARG A 187 -8.32 -46.64 -0.57
C ARG A 187 -6.93 -46.22 -0.09
N VAL A 188 -6.89 -45.58 1.07
CA VAL A 188 -5.64 -45.03 1.59
C VAL A 188 -4.98 -46.05 2.51
N VAL A 189 -3.71 -46.34 2.25
CA VAL A 189 -2.92 -47.26 3.05
C VAL A 189 -1.89 -46.45 3.81
N THR A 190 -1.82 -46.65 5.12
CA THR A 190 -0.86 -45.96 5.98
C THR A 190 0.24 -46.93 6.38
N ASP A 191 1.49 -46.54 6.11
CA ASP A 191 2.67 -47.38 6.48
C ASP A 191 3.54 -46.53 7.42
N CYS A 192 3.74 -46.98 8.66
CA CYS A 192 4.47 -46.14 9.65
C CYS A 192 5.80 -46.76 10.06
N ILE A 193 6.82 -45.94 10.31
CA ILE A 193 8.13 -46.44 10.82
C ILE A 193 8.29 -45.86 12.23
N GLN A 194 8.59 -46.70 13.21
CA GLN A 194 8.71 -46.25 14.59
C GLN A 194 10.14 -45.78 14.90
N VAL A 195 10.28 -44.55 15.37
CA VAL A 195 11.60 -44.02 15.74
C VAL A 195 11.64 -43.66 17.22
N ASP A 196 12.61 -44.20 17.95
CA ASP A 196 12.77 -43.93 19.36
C ASP A 196 14.07 -43.19 19.60
N PRO A 197 14.07 -42.10 20.37
CA PRO A 197 15.32 -41.44 20.69
C PRO A 197 16.18 -42.32 21.57
N PRO A 198 17.50 -42.15 21.56
CA PRO A 198 18.39 -42.96 22.38
C PRO A 198 18.33 -42.59 23.86
N ALA A 216 19.15 -45.43 10.58
CA ALA A 216 18.67 -46.67 11.19
C ALA A 216 17.63 -47.35 10.30
N SER A 217 16.60 -47.92 10.91
CA SER A 217 15.54 -48.53 10.13
C SER A 217 14.82 -47.50 9.27
N TYR A 218 14.60 -46.30 9.80
CA TYR A 218 13.95 -45.27 9.01
C TYR A 218 14.76 -44.88 7.78
N LYS A 219 16.07 -45.13 7.79
CA LYS A 219 16.88 -44.84 6.62
C LYS A 219 16.52 -45.71 5.44
N ASN A 220 15.93 -46.88 5.68
CA ASN A 220 15.53 -47.80 4.62
C ASN A 220 14.22 -47.41 3.97
N LEU A 221 13.68 -46.23 4.30
CA LEU A 221 12.41 -45.80 3.73
C LEU A 221 12.46 -45.78 2.21
N THR A 222 11.42 -46.34 1.59
CA THR A 222 11.24 -46.26 0.15
C THR A 222 9.85 -45.69 -0.11
N LEU A 223 9.79 -44.60 -0.86
CA LEU A 223 8.54 -43.89 -1.10
C LEU A 223 7.97 -44.32 -2.44
N LYS A 224 6.68 -44.63 -2.44
CA LYS A 224 5.96 -44.97 -3.67
C LYS A 224 5.46 -43.68 -4.29
N PHE A 225 6.33 -43.06 -5.10
CA PHE A 225 6.08 -41.71 -5.57
C PHE A 225 4.86 -41.65 -6.47
N HIS A 226 4.69 -42.63 -7.35
CA HIS A 226 3.62 -42.55 -8.34
C HIS A 226 2.24 -42.53 -7.69
N LYS A 227 2.11 -43.09 -6.50
CA LYS A 227 0.82 -43.14 -5.82
C LYS A 227 0.87 -42.54 -4.42
N LEU A 228 1.93 -41.80 -4.10
CA LEU A 228 2.07 -41.22 -2.77
C LEU A 228 1.06 -40.09 -2.56
N ILE A 229 0.44 -40.09 -1.37
CA ILE A 229 -0.51 -39.06 -1.02
C ILE A 229 0.16 -38.02 -0.14
N ASN A 230 0.76 -38.45 0.97
CA ASN A 230 1.57 -37.55 1.78
C ASN A 230 2.46 -38.35 2.71
N VAL A 231 3.47 -37.69 3.24
CA VAL A 231 4.34 -38.22 4.29
C VAL A 231 4.22 -37.28 5.48
N THR A 232 4.14 -37.85 6.68
CA THR A 232 4.04 -37.06 7.90
C THR A 232 5.03 -37.56 8.94
N ILE A 233 5.55 -36.62 9.73
CA ILE A 233 6.50 -36.94 10.83
C ILE A 233 5.89 -36.36 12.11
N HIS A 234 5.38 -37.21 13.00
CA HIS A 234 4.72 -36.72 14.23
C HIS A 234 5.58 -37.03 15.46
N PHE A 235 5.84 -36.00 16.28
CA PHE A 235 6.59 -36.22 17.54
C PHE A 235 6.20 -35.12 18.52
N GLN A 236 6.52 -35.31 19.80
CA GLN A 236 6.14 -34.31 20.83
C GLN A 236 7.39 -33.87 21.60
N LEU A 237 7.43 -32.60 22.04
CA LEU A 237 8.54 -32.09 22.83
C LEU A 237 7.99 -31.32 24.03
N LYS A 238 8.67 -31.44 25.16
CA LYS A 238 8.29 -30.78 26.39
C LYS A 238 9.31 -29.70 26.72
N THR A 239 8.81 -28.57 27.22
CA THR A 239 9.70 -27.49 27.64
C THR A 239 8.96 -26.64 28.66
N ILE A 240 9.72 -25.85 29.41
CA ILE A 240 9.19 -25.05 30.50
C ILE A 240 9.32 -23.58 30.14
N ASN A 241 8.22 -22.84 30.28
CA ASN A 241 8.19 -21.42 29.94
C ASN A 241 8.72 -20.63 31.13
N LEU A 242 10.04 -20.64 31.29
CA LEU A 242 10.68 -19.97 32.42
C LEU A 242 10.48 -18.47 32.46
N GLN A 243 10.24 -17.85 31.31
CA GLN A 243 10.16 -16.39 31.30
C GLN A 243 9.00 -15.87 32.13
N SER A 244 8.05 -16.72 32.50
CA SER A 244 6.92 -16.27 33.30
C SER A 244 7.36 -15.77 34.68
N LEU A 245 8.59 -16.08 35.08
CA LEU A 245 9.08 -15.60 36.38
C LEU A 245 9.13 -14.08 36.44
N ILE A 246 9.29 -13.41 35.30
CA ILE A 246 9.35 -11.95 35.30
C ILE A 246 8.03 -11.36 35.78
N ASN A 247 6.92 -12.05 35.55
CA ASN A 247 5.62 -11.64 36.05
C ASN A 247 5.33 -12.19 37.44
N ASN A 248 6.32 -12.77 38.10
CA ASN A 248 6.14 -13.39 39.41
C ASN A 248 5.13 -14.53 39.34
N GLU A 249 5.11 -15.23 38.22
CA GLU A 249 4.29 -16.42 38.04
C GLU A 249 5.15 -17.66 38.11
N ILE A 250 4.51 -18.79 38.37
CA ILE A 250 5.19 -20.09 38.38
C ILE A 250 5.16 -20.63 36.95
N PRO A 251 6.30 -20.97 36.36
CA PRO A 251 6.31 -21.48 34.98
C PRO A 251 5.49 -22.75 34.86
N ASP A 252 4.87 -22.92 33.70
CA ASP A 252 4.10 -24.11 33.36
C ASP A 252 4.92 -25.05 32.47
N CYS A 253 4.40 -26.26 32.32
CA CYS A 253 4.95 -27.24 31.39
C CYS A 253 4.18 -27.14 30.07
N TYR A 254 4.90 -26.89 28.98
CA TYR A 254 4.31 -26.83 27.66
C TYR A 254 4.68 -28.10 26.89
N THR A 255 3.68 -28.77 26.32
CA THR A 255 3.90 -29.88 25.42
C THR A 255 3.52 -29.45 24.02
N PHE A 256 4.49 -29.50 23.11
CA PHE A 256 4.26 -29.16 21.71
C PHE A 256 4.10 -30.45 20.91
N SER A 257 2.99 -30.56 20.18
CA SER A 257 2.79 -31.62 19.21
C SER A 257 3.21 -31.10 17.85
N ILE A 258 4.26 -31.68 17.29
CA ILE A 258 4.86 -31.22 16.05
C ILE A 258 4.44 -32.16 14.94
N LEU A 259 3.89 -31.57 13.86
CA LEU A 259 3.50 -32.34 12.69
C LEU A 259 4.15 -31.73 11.45
N ILE A 260 5.02 -32.49 10.79
CA ILE A 260 5.64 -32.06 9.55
C ILE A 260 4.98 -32.81 8.41
N THR A 261 4.47 -32.08 7.42
CA THR A 261 3.74 -32.67 6.32
C THR A 261 4.45 -32.41 5.01
N PHE A 262 4.67 -33.46 4.24
CA PHE A 262 5.13 -33.37 2.87
C PHE A 262 3.94 -33.76 1.99
N ASP A 263 3.25 -32.76 1.46
CA ASP A 263 1.93 -32.95 0.87
C ASP A 263 2.04 -33.19 -0.63
N ASN A 264 1.61 -34.38 -1.07
CA ASN A 264 1.57 -34.72 -2.49
C ASN A 264 0.14 -34.98 -2.97
N LYS A 265 -0.84 -34.37 -2.31
CA LYS A 265 -2.23 -34.64 -2.70
C LYS A 265 -2.55 -34.09 -4.08
N ALA A 266 -1.79 -33.11 -4.57
CA ALA A 266 -2.03 -32.56 -5.89
C ALA A 266 -1.35 -33.36 -7.00
N HIS A 267 -0.39 -34.21 -6.67
CA HIS A 267 0.31 -35.03 -7.65
C HIS A 267 0.85 -34.19 -8.81
N SER A 268 1.36 -33.01 -8.49
CA SER A 268 1.69 -31.99 -9.48
C SER A 268 3.19 -31.83 -9.69
N GLY A 269 4.01 -32.72 -9.15
CA GLY A 269 5.45 -32.57 -9.26
C GLY A 269 6.08 -31.62 -8.28
N ARG A 270 5.28 -30.97 -7.44
CA ARG A 270 5.77 -30.06 -6.42
C ARG A 270 5.15 -30.47 -5.09
N ILE A 271 5.99 -30.70 -4.09
CA ILE A 271 5.50 -31.23 -2.81
C ILE A 271 5.73 -30.19 -1.72
N PRO A 272 4.74 -29.39 -1.38
CA PRO A 272 4.90 -28.42 -0.30
C PRO A 272 5.24 -29.10 1.02
N ILE A 273 6.10 -28.44 1.80
CA ILE A 273 6.49 -28.96 3.10
C ILE A 273 6.15 -27.91 4.14
N ARG A 274 5.43 -28.28 5.20
CA ARG A 274 5.04 -27.36 6.24
C ARG A 274 5.22 -28.02 7.59
N LEU A 275 5.40 -27.19 8.62
CA LEU A 275 5.48 -27.62 10.00
C LEU A 275 4.38 -26.95 10.80
N GLU A 276 3.61 -27.75 11.53
CA GLU A 276 2.54 -27.24 12.38
C GLU A 276 2.75 -27.74 13.80
N THR A 277 2.29 -26.96 14.77
CA THR A 277 2.38 -27.34 16.17
C THR A 277 1.04 -27.13 16.86
N LYS A 278 0.75 -27.99 17.82
CA LYS A 278 -0.31 -27.79 18.79
C LYS A 278 0.33 -27.72 20.18
N THR A 279 -0.20 -26.86 21.03
CA THR A 279 0.35 -26.62 22.34
C THR A 279 -0.63 -27.03 23.42
N HIS A 280 -0.12 -27.71 24.44
CA HIS A 280 -0.89 -28.08 25.62
C HIS A 280 -0.17 -27.59 26.86
N ILE A 281 -0.84 -26.76 27.64
CA ILE A 281 -0.27 -26.13 28.82
C ILE A 281 -0.84 -26.81 30.05
N GLN A 282 0.03 -27.11 31.02
CA GLN A 282 -0.42 -27.69 32.27
C GLN A 282 0.58 -27.37 33.37
N GLU A 283 0.10 -27.43 34.60
CA GLU A 283 0.94 -27.14 35.76
C GLU A 283 2.06 -28.17 35.88
N CYS A 284 3.22 -27.71 36.35
CA CYS A 284 4.34 -28.63 36.59
C CYS A 284 4.07 -29.46 37.82
N LYS A 285 4.57 -30.69 37.82
CA LYS A 285 4.34 -31.59 38.94
C LYS A 285 5.12 -31.15 40.17
N HIS A 286 6.40 -30.79 40.00
CA HIS A 286 7.25 -30.39 41.11
C HIS A 286 7.95 -29.08 40.76
N PRO A 287 7.27 -27.95 40.91
CA PRO A 287 7.92 -26.65 40.73
C PRO A 287 8.52 -26.13 42.04
N SER A 288 9.59 -25.37 41.89
CA SER A 288 10.27 -24.77 43.04
C SER A 288 10.90 -23.46 42.59
N VAL A 289 10.37 -22.36 43.08
CA VAL A 289 10.95 -21.05 42.80
C VAL A 289 11.32 -20.43 44.14
N SER A 290 12.55 -19.96 44.28
CA SER A 290 13.04 -19.42 45.55
C SER A 290 12.46 -18.05 45.88
N ARG A 291 11.77 -17.40 44.95
CA ARG A 291 11.14 -16.11 45.20
C ARG A 291 10.46 -16.07 46.57
N SER A 296 1.63 -11.79 45.07
CA SER A 296 1.27 -10.53 44.44
C SER A 296 -0.16 -10.12 44.80
N PHE A 297 -0.55 -8.93 44.36
CA PHE A 297 -1.88 -8.39 44.61
C PHE A 297 -2.87 -8.73 43.52
N ARG A 298 -2.47 -9.54 42.53
CA ARG A 298 -3.31 -9.75 41.37
C ARG A 298 -4.67 -10.32 41.77
N LEU A 299 -4.68 -11.31 42.67
CA LEU A 299 -5.95 -11.88 43.11
C LEU A 299 -6.79 -10.85 43.85
N LEU A 300 -6.14 -10.03 44.67
CA LEU A 300 -6.85 -9.00 45.40
C LEU A 300 -7.45 -7.98 44.45
N PHE A 301 -6.69 -7.58 43.42
CA PHE A 301 -7.20 -6.63 42.44
C PHE A 301 -8.36 -7.23 41.65
N ASP A 302 -8.29 -8.52 41.32
CA ASP A 302 -9.40 -9.15 40.62
C ASP A 302 -10.65 -9.18 41.50
N VAL A 303 -10.47 -9.43 42.80
CA VAL A 303 -11.60 -9.38 43.71
C VAL A 303 -12.17 -7.96 43.76
N VAL A 304 -11.31 -6.95 43.73
CA VAL A 304 -11.78 -5.56 43.72
C VAL A 304 -12.61 -5.28 42.47
N VAL A 305 -12.12 -5.73 41.31
CA VAL A 305 -12.85 -5.54 40.06
C VAL A 305 -14.20 -6.22 40.13
N ILE A 306 -14.24 -7.45 40.66
CA ILE A 306 -15.49 -8.16 40.82
C ILE A 306 -16.43 -7.38 41.73
N LEU A 307 -15.89 -6.78 42.79
CA LEU A 307 -16.72 -5.99 43.70
C LEU A 307 -17.36 -4.82 42.97
N THR A 308 -16.55 -4.06 42.24
CA THR A 308 -17.08 -2.90 41.53
C THR A 308 -18.14 -3.31 40.51
N CYS A 309 -17.86 -4.37 39.76
CA CYS A 309 -18.81 -4.81 38.73
C CYS A 309 -20.10 -5.33 39.35
N SER A 310 -20.00 -6.05 40.47
CA SER A 310 -21.21 -6.54 41.15
C SER A 310 -22.05 -5.38 41.68
N LEU A 311 -21.40 -4.36 42.25
CA LEU A 311 -22.16 -3.22 42.74
C LEU A 311 -22.87 -2.50 41.59
N SER A 312 -22.16 -2.30 40.47
CA SER A 312 -22.78 -1.66 39.33
C SER A 312 -23.93 -2.49 38.79
N PHE A 313 -23.76 -3.81 38.77
CA PHE A 313 -24.82 -4.70 38.31
C PHE A 313 -26.04 -4.52 39.19
N LEU A 314 -25.83 -4.52 40.51
CA LEU A 314 -26.96 -4.39 41.43
C LEU A 314 -27.69 -3.07 41.20
N LEU A 315 -26.95 -1.98 41.07
CA LEU A 315 -27.59 -0.68 40.85
C LEU A 315 -28.35 -0.65 39.54
N CYS A 316 -27.77 -1.22 38.48
CA CYS A 316 -28.45 -1.22 37.18
C CYS A 316 -29.71 -2.07 37.22
N ALA A 317 -29.65 -3.23 37.87
CA ALA A 317 -30.84 -4.06 37.99
C ALA A 317 -31.94 -3.35 38.78
N ARG A 318 -31.56 -2.69 39.87
CA ARG A 318 -32.55 -1.97 40.66
C ARG A 318 -33.20 -0.86 39.85
N SER A 319 -32.39 -0.11 39.09
CA SER A 319 -32.94 0.96 38.27
C SER A 319 -33.84 0.41 37.17
N LEU A 320 -33.46 -0.71 36.55
CA LEU A 320 -34.29 -1.29 35.51
C LEU A 320 -35.64 -1.73 36.07
N LEU A 321 -35.64 -2.34 37.26
CA LEU A 321 -36.90 -2.71 37.88
C LEU A 321 -37.75 -1.50 38.21
N ARG A 322 -37.13 -0.45 38.77
CA ARG A 322 -37.89 0.76 39.07
C ARG A 322 -38.51 1.33 37.81
N GLY A 323 -37.75 1.37 36.71
CA GLY A 323 -38.30 1.87 35.47
C GLY A 323 -39.44 1.02 34.93
N PHE A 324 -39.32 -0.29 35.05
CA PHE A 324 -40.40 -1.17 34.59
C PHE A 324 -41.67 -0.95 35.40
N LEU A 325 -41.53 -0.83 36.72
CA LEU A 325 -42.71 -0.58 37.56
C LEU A 325 -43.33 0.77 37.23
N LEU A 326 -42.50 1.79 37.00
CA LEU A 326 -43.04 3.09 36.61
C LEU A 326 -43.77 2.99 35.28
N GLN A 327 -43.23 2.21 34.34
CA GLN A 327 -43.91 1.99 33.07
C GLN A 327 -45.29 1.38 33.30
N ASN A 328 -45.36 0.35 34.14
CA ASN A 328 -46.66 -0.27 34.40
C ASN A 328 -47.64 0.73 35.01
N GLU A 329 -47.18 1.50 35.99
CA GLU A 329 -48.07 2.46 36.63
C GLU A 329 -48.57 3.51 35.65
N PHE A 330 -47.67 4.06 34.85
CA PHE A 330 -48.04 5.08 33.85
C PHE A 330 -49.03 4.50 32.88
N VAL A 331 -48.76 3.29 32.40
CA VAL A 331 -49.61 2.69 31.39
C VAL A 331 -51.02 2.47 31.92
N VAL A 332 -51.12 1.92 33.13
CA VAL A 332 -52.43 1.73 33.69
C VAL A 332 -53.12 3.07 33.95
N PHE A 333 -52.38 4.10 34.34
CA PHE A 333 -52.97 5.43 34.51
C PHE A 333 -53.55 5.94 33.20
N MET A 334 -52.74 5.93 32.14
CA MET A 334 -53.24 6.35 30.83
C MET A 334 -54.43 5.50 30.39
N TRP A 335 -54.48 4.24 30.81
CA TRP A 335 -55.66 3.43 30.53
C TRP A 335 -56.88 3.96 31.26
N ARG A 336 -56.70 4.46 32.49
CA ARG A 336 -57.82 5.09 33.20
C ARG A 336 -58.25 6.39 32.54
N ARG A 337 -57.32 7.35 32.50
CA ARG A 337 -57.61 8.70 31.92
C ARG A 337 -58.15 8.58 30.50
N ARG A 338 -57.36 8.03 29.57
CA ARG A 338 -57.79 7.91 28.16
C ARG A 338 -58.21 6.45 27.96
N GLY A 339 -58.34 6.01 26.71
CA GLY A 339 -58.71 4.61 26.43
C GLY A 339 -57.78 3.52 26.95
N ARG A 340 -58.20 2.27 26.88
CA ARG A 340 -57.36 1.14 27.35
C ARG A 340 -56.51 0.62 26.19
N GLU A 341 -55.42 -0.10 26.49
CA GLU A 341 -54.52 -0.67 25.45
C GLU A 341 -54.16 0.43 24.45
N ILE A 342 -53.69 1.56 24.96
CA ILE A 342 -53.37 2.73 24.07
C ILE A 342 -51.85 2.77 23.86
N SER A 343 -51.06 2.41 24.88
CA SER A 343 -49.58 2.56 24.77
C SER A 343 -48.93 1.25 24.28
N LEU A 344 -47.98 1.34 23.34
CA LEU A 344 -47.28 0.17 22.82
C LEU A 344 -45.77 0.42 22.72
N TRP A 345 -45.34 1.14 21.69
CA TRP A 345 -43.91 1.45 21.54
C TRP A 345 -43.38 2.22 22.74
N GLU A 346 -44.26 2.98 23.41
CA GLU A 346 -43.82 3.75 24.58
C GLU A 346 -43.46 2.85 25.74
N ARG A 347 -44.30 1.84 25.99
CA ARG A 347 -43.99 0.86 27.06
C ARG A 347 -42.56 0.40 26.82
N LEU A 348 -42.23 0.08 25.57
CA LEU A 348 -40.83 -0.29 25.26
C LEU A 348 -39.93 0.88 25.65
N GLU A 349 -40.15 2.08 25.10
CA GLU A 349 -39.27 3.25 25.36
C GLU A 349 -38.99 3.46 26.86
N PHE A 350 -39.81 2.95 27.77
CA PHE A 350 -39.60 3.23 29.21
C PHE A 350 -38.32 2.55 29.72
N VAL A 351 -37.65 1.78 28.87
CA VAL A 351 -36.43 1.12 29.27
C VAL A 351 -35.19 1.92 28.89
N ASN A 352 -34.14 1.76 29.67
CA ASN A 352 -32.88 2.43 29.40
C ASN A 352 -31.93 1.41 28.77
N GLY A 353 -31.58 1.62 27.50
CA GLY A 353 -30.65 0.72 26.83
C GLY A 353 -29.25 0.79 27.37
N TRP A 354 -28.88 1.90 27.95
CA TRP A 354 -27.57 2.02 28.50
C TRP A 354 -27.42 1.15 29.76
N TYR A 355 -28.50 1.02 30.52
CA TYR A 355 -28.45 0.18 31.75
C TYR A 355 -28.35 -1.29 31.34
N ILE A 356 -28.96 -1.66 30.20
CA ILE A 356 -28.84 -3.03 29.69
C ILE A 356 -27.40 -3.25 29.24
N LEU A 357 -26.84 -2.28 28.53
CA LEU A 357 -25.45 -2.40 28.09
C LEU A 357 -24.50 -2.53 29.27
N LEU A 358 -24.71 -1.72 30.32
CA LEU A 358 -23.85 -1.80 31.50
C LEU A 358 -23.96 -3.14 32.18
N VAL A 359 -25.20 -3.66 32.25
CA VAL A 359 -25.46 -4.98 32.90
C VAL A 359 -24.69 -6.07 32.13
N THR A 360 -24.74 -6.04 30.80
CA THR A 360 -24.09 -7.08 30.01
C THR A 360 -22.58 -6.90 30.01
N SER A 361 -22.11 -5.66 30.12
CA SER A 361 -20.69 -5.41 30.22
C SER A 361 -20.12 -5.94 31.52
N ASP A 362 -20.82 -5.70 32.64
CA ASP A 362 -20.30 -6.18 33.91
C ASP A 362 -20.46 -7.69 34.05
N VAL A 363 -21.45 -8.29 33.39
CA VAL A 363 -21.52 -9.75 33.35
C VAL A 363 -20.30 -10.32 32.63
N LEU A 364 -19.97 -9.73 31.48
CA LEU A 364 -18.78 -10.17 30.76
C LEU A 364 -17.53 -9.95 31.60
N THR A 365 -17.46 -8.82 32.31
CA THR A 365 -16.30 -8.53 33.13
C THR A 365 -16.14 -9.55 34.25
N ILE A 366 -17.24 -9.90 34.92
CA ILE A 366 -17.17 -10.89 35.99
C ILE A 366 -16.74 -12.24 35.43
N SER A 367 -17.30 -12.65 34.30
CA SER A 367 -16.91 -13.93 33.71
C SER A 367 -15.41 -13.92 33.38
N GLY A 368 -14.94 -12.85 32.76
CA GLY A 368 -13.53 -12.76 32.44
C GLY A 368 -12.65 -12.74 33.66
N THR A 369 -13.09 -12.09 34.72
CA THR A 369 -12.28 -12.02 35.93
C THR A 369 -12.19 -13.39 36.57
N VAL A 370 -13.31 -14.11 36.66
CA VAL A 370 -13.29 -15.46 37.22
C VAL A 370 -12.38 -16.35 36.38
N MET A 371 -12.45 -16.22 35.06
CA MET A 371 -11.57 -17.00 34.19
C MET A 371 -10.11 -16.63 34.42
N LYS A 372 -9.81 -15.35 34.61
CA LYS A 372 -8.45 -14.93 34.90
C LYS A 372 -7.96 -15.54 36.20
N ILE A 373 -8.81 -15.55 37.22
CA ILE A 373 -8.46 -16.19 38.49
C ILE A 373 -8.18 -17.66 38.27
N GLY A 374 -9.03 -18.33 37.48
CA GLY A 374 -8.80 -19.74 37.20
C GLY A 374 -7.47 -19.99 36.50
N ILE A 375 -7.14 -19.17 35.51
CA ILE A 375 -5.89 -19.33 34.78
C ILE A 375 -4.70 -19.11 35.72
N GLU A 376 -4.77 -18.09 36.57
CA GLU A 376 -3.67 -17.85 37.50
C GLU A 376 -3.57 -18.96 38.53
N ALA A 377 -4.70 -19.52 38.95
CA ALA A 377 -4.69 -20.69 39.82
C ALA A 377 -4.32 -21.96 39.09
N LYS A 378 -4.12 -21.90 37.77
CA LYS A 378 -3.68 -23.04 36.96
C LYS A 378 -4.77 -24.10 36.83
N ASN A 379 -6.01 -23.75 37.16
CA ASN A 379 -7.14 -24.64 36.91
C ASN A 379 -7.47 -24.74 35.42
N LEU A 380 -7.08 -23.75 34.64
CA LEU A 380 -7.37 -23.76 33.21
C LEU A 380 -6.36 -22.86 32.50
N ALA A 381 -6.13 -23.16 31.22
CA ALA A 381 -5.27 -22.33 30.37
C ALA A 381 -6.02 -22.06 29.07
N SER A 382 -6.91 -21.07 29.11
CA SER A 382 -7.58 -20.58 27.92
C SER A 382 -7.35 -19.07 27.92
N TYR A 383 -6.19 -18.67 27.43
CA TYR A 383 -5.84 -17.26 27.44
C TYR A 383 -6.61 -16.49 26.38
N ASP A 384 -6.94 -17.14 25.26
CA ASP A 384 -7.64 -16.45 24.18
C ASP A 384 -9.07 -16.08 24.59
N VAL A 385 -9.81 -17.02 25.18
CA VAL A 385 -11.17 -16.73 25.61
C VAL A 385 -11.18 -15.66 26.68
N CYS A 386 -10.28 -15.77 27.66
CA CYS A 386 -10.20 -14.76 28.71
C CYS A 386 -9.84 -13.39 28.15
N SER A 387 -8.86 -13.35 27.24
CA SER A 387 -8.46 -12.08 26.66
C SER A 387 -9.62 -11.45 25.90
N ILE A 388 -10.38 -12.28 25.19
CA ILE A 388 -11.51 -11.76 24.43
C ILE A 388 -12.57 -11.21 25.38
N LEU A 389 -12.87 -11.92 26.45
CA LEU A 389 -13.86 -11.45 27.41
C LEU A 389 -13.43 -10.12 28.05
N LEU A 390 -12.17 -10.06 28.49
CA LEU A 390 -11.68 -8.86 29.14
C LEU A 390 -11.61 -7.67 28.18
N GLY A 391 -11.18 -7.89 26.94
CA GLY A 391 -11.11 -6.81 25.98
C GLY A 391 -12.47 -6.28 25.58
N THR A 392 -13.43 -7.19 25.32
CA THR A 392 -14.79 -6.75 25.02
C THR A 392 -15.38 -5.99 26.19
N SER A 393 -15.16 -6.46 27.42
CA SER A 393 -15.68 -5.74 28.57
C SER A 393 -15.03 -4.37 28.71
N THR A 394 -13.73 -4.27 28.46
CA THR A 394 -13.06 -2.97 28.53
C THR A 394 -13.65 -2.00 27.52
N LEU A 395 -13.83 -2.46 26.28
CA LEU A 395 -14.42 -1.60 25.26
C LEU A 395 -15.81 -1.16 25.66
N LEU A 396 -16.64 -2.09 26.15
CA LEU A 396 -17.99 -1.73 26.54
C LEU A 396 -17.99 -0.75 27.71
N VAL A 397 -17.08 -0.93 28.66
CA VAL A 397 -17.01 -0.03 29.81
C VAL A 397 -16.63 1.37 29.36
N TRP A 398 -15.69 1.48 28.43
CA TRP A 398 -15.34 2.79 27.90
C TRP A 398 -16.52 3.42 27.16
N VAL A 399 -17.26 2.62 26.40
CA VAL A 399 -18.41 3.14 25.66
C VAL A 399 -19.50 3.61 26.61
N GLY A 400 -19.70 2.89 27.72
CA GLY A 400 -20.80 3.18 28.61
C GLY A 400 -20.79 4.58 29.18
N VAL A 401 -19.62 5.20 29.29
CA VAL A 401 -19.55 6.55 29.85
C VAL A 401 -20.23 7.58 28.98
N ILE A 402 -20.56 7.25 27.72
CA ILE A 402 -21.29 8.17 26.87
C ILE A 402 -22.72 8.36 27.37
N ARG A 403 -23.22 7.45 28.20
CA ARG A 403 -24.57 7.59 28.76
C ARG A 403 -24.77 8.94 29.42
N TYR A 404 -23.76 9.44 30.09
CA TYR A 404 -23.88 10.70 30.80
C TYR A 404 -23.68 11.91 29.90
N LEU A 405 -23.30 11.70 28.63
CA LEU A 405 -23.27 12.77 27.66
C LEU A 405 -24.53 12.84 26.81
N THR A 406 -25.43 11.87 26.94
CA THR A 406 -26.67 11.88 26.18
C THR A 406 -27.70 12.86 26.74
N PHE A 407 -27.45 13.43 27.90
CA PHE A 407 -28.38 14.41 28.47
C PHE A 407 -28.22 15.77 27.81
N PHE A 408 -26.98 16.14 27.56
CA PHE A 408 -26.68 17.43 26.94
C PHE A 408 -26.62 17.24 25.42
N HIS A 409 -27.53 17.89 24.70
CA HIS A 409 -27.65 17.68 23.27
C HIS A 409 -26.43 18.14 22.49
N LYS A 410 -25.64 19.06 23.04
CA LYS A 410 -24.45 19.52 22.34
C LYS A 410 -23.42 18.41 22.18
N TYR A 411 -23.32 17.52 23.17
CA TYR A 411 -22.38 16.41 23.13
C TYR A 411 -23.02 15.12 22.61
N ASN A 412 -24.30 15.14 22.25
CA ASN A 412 -25.05 13.95 21.91
C ASN A 412 -25.31 13.83 20.41
N ILE A 413 -24.51 14.51 19.59
CA ILE A 413 -24.77 14.52 18.15
C ILE A 413 -24.68 13.10 17.59
N LEU A 414 -23.61 12.38 17.95
CA LEU A 414 -23.39 11.05 17.37
C LEU A 414 -24.55 10.11 17.68
N ILE A 415 -24.92 10.01 18.96
CA ILE A 415 -25.95 9.04 19.35
C ILE A 415 -27.31 9.43 18.79
N ALA A 416 -27.67 10.70 18.86
CA ALA A 416 -28.95 11.13 18.31
C ALA A 416 -29.03 10.86 16.81
N THR A 417 -27.94 11.13 16.10
CA THR A 417 -27.90 10.85 14.66
C THR A 417 -28.11 9.35 14.46
N LEU A 418 -27.32 8.54 15.16
CA LEU A 418 -27.43 7.10 14.99
C LEU A 418 -28.87 6.65 15.19
N ARG A 419 -29.51 7.15 16.24
CA ARG A 419 -30.89 6.77 16.52
C ARG A 419 -31.82 7.16 15.39
N VAL A 420 -31.65 8.36 14.83
CA VAL A 420 -32.54 8.78 13.75
C VAL A 420 -32.26 7.99 12.48
N ALA A 421 -30.98 7.70 12.20
CA ALA A 421 -30.58 7.16 10.90
C ALA A 421 -30.64 5.65 10.80
N LEU A 422 -30.51 4.92 11.90
CA LEU A 422 -30.45 3.45 11.78
C LEU A 422 -31.59 2.76 10.96
N PRO A 423 -32.90 3.17 11.09
CA PRO A 423 -33.91 2.47 10.25
C PRO A 423 -33.66 2.62 8.75
N SER A 424 -33.43 3.85 8.29
CA SER A 424 -33.17 4.06 6.87
C SER A 424 -31.87 3.38 6.46
N VAL A 425 -30.86 3.42 7.32
CA VAL A 425 -29.60 2.76 7.02
C VAL A 425 -29.81 1.27 6.84
N MET A 426 -30.60 0.65 7.71
CA MET A 426 -30.83 -0.79 7.61
C MET A 426 -31.64 -1.14 6.38
N ARG A 427 -32.65 -0.32 6.04
CA ARG A 427 -33.41 -0.58 4.82
C ARG A 427 -32.50 -0.48 3.59
N PHE A 428 -31.61 0.49 3.57
CA PHE A 428 -30.64 0.62 2.49
C PHE A 428 -29.70 -0.59 2.43
N CYS A 429 -29.21 -1.02 3.58
CA CYS A 429 -28.27 -2.13 3.63
C CYS A 429 -28.92 -3.42 3.16
N CYS A 430 -30.22 -3.58 3.40
CA CYS A 430 -30.92 -4.76 2.89
C CYS A 430 -30.73 -4.90 1.39
N CYS A 431 -30.98 -3.82 0.65
CA CYS A 431 -30.81 -3.86 -0.80
C CYS A 431 -29.35 -4.00 -1.19
N VAL A 432 -28.45 -3.28 -0.54
CA VAL A 432 -27.04 -3.31 -0.91
C VAL A 432 -26.38 -4.66 -0.61
N ALA A 433 -26.95 -5.43 0.32
CA ALA A 433 -26.32 -6.67 0.73
C ALA A 433 -26.48 -7.78 -0.30
N VAL A 434 -27.61 -7.82 -1.02
CA VAL A 434 -27.77 -8.86 -2.03
C VAL A 434 -26.79 -8.64 -3.18
N ILE A 435 -26.61 -7.39 -3.60
CA ILE A 435 -25.62 -7.09 -4.62
C ILE A 435 -24.22 -7.46 -4.13
N TYR A 436 -23.91 -7.10 -2.89
CA TYR A 436 -22.59 -7.41 -2.33
C TYR A 436 -22.35 -8.92 -2.29
N LEU A 437 -23.36 -9.68 -1.85
CA LEU A 437 -23.22 -11.14 -1.77
C LEU A 437 -23.08 -11.77 -3.14
N GLY A 438 -23.84 -11.28 -4.12
CA GLY A 438 -23.68 -11.77 -5.48
C GLY A 438 -22.27 -11.56 -5.99
N TYR A 439 -21.74 -10.35 -5.79
CA TYR A 439 -20.37 -10.07 -6.18
C TYR A 439 -19.39 -10.98 -5.44
N CYS A 440 -19.63 -11.19 -4.14
CA CYS A 440 -18.73 -12.02 -3.35
C CYS A 440 -18.65 -13.43 -3.89
N PHE A 441 -19.80 -14.05 -4.14
CA PHE A 441 -19.80 -15.42 -4.66
C PHE A 441 -19.17 -15.49 -6.05
N CYS A 442 -19.55 -14.55 -6.91
CA CYS A 442 -18.99 -14.52 -8.26
C CYS A 442 -17.47 -14.44 -8.19
N GLY A 443 -16.94 -13.46 -7.47
CA GLY A 443 -15.50 -13.30 -7.37
C GLY A 443 -14.83 -14.52 -6.75
N TRP A 444 -15.42 -15.07 -5.69
CA TRP A 444 -14.83 -16.21 -5.02
C TRP A 444 -14.66 -17.39 -5.96
N ILE A 445 -15.66 -17.70 -6.76
CA ILE A 445 -15.52 -18.89 -7.59
C ILE A 445 -14.78 -18.62 -8.90
N VAL A 446 -15.05 -17.48 -9.53
CA VAL A 446 -14.42 -17.23 -10.83
C VAL A 446 -12.96 -16.84 -10.66
N LEU A 447 -12.68 -15.91 -9.74
CA LEU A 447 -11.34 -15.33 -9.62
C LEU A 447 -10.49 -15.99 -8.53
N GLY A 448 -11.10 -16.73 -7.60
CA GLY A 448 -10.36 -17.34 -6.52
C GLY A 448 -9.21 -18.22 -6.95
N PRO A 449 -9.39 -19.07 -7.96
CA PRO A 449 -8.25 -19.88 -8.44
C PRO A 449 -7.09 -19.04 -8.97
N TYR A 450 -7.35 -17.85 -9.52
CA TYR A 450 -6.31 -17.05 -10.14
C TYR A 450 -5.82 -15.90 -9.28
N HIS A 451 -6.66 -15.35 -8.42
CA HIS A 451 -6.35 -14.15 -7.67
C HIS A 451 -6.07 -14.50 -6.21
N VAL A 452 -4.92 -14.07 -5.71
CA VAL A 452 -4.48 -14.41 -4.31
C VAL A 452 -5.36 -13.73 -3.26
N LYS A 453 -6.08 -12.65 -3.61
CA LYS A 453 -6.97 -12.00 -2.66
C LYS A 453 -8.39 -12.56 -2.70
N PHE A 454 -8.67 -13.52 -3.57
CA PHE A 454 -10.00 -14.12 -3.68
C PHE A 454 -9.99 -15.60 -3.32
N ARG A 455 -9.03 -16.05 -2.52
CA ARG A 455 -8.86 -17.48 -2.28
C ARG A 455 -10.05 -18.07 -1.54
N SER A 456 -10.55 -17.38 -0.52
CA SER A 456 -11.63 -17.88 0.32
C SER A 456 -12.73 -16.84 0.42
N LEU A 457 -13.88 -17.26 0.96
CA LEU A 457 -15.03 -16.36 1.05
C LEU A 457 -14.74 -15.19 1.97
N SER A 458 -14.15 -15.44 3.13
CA SER A 458 -13.82 -14.35 4.04
C SER A 458 -12.79 -13.41 3.42
N MET A 459 -11.82 -13.98 2.70
CA MET A 459 -10.83 -13.15 2.01
C MET A 459 -11.49 -12.31 0.92
N VAL A 460 -12.43 -12.90 0.18
CA VAL A 460 -13.13 -12.13 -0.85
C VAL A 460 -13.90 -10.98 -0.22
N SER A 461 -14.58 -11.25 0.90
CA SER A 461 -15.31 -10.18 1.58
C SER A 461 -14.37 -9.08 2.04
N GLU A 462 -13.23 -9.43 2.62
CA GLU A 462 -12.28 -8.41 3.03
C GLU A 462 -11.78 -7.60 1.84
N CYS A 463 -11.48 -8.28 0.73
CA CYS A 463 -11.05 -7.58 -0.48
C CYS A 463 -12.11 -6.58 -0.95
N LEU A 464 -13.35 -7.04 -1.07
CA LEU A 464 -14.40 -6.16 -1.60
C LEU A 464 -14.69 -5.00 -0.63
N PHE A 465 -14.69 -5.28 0.67
CA PHE A 465 -14.93 -4.23 1.65
C PHE A 465 -13.84 -3.18 1.63
N SER A 466 -12.58 -3.62 1.51
CA SER A 466 -11.49 -2.66 1.40
C SER A 466 -11.54 -1.90 0.08
N LEU A 467 -12.00 -2.55 -1.00
CA LEU A 467 -12.16 -1.85 -2.27
C LEU A 467 -13.23 -0.77 -2.16
N ILE A 468 -14.30 -1.03 -1.42
CA ILE A 468 -15.34 -0.03 -1.24
C ILE A 468 -14.75 1.23 -0.64
N ASN A 469 -13.81 1.07 0.29
CA ASN A 469 -13.14 2.20 0.93
C ASN A 469 -11.89 2.63 0.18
N GLY A 470 -11.74 2.22 -1.08
CA GLY A 470 -10.66 2.67 -1.93
C GLY A 470 -9.29 2.14 -1.60
N ASP A 471 -9.20 0.98 -0.96
CA ASP A 471 -7.94 0.46 -0.46
C ASP A 471 -7.44 -0.68 -1.34
N ASP A 472 -6.13 -0.68 -1.61
CA ASP A 472 -5.44 -1.74 -2.35
C ASP A 472 -6.05 -1.96 -3.73
N MET A 473 -6.50 -0.88 -4.37
CA MET A 473 -7.11 -0.98 -5.70
C MET A 473 -6.12 -1.45 -6.74
N PHE A 474 -5.02 -0.71 -6.92
CA PHE A 474 -4.11 -1.01 -8.00
C PHE A 474 -3.45 -2.37 -7.81
N VAL A 475 -3.19 -2.77 -6.56
CA VAL A 475 -2.63 -4.09 -6.32
C VAL A 475 -3.62 -5.17 -6.76
N THR A 476 -4.91 -4.92 -6.55
CA THR A 476 -5.94 -5.86 -7.00
C THR A 476 -5.93 -6.00 -8.50
N PHE A 477 -5.86 -4.88 -9.23
CA PHE A 477 -5.77 -4.96 -10.69
C PHE A 477 -4.48 -5.64 -11.14
N ALA A 478 -3.36 -5.33 -10.48
CA ALA A 478 -2.07 -5.82 -10.91
C ALA A 478 -1.93 -7.32 -10.68
N ALA A 479 -2.59 -7.86 -9.66
CA ALA A 479 -2.55 -9.29 -9.47
C ALA A 479 -3.04 -10.03 -10.72
N MET A 480 -4.12 -9.54 -11.32
CA MET A 480 -4.63 -10.13 -12.54
C MET A 480 -3.79 -9.74 -13.75
N GLN A 481 -3.19 -8.55 -13.73
CA GLN A 481 -2.31 -8.14 -14.82
C GLN A 481 -1.12 -9.09 -14.95
N ALA A 482 -0.51 -9.44 -13.82
CA ALA A 482 0.77 -10.14 -13.87
C ALA A 482 0.64 -11.49 -14.56
N GLN A 483 -0.43 -12.23 -14.24
CA GLN A 483 -0.59 -13.60 -14.81
C GLN A 483 -1.57 -13.59 -15.99
N GLN A 484 -2.36 -12.52 -16.14
CA GLN A 484 -3.38 -12.38 -17.23
C GLN A 484 -4.43 -13.48 -17.07
N GLY A 485 -4.48 -14.13 -15.90
CA GLY A 485 -5.44 -15.23 -15.67
C GLY A 485 -5.18 -16.39 -16.61
N HIS A 486 -4.00 -16.45 -17.23
CA HIS A 486 -3.64 -17.52 -18.19
C HIS A 486 -4.77 -17.73 -19.20
N SER A 487 -5.60 -16.70 -19.43
CA SER A 487 -6.74 -16.80 -20.34
C SER A 487 -7.25 -15.38 -20.48
N SER A 488 -7.21 -14.82 -21.68
CA SER A 488 -7.67 -13.46 -21.87
C SER A 488 -9.12 -13.31 -21.44
N LEU A 489 -9.91 -14.38 -21.52
CA LEU A 489 -11.31 -14.30 -21.11
C LEU A 489 -11.42 -14.02 -19.62
N VAL A 490 -10.64 -14.71 -18.80
CA VAL A 490 -10.66 -14.47 -17.36
C VAL A 490 -10.18 -13.04 -17.05
N TRP A 491 -9.13 -12.60 -17.73
CA TRP A 491 -8.63 -11.24 -17.49
C TRP A 491 -9.69 -10.20 -17.84
N LEU A 492 -10.37 -10.36 -18.98
CA LEU A 492 -11.41 -9.42 -19.37
C LEU A 492 -12.56 -9.44 -18.38
N PHE A 493 -12.95 -10.63 -17.93
CA PHE A 493 -14.01 -10.72 -16.93
C PHE A 493 -13.61 -10.00 -15.65
N SER A 494 -12.36 -10.19 -15.21
CA SER A 494 -11.90 -9.51 -14.01
C SER A 494 -11.91 -7.99 -14.19
N GLN A 495 -11.53 -7.51 -15.38
CA GLN A 495 -11.62 -6.08 -15.65
C GLN A 495 -13.04 -5.58 -15.45
N LEU A 496 -14.00 -6.22 -16.11
CA LEU A 496 -15.40 -5.79 -15.99
C LEU A 496 -15.87 -5.88 -14.53
N TYR A 497 -15.53 -6.98 -13.87
CA TYR A 497 -15.95 -7.21 -12.49
C TYR A 497 -15.44 -6.10 -11.57
N LEU A 498 -14.13 -5.82 -11.63
CA LEU A 498 -13.54 -4.85 -10.72
C LEU A 498 -14.03 -3.45 -11.03
N TYR A 499 -14.03 -3.06 -12.31
CA TYR A 499 -14.48 -1.72 -12.66
C TYR A 499 -15.92 -1.50 -12.23
N SER A 500 -16.80 -2.46 -12.53
CA SER A 500 -18.21 -2.29 -12.19
C SER A 500 -18.41 -2.26 -10.68
N PHE A 501 -17.78 -3.18 -9.94
CA PHE A 501 -17.96 -3.17 -8.49
C PHE A 501 -17.46 -1.86 -7.89
N ILE A 502 -16.24 -1.45 -8.25
CA ILE A 502 -15.67 -0.25 -7.66
C ILE A 502 -16.53 0.95 -7.97
N SER A 503 -16.91 1.13 -9.24
CA SER A 503 -17.68 2.30 -9.61
C SER A 503 -19.00 2.32 -8.87
N LEU A 504 -19.76 1.21 -8.95
CA LEU A 504 -21.06 1.17 -8.29
C LEU A 504 -20.93 1.47 -6.80
N PHE A 505 -20.07 0.76 -6.09
CA PHE A 505 -20.10 0.86 -4.64
C PHE A 505 -19.45 2.14 -4.14
N ILE A 506 -18.38 2.61 -4.77
CA ILE A 506 -17.79 3.85 -4.29
C ILE A 506 -18.67 5.05 -4.64
N TYR A 507 -19.19 5.12 -5.87
CA TYR A 507 -19.84 6.36 -6.29
C TYR A 507 -21.34 6.39 -6.02
N MET A 508 -22.02 5.26 -6.06
CA MET A 508 -23.45 5.30 -5.76
C MET A 508 -23.76 4.82 -4.36
N VAL A 509 -23.37 3.61 -4.01
CA VAL A 509 -23.75 3.05 -2.72
C VAL A 509 -23.22 3.91 -1.57
N LEU A 510 -21.93 4.24 -1.60
CA LEU A 510 -21.34 5.00 -0.50
C LEU A 510 -21.87 6.42 -0.46
N SER A 511 -22.06 7.03 -1.63
CA SER A 511 -22.65 8.37 -1.68
C SER A 511 -24.02 8.38 -1.05
N LEU A 512 -24.85 7.39 -1.37
CA LEU A 512 -26.20 7.34 -0.82
C LEU A 512 -26.19 7.05 0.66
N PHE A 513 -25.30 6.17 1.10
CA PHE A 513 -25.17 5.87 2.52
C PHE A 513 -24.83 7.13 3.32
N ILE A 514 -23.84 7.85 2.84
CA ILE A 514 -23.41 9.06 3.53
C ILE A 514 -24.57 10.06 3.51
N ALA A 515 -25.24 10.19 2.36
CA ALA A 515 -26.35 11.14 2.28
C ALA A 515 -27.44 10.82 3.30
N LEU A 516 -27.73 9.53 3.50
CA LEU A 516 -28.70 9.15 4.51
C LEU A 516 -28.23 9.55 5.91
N ILE A 517 -26.97 9.31 6.22
CA ILE A 517 -26.47 9.62 7.56
C ILE A 517 -26.51 11.12 7.82
N THR A 518 -26.02 11.91 6.86
CA THR A 518 -26.01 13.36 7.04
C THR A 518 -27.43 13.94 7.00
N GLY A 519 -28.35 13.30 6.30
CA GLY A 519 -29.74 13.72 6.38
C GLY A 519 -30.33 13.51 7.75
N ALA A 520 -29.97 12.42 8.39
CA ALA A 520 -30.43 12.18 9.75
C ALA A 520 -29.85 13.22 10.67
N TYR A 521 -28.57 13.54 10.50
CA TYR A 521 -27.96 14.59 11.30
C TYR A 521 -28.68 15.92 11.09
N ASP A 522 -28.97 16.27 9.84
CA ASP A 522 -29.70 17.50 9.56
C ASP A 522 -31.04 17.50 10.25
N THR A 523 -31.67 16.33 10.37
CA THR A 523 -32.95 16.24 11.07
C THR A 523 -32.78 16.51 12.56
N ILE A 524 -31.70 16.05 13.19
CA ILE A 524 -31.59 16.30 14.63
C ILE A 524 -30.90 17.61 14.95
N LYS A 525 -30.14 18.16 14.00
CA LYS A 525 -29.54 19.45 14.27
C LYS A 525 -30.62 20.51 14.24
N HIS A 526 -30.71 21.28 15.32
CA HIS A 526 -31.73 22.33 15.41
C HIS A 526 -31.77 23.31 14.24
N PRO A 527 -30.60 23.80 13.76
CA PRO A 527 -30.70 24.66 12.58
C PRO A 527 -31.43 23.97 11.42
N ASP B 40 -64.91 0.04 -20.39
CA ASP B 40 -63.49 0.22 -20.66
C ASP B 40 -62.78 0.91 -19.49
N LEU B 41 -63.06 0.45 -18.27
CA LEU B 41 -62.41 1.03 -17.08
C LEU B 41 -60.96 0.58 -17.01
N ARG B 42 -60.65 -0.62 -17.51
CA ARG B 42 -59.28 -1.11 -17.57
C ARG B 42 -58.65 -1.16 -16.18
N ARG B 43 -59.36 -1.78 -15.23
CA ARG B 43 -58.73 -2.12 -13.97
C ARG B 43 -57.62 -3.14 -14.16
N ARG B 44 -57.62 -3.86 -15.28
CA ARG B 44 -56.51 -4.75 -15.60
C ARG B 44 -55.20 -3.98 -15.66
N LEU B 45 -55.21 -2.80 -16.27
CA LEU B 45 -54.00 -1.97 -16.29
C LEU B 45 -53.61 -1.56 -14.87
N LYS B 46 -54.56 -1.54 -13.95
CA LYS B 46 -54.24 -1.32 -12.55
C LYS B 46 -53.63 -2.58 -11.93
N TYR B 47 -54.18 -3.75 -12.25
CA TYR B 47 -53.66 -5.00 -11.69
C TYR B 47 -52.32 -5.39 -12.28
N PHE B 48 -51.93 -4.78 -13.40
CA PHE B 48 -50.64 -5.11 -14.01
C PHE B 48 -49.49 -4.52 -13.21
N PHE B 49 -49.61 -3.27 -12.79
CA PHE B 49 -48.57 -2.58 -12.04
C PHE B 49 -48.78 -2.73 -10.53
N MET B 50 -48.95 -3.95 -10.07
CA MET B 50 -49.29 -4.23 -8.69
C MET B 50 -48.22 -5.09 -8.03
N SER B 51 -47.92 -4.78 -6.78
CA SER B 51 -46.97 -5.58 -6.02
C SER B 51 -47.55 -6.99 -5.82
N PRO B 52 -46.68 -8.01 -5.72
CA PRO B 52 -47.18 -9.38 -5.57
C PRO B 52 -48.12 -9.53 -4.38
N CYS B 53 -47.85 -8.85 -3.28
CA CYS B 53 -48.79 -8.85 -2.16
C CYS B 53 -50.12 -8.24 -2.56
N ASP B 54 -50.09 -7.12 -3.27
CA ASP B 54 -51.33 -6.54 -3.75
C ASP B 54 -51.94 -7.42 -4.84
N LYS B 55 -51.11 -8.03 -5.69
CA LYS B 55 -51.65 -8.91 -6.73
C LYS B 55 -52.35 -10.10 -6.12
N PHE B 56 -52.00 -10.47 -4.88
CA PHE B 56 -52.63 -11.61 -4.24
C PHE B 56 -53.82 -11.21 -3.37
N ARG B 57 -53.73 -10.09 -2.67
CA ARG B 57 -54.88 -9.61 -1.91
C ARG B 57 -56.04 -9.26 -2.84
N ALA B 58 -55.70 -8.81 -4.04
CA ALA B 58 -56.73 -8.51 -5.04
C ALA B 58 -57.25 -9.74 -5.81
N LYS B 59 -56.38 -10.60 -6.32
CA LYS B 59 -56.89 -11.66 -7.19
C LYS B 59 -56.59 -13.07 -6.78
N GLY B 60 -56.30 -13.30 -5.51
CA GLY B 60 -55.91 -14.66 -5.17
C GLY B 60 -54.81 -15.24 -6.04
N ARG B 61 -53.71 -14.50 -6.20
CA ARG B 61 -52.61 -14.96 -7.10
C ARG B 61 -51.39 -15.36 -6.27
N LYS B 62 -51.03 -16.64 -6.25
CA LYS B 62 -49.79 -17.06 -5.54
C LYS B 62 -48.57 -16.43 -6.23
N PRO B 63 -47.65 -15.78 -5.48
CA PRO B 63 -46.43 -15.19 -6.07
C PRO B 63 -45.43 -16.27 -6.52
N CYS B 64 -45.72 -16.95 -7.63
CA CYS B 64 -44.86 -18.03 -8.12
C CYS B 64 -43.46 -17.52 -8.45
N LYS B 65 -43.38 -16.37 -9.14
CA LYS B 65 -42.07 -15.84 -9.52
C LYS B 65 -41.24 -15.48 -8.29
N LEU B 66 -41.87 -14.89 -7.28
CA LEU B 66 -41.13 -14.52 -6.08
C LEU B 66 -40.56 -15.75 -5.40
N MET B 67 -41.34 -16.84 -5.32
CA MET B 67 -40.85 -18.06 -4.70
C MET B 67 -39.75 -18.70 -5.55
N LEU B 68 -39.89 -18.64 -6.88
CA LEU B 68 -38.86 -19.20 -7.74
C LEU B 68 -37.52 -18.50 -7.54
N GLN B 69 -37.55 -17.17 -7.37
CA GLN B 69 -36.30 -16.42 -7.25
C GLN B 69 -35.46 -16.91 -6.07
N VAL B 70 -36.10 -17.13 -4.92
CA VAL B 70 -35.37 -17.60 -3.74
C VAL B 70 -34.79 -18.98 -4.00
N VAL B 71 -35.62 -19.90 -4.48
CA VAL B 71 -35.15 -21.25 -4.78
C VAL B 71 -34.10 -21.20 -5.88
N LYS B 72 -34.33 -20.37 -6.91
CA LYS B 72 -33.35 -20.23 -7.98
C LYS B 72 -32.04 -19.68 -7.44
N ILE B 73 -32.10 -18.71 -6.53
CA ILE B 73 -30.88 -18.16 -5.91
C ILE B 73 -30.13 -19.28 -5.25
N LEU B 74 -30.82 -20.05 -4.42
CA LEU B 74 -30.17 -21.11 -3.66
C LEU B 74 -29.52 -22.12 -4.58
N VAL B 75 -30.27 -22.63 -5.56
CA VAL B 75 -29.76 -23.72 -6.40
C VAL B 75 -28.63 -23.22 -7.29
N VAL B 76 -28.74 -22.00 -7.81
CA VAL B 76 -27.69 -21.48 -8.68
C VAL B 76 -26.40 -21.26 -7.89
N THR B 77 -26.49 -20.71 -6.68
CA THR B 77 -25.30 -20.53 -5.87
C THR B 77 -24.66 -21.87 -5.51
N VAL B 78 -25.48 -22.85 -5.13
CA VAL B 78 -24.94 -24.16 -4.80
C VAL B 78 -24.24 -24.77 -6.01
N GLN B 79 -24.86 -24.66 -7.19
CA GLN B 79 -24.24 -25.19 -8.39
C GLN B 79 -22.91 -24.49 -8.68
N LEU B 80 -22.86 -23.19 -8.47
CA LEU B 80 -21.64 -22.43 -8.70
C LEU B 80 -20.52 -22.96 -7.81
N ILE B 81 -20.81 -23.15 -6.53
CA ILE B 81 -19.81 -23.65 -5.60
C ILE B 81 -19.35 -25.05 -5.99
N LEU B 82 -20.31 -25.92 -6.33
CA LEU B 82 -19.97 -27.28 -6.70
C LEU B 82 -19.06 -27.31 -7.92
N PHE B 83 -19.36 -26.50 -8.93
CA PHE B 83 -18.48 -26.40 -10.08
C PHE B 83 -17.11 -25.88 -9.66
N GLY B 84 -17.10 -24.89 -8.76
CA GLY B 84 -15.85 -24.28 -8.36
C GLY B 84 -14.88 -25.27 -7.75
N LEU B 85 -15.41 -26.28 -7.06
CA LEU B 85 -14.52 -27.32 -6.53
C LEU B 85 -13.59 -27.87 -7.62
N SER B 86 -14.18 -28.46 -8.67
CA SER B 86 -13.39 -29.05 -9.75
C SER B 86 -12.62 -28.00 -10.54
N ASN B 87 -13.20 -26.81 -10.73
CA ASN B 87 -12.49 -25.75 -11.44
C ASN B 87 -11.20 -25.40 -10.72
N GLN B 88 -11.26 -25.25 -9.40
CA GLN B 88 -10.05 -24.97 -8.62
C GLN B 88 -9.06 -26.11 -8.72
N LEU B 89 -9.53 -27.35 -8.68
CA LEU B 89 -8.62 -28.47 -8.83
C LEU B 89 -7.83 -28.37 -10.15
N VAL B 90 -8.54 -28.06 -11.24
CA VAL B 90 -7.89 -27.98 -12.55
C VAL B 90 -6.86 -26.86 -12.58
N VAL B 91 -7.25 -25.68 -12.11
CA VAL B 91 -6.35 -24.53 -12.18
C VAL B 91 -5.10 -24.77 -11.33
N THR B 92 -5.30 -25.31 -10.14
CA THR B 92 -4.15 -25.61 -9.28
C THR B 92 -3.24 -26.58 -10.01
N PHE B 93 -3.79 -27.67 -10.54
CA PHE B 93 -2.93 -28.65 -11.21
C PHE B 93 -2.05 -27.96 -12.24
N ARG B 94 -2.65 -27.12 -13.08
CA ARG B 94 -1.86 -26.46 -14.12
C ARG B 94 -0.77 -25.58 -13.53
N GLU B 95 -1.12 -24.74 -12.56
CA GLU B 95 -0.17 -23.81 -11.98
C GLU B 95 0.97 -24.54 -11.26
N GLU B 96 0.63 -25.55 -10.46
CA GLU B 96 1.65 -26.28 -9.71
C GLU B 96 2.60 -27.00 -10.65
N ASN B 97 2.08 -27.59 -11.73
CA ASN B 97 2.97 -28.22 -12.69
C ASN B 97 3.91 -27.21 -13.33
N THR B 98 3.40 -26.01 -13.65
CA THR B 98 4.26 -25.00 -14.24
C THR B 98 5.40 -24.62 -13.30
N ILE B 99 5.08 -24.42 -12.02
CA ILE B 99 6.12 -24.08 -11.05
C ILE B 99 7.15 -25.21 -10.95
N ALA B 100 6.66 -26.46 -10.94
CA ALA B 100 7.57 -27.60 -10.88
C ALA B 100 8.50 -27.62 -12.08
N PHE B 101 7.96 -27.32 -13.28
CA PHE B 101 8.80 -27.28 -14.47
C PHE B 101 9.86 -26.20 -14.36
N ARG B 102 9.49 -25.03 -13.83
CA ARG B 102 10.46 -23.96 -13.68
C ARG B 102 11.59 -24.36 -12.73
N HIS B 103 11.26 -25.10 -11.66
CA HIS B 103 12.32 -25.55 -10.77
C HIS B 103 13.12 -26.69 -11.36
N LEU B 104 12.53 -27.50 -12.24
CA LEU B 104 13.25 -28.64 -12.80
C LEU B 104 14.16 -28.25 -13.94
N PHE B 105 13.79 -27.26 -14.75
CA PHE B 105 14.48 -27.01 -16.00
C PHE B 105 15.26 -25.71 -16.05
N LEU B 106 15.00 -24.75 -15.16
CA LEU B 106 15.66 -23.45 -15.19
C LEU B 106 16.79 -23.46 -14.17
N LEU B 107 18.02 -23.38 -14.67
CA LEU B 107 19.20 -23.49 -13.81
C LEU B 107 19.24 -22.35 -12.81
N GLY B 108 19.36 -22.70 -11.53
CA GLY B 108 19.42 -21.70 -10.48
C GLY B 108 18.15 -20.94 -10.25
N TYR B 109 17.02 -21.43 -10.76
CA TYR B 109 15.76 -20.73 -10.57
C TYR B 109 15.39 -20.66 -9.09
N SER B 110 14.82 -19.54 -8.69
CA SER B 110 14.31 -19.37 -7.34
C SER B 110 12.98 -18.63 -7.41
N ASP B 111 12.08 -18.97 -6.50
CA ASP B 111 10.74 -18.42 -6.54
C ASP B 111 10.76 -16.90 -6.41
N GLY B 112 9.94 -16.25 -7.22
CA GLY B 112 9.78 -14.81 -7.19
C GLY B 112 10.63 -14.04 -8.18
N SER B 113 11.68 -14.65 -8.71
CA SER B 113 12.57 -13.96 -9.64
C SER B 113 12.19 -14.20 -11.10
N ASP B 114 10.90 -14.23 -11.40
CA ASP B 114 10.45 -14.55 -12.75
C ASP B 114 10.73 -13.45 -13.75
N ASP B 115 10.70 -12.20 -13.31
CA ASP B 115 10.89 -11.06 -14.21
C ASP B 115 12.34 -10.62 -14.35
N THR B 116 13.21 -11.03 -13.43
CA THR B 116 14.62 -10.67 -13.50
C THR B 116 15.52 -11.85 -13.85
N PHE B 117 14.95 -13.04 -14.04
CA PHE B 117 15.74 -14.21 -14.37
C PHE B 117 16.34 -14.06 -15.76
N ALA B 118 17.67 -14.07 -15.85
CA ALA B 118 18.33 -13.79 -17.11
C ALA B 118 19.78 -14.23 -17.05
N ALA B 119 20.38 -14.36 -18.23
CA ALA B 119 21.79 -14.67 -18.37
C ALA B 119 22.55 -13.44 -18.83
N TYR B 120 23.78 -13.28 -18.36
CA TYR B 120 24.61 -12.14 -18.72
C TYR B 120 25.96 -12.54 -19.29
N THR B 121 26.22 -13.83 -19.45
CA THR B 121 27.51 -14.31 -19.91
C THR B 121 27.28 -15.48 -20.85
N GLN B 122 28.22 -15.67 -21.78
CA GLN B 122 28.11 -16.78 -22.72
C GLN B 122 28.11 -18.12 -21.98
N GLU B 123 28.98 -18.25 -21.00
CA GLU B 123 29.02 -19.47 -20.21
C GLU B 123 27.69 -19.70 -19.50
N GLN B 124 27.11 -18.66 -18.91
CA GLN B 124 25.83 -18.80 -18.23
C GLN B 124 24.75 -19.30 -19.18
N LEU B 125 24.69 -18.75 -20.39
CA LEU B 125 23.67 -19.17 -21.35
C LEU B 125 23.87 -20.63 -21.75
N TYR B 126 25.12 -21.02 -22.03
CA TYR B 126 25.38 -22.40 -22.38
C TYR B 126 25.00 -23.34 -21.23
N GLN B 127 25.35 -22.96 -20.00
CA GLN B 127 25.04 -23.80 -18.86
C GLN B 127 23.53 -23.93 -18.66
N ALA B 128 22.79 -22.84 -18.84
CA ALA B 128 21.34 -22.92 -18.70
C ALA B 128 20.73 -23.83 -19.75
N ILE B 129 21.14 -23.69 -21.01
CA ILE B 129 20.59 -24.51 -22.08
C ILE B 129 20.89 -25.98 -21.81
N PHE B 130 22.14 -26.30 -21.50
CA PHE B 130 22.51 -27.69 -21.28
C PHE B 130 21.85 -28.26 -20.04
N TYR B 131 21.65 -27.44 -19.01
CA TYR B 131 20.93 -27.90 -17.82
C TYR B 131 19.50 -28.27 -18.17
N ALA B 132 18.82 -27.43 -18.95
CA ALA B 132 17.46 -27.77 -19.35
C ALA B 132 17.43 -29.10 -20.08
N VAL B 133 18.33 -29.29 -21.05
CA VAL B 133 18.30 -30.53 -21.82
C VAL B 133 18.63 -31.74 -20.95
N ASP B 134 19.64 -31.61 -20.10
CA ASP B 134 20.05 -32.72 -19.23
C ASP B 134 18.92 -33.12 -18.30
N GLN B 135 18.26 -32.14 -17.68
CA GLN B 135 17.15 -32.43 -16.79
C GLN B 135 16.01 -33.09 -17.54
N TYR B 136 15.73 -32.65 -18.77
CA TYR B 136 14.74 -33.35 -19.58
C TYR B 136 15.14 -34.80 -19.78
N LEU B 137 16.42 -35.05 -20.03
CA LEU B 137 16.86 -36.40 -20.37
C LEU B 137 16.80 -37.34 -19.18
N ILE B 138 16.90 -36.82 -17.96
CA ILE B 138 16.85 -37.70 -16.78
C ILE B 138 15.56 -37.53 -15.98
N LEU B 139 14.59 -36.77 -16.49
CA LEU B 139 13.33 -36.53 -15.78
C LEU B 139 12.76 -37.72 -15.01
N PRO B 140 12.57 -38.91 -15.60
CA PRO B 140 11.91 -39.99 -14.85
C PRO B 140 12.60 -40.36 -13.55
N GLU B 141 13.92 -40.23 -13.48
CA GLU B 141 14.65 -40.62 -12.28
C GLU B 141 14.61 -39.58 -11.18
N ILE B 142 14.23 -38.34 -11.46
CA ILE B 142 14.31 -37.25 -10.49
C ILE B 142 12.94 -36.67 -10.15
N SER B 143 12.05 -36.57 -11.12
CA SER B 143 10.82 -35.81 -10.92
C SER B 143 9.94 -36.47 -9.87
N LEU B 144 9.32 -35.64 -9.03
CA LEU B 144 8.34 -36.13 -8.07
C LEU B 144 7.03 -36.48 -8.74
N GLY B 145 6.64 -35.72 -9.76
CA GLY B 145 5.49 -36.09 -10.56
C GLY B 145 5.82 -37.21 -11.52
N ARG B 146 4.77 -37.90 -11.96
CA ARG B 146 4.90 -39.01 -12.90
C ARG B 146 4.62 -38.46 -14.29
N TYR B 147 5.67 -38.17 -15.03
CA TYR B 147 5.57 -37.57 -16.36
C TYR B 147 5.92 -38.60 -17.41
N ALA B 148 5.24 -38.54 -18.55
CA ALA B 148 5.56 -39.35 -19.71
C ALA B 148 6.06 -38.45 -20.83
N TYR B 149 7.07 -38.94 -21.56
CA TYR B 149 7.51 -38.23 -22.74
C TYR B 149 6.44 -38.31 -23.83
N VAL B 150 6.56 -37.43 -24.81
CA VAL B 150 5.66 -37.39 -25.95
C VAL B 150 6.53 -37.47 -27.20
N ARG B 151 6.62 -38.65 -27.80
CA ARG B 151 7.44 -38.83 -28.99
C ARG B 151 6.82 -38.08 -30.16
N GLY B 152 7.62 -37.23 -30.79
CA GLY B 152 7.11 -36.34 -31.82
C GLY B 152 6.49 -35.06 -31.31
N GLY B 153 6.59 -34.79 -30.01
CA GLY B 153 6.04 -33.58 -29.43
C GLY B 153 6.94 -32.37 -29.49
N GLY B 154 8.11 -32.48 -30.12
CA GLY B 154 9.06 -31.38 -30.15
C GLY B 154 8.58 -30.17 -30.92
N GLY B 155 7.48 -30.28 -31.66
CA GLY B 155 6.94 -29.16 -32.38
C GLY B 155 7.28 -29.19 -33.86
N PRO B 156 6.98 -28.09 -34.56
CA PRO B 156 7.20 -28.08 -36.01
C PRO B 156 8.66 -28.25 -36.41
N TRP B 157 9.57 -27.80 -35.57
CA TRP B 157 10.97 -27.87 -35.91
C TRP B 157 11.50 -29.22 -35.52
N ALA B 158 10.77 -29.96 -34.69
CA ALA B 158 11.21 -31.30 -34.39
C ALA B 158 10.63 -32.24 -35.41
N ASN B 159 11.49 -32.79 -36.24
CA ASN B 159 11.04 -33.70 -37.28
C ASN B 159 10.81 -35.08 -36.66
N GLY B 160 9.73 -35.17 -35.89
CA GLY B 160 9.41 -36.38 -35.17
C GLY B 160 10.13 -36.57 -33.85
N SER B 161 10.94 -35.59 -33.47
CA SER B 161 11.73 -35.70 -32.22
C SER B 161 10.88 -35.25 -31.03
N ALA B 162 11.25 -35.68 -29.82
CA ALA B 162 10.54 -35.27 -28.61
C ALA B 162 10.92 -33.86 -28.17
N LEU B 163 12.22 -33.55 -28.28
CA LEU B 163 12.71 -32.24 -27.90
C LEU B 163 13.38 -31.53 -29.06
N ALA B 164 13.04 -30.27 -29.26
CA ALA B 164 13.67 -29.44 -30.28
C ALA B 164 14.39 -28.30 -29.60
N LEU B 165 15.65 -28.07 -29.98
CA LEU B 165 16.47 -27.00 -29.42
C LEU B 165 16.87 -26.08 -30.57
N CYS B 166 16.09 -25.04 -30.81
CA CYS B 166 16.27 -24.18 -31.97
C CYS B 166 16.95 -22.87 -31.58
N GLN B 167 17.91 -22.45 -32.41
CA GLN B 167 18.50 -21.12 -32.31
C GLN B 167 18.17 -20.37 -33.60
N ARG B 168 17.79 -19.11 -33.47
CA ARG B 168 17.39 -18.28 -34.59
C ARG B 168 18.32 -17.08 -34.69
N TYR B 169 18.86 -16.85 -35.87
CA TYR B 169 19.79 -15.76 -36.08
C TYR B 169 19.56 -15.15 -37.46
N TYR B 170 20.07 -13.94 -37.64
CA TYR B 170 19.96 -13.27 -38.92
C TYR B 170 20.70 -14.06 -39.99
N HIS B 171 20.16 -14.05 -41.21
CA HIS B 171 20.82 -14.75 -42.30
C HIS B 171 22.24 -14.22 -42.50
N ARG B 172 22.40 -12.90 -42.51
CA ARG B 172 23.71 -12.27 -42.52
C ARG B 172 23.76 -11.26 -41.38
N GLY B 173 24.82 -11.32 -40.58
CA GLY B 173 25.05 -10.33 -39.56
C GLY B 173 26.52 -10.07 -39.35
N HIS B 174 26.94 -8.82 -39.51
CA HIS B 174 28.34 -8.44 -39.45
C HIS B 174 28.52 -7.22 -38.55
N VAL B 175 27.95 -7.29 -37.35
CA VAL B 175 28.05 -6.18 -36.41
C VAL B 175 29.52 -5.92 -36.09
N ASP B 176 29.96 -4.69 -36.35
CA ASP B 176 31.35 -4.28 -36.09
C ASP B 176 31.35 -2.91 -35.46
N PRO B 177 30.98 -2.81 -34.18
CA PRO B 177 30.89 -1.48 -33.56
C PRO B 177 32.22 -0.75 -33.52
N ALA B 178 33.35 -1.44 -33.59
CA ALA B 178 34.63 -0.77 -33.58
C ALA B 178 34.78 0.15 -34.79
N ASN B 179 34.31 -0.29 -35.95
CA ASN B 179 34.35 0.56 -37.13
C ASN B 179 33.02 1.24 -37.38
N ASP B 180 32.10 1.17 -36.42
CA ASP B 180 30.81 1.84 -36.55
C ASP B 180 30.06 1.38 -37.79
N THR B 181 30.30 0.11 -38.14
CA THR B 181 29.76 -0.46 -39.37
C THR B 181 29.03 -1.77 -39.15
N PHE B 182 27.99 -2.03 -39.93
CA PHE B 182 27.31 -3.30 -39.86
C PHE B 182 26.77 -3.66 -41.23
N ASP B 183 26.45 -4.93 -41.44
CA ASP B 183 25.87 -5.40 -42.69
C ASP B 183 24.89 -6.51 -42.35
N ILE B 184 23.60 -6.21 -42.40
CA ILE B 184 22.57 -7.10 -41.86
C ILE B 184 21.65 -7.55 -42.99
N ASP B 185 21.41 -8.85 -43.05
CA ASP B 185 20.30 -9.40 -43.81
C ASP B 185 19.28 -9.91 -42.80
N PRO B 186 18.22 -9.17 -42.52
CA PRO B 186 17.38 -9.48 -41.36
C PRO B 186 16.48 -10.69 -41.54
N ARG B 187 16.69 -11.46 -42.60
CA ARG B 187 16.01 -12.73 -42.75
C ARG B 187 16.37 -13.65 -41.59
N VAL B 188 15.38 -14.32 -41.04
CA VAL B 188 15.58 -15.17 -39.86
C VAL B 188 15.85 -16.60 -40.31
N VAL B 189 16.94 -17.17 -39.80
CA VAL B 189 17.32 -18.54 -40.09
C VAL B 189 17.13 -19.36 -38.83
N THR B 190 16.42 -20.48 -38.95
CA THR B 190 16.16 -21.39 -37.83
C THR B 190 17.02 -22.62 -37.98
N ASP B 191 17.80 -22.92 -36.93
CA ASP B 191 18.67 -24.14 -36.91
C ASP B 191 18.22 -24.99 -35.73
N CYS B 192 17.76 -26.21 -35.97
CA CYS B 192 17.20 -27.04 -34.87
C CYS B 192 18.04 -28.29 -34.59
N ILE B 193 18.15 -28.69 -33.33
CA ILE B 193 18.86 -29.95 -32.97
C ILE B 193 17.81 -30.90 -32.40
N GLN B 194 17.74 -32.12 -32.91
CA GLN B 194 16.73 -33.08 -32.47
C GLN B 194 17.21 -33.87 -31.25
N VAL B 195 16.44 -33.85 -30.17
CA VAL B 195 16.79 -34.63 -28.98
C VAL B 195 15.71 -35.65 -28.67
N ASP B 196 16.09 -36.91 -28.53
CA ASP B 196 15.16 -37.97 -28.21
C ASP B 196 15.49 -38.56 -26.85
N PRO B 197 14.51 -38.73 -25.97
CA PRO B 197 14.78 -39.39 -24.70
C PRO B 197 15.14 -40.85 -24.92
N PRO B 198 15.91 -41.46 -24.01
CA PRO B 198 16.29 -42.86 -24.14
C PRO B 198 15.14 -43.82 -23.87
N ALA B 216 25.44 -35.14 -25.73
CA ALA B 216 25.31 -35.81 -27.01
C ALA B 216 25.54 -34.84 -28.17
N SER B 217 24.75 -34.98 -29.22
CA SER B 217 24.86 -34.07 -30.35
C SER B 217 24.51 -32.65 -29.94
N TYR B 218 23.50 -32.49 -29.09
CA TYR B 218 23.13 -31.16 -28.63
C TYR B 218 24.25 -30.50 -27.84
N LYS B 219 25.18 -31.28 -27.28
CA LYS B 219 26.31 -30.69 -26.57
C LYS B 219 27.23 -29.92 -27.49
N ASN B 220 27.23 -30.23 -28.79
CA ASN B 220 28.06 -29.57 -29.77
C ASN B 220 27.49 -28.23 -30.22
N LEU B 221 26.42 -27.76 -29.57
CA LEU B 221 25.80 -26.51 -29.97
C LEU B 221 26.80 -25.36 -29.93
N THR B 222 26.81 -24.55 -30.98
CA THR B 222 27.58 -23.32 -31.03
C THR B 222 26.62 -22.18 -31.37
N LEU B 223 26.58 -21.17 -30.52
CA LEU B 223 25.64 -20.06 -30.67
C LEU B 223 26.32 -18.90 -31.37
N LYS B 224 25.66 -18.35 -32.37
CA LYS B 224 26.16 -17.16 -33.08
C LYS B 224 25.67 -15.94 -32.30
N PHE B 225 26.45 -15.55 -31.30
CA PHE B 225 26.00 -14.54 -30.34
C PHE B 225 25.79 -13.19 -31.01
N HIS B 226 26.68 -12.80 -31.91
CA HIS B 226 26.61 -11.44 -32.46
C HIS B 226 25.34 -11.22 -33.25
N LYS B 227 24.73 -12.28 -33.79
CA LYS B 227 23.51 -12.15 -34.58
C LYS B 227 22.38 -13.02 -34.06
N LEU B 228 22.50 -13.53 -32.84
CA LEU B 228 21.48 -14.42 -32.28
C LEU B 228 20.21 -13.63 -31.96
N ILE B 229 19.07 -14.22 -32.32
CA ILE B 229 17.77 -13.60 -32.03
C ILE B 229 17.17 -14.24 -30.79
N ASN B 230 17.03 -15.57 -30.79
CA ASN B 230 16.62 -16.27 -29.59
C ASN B 230 16.93 -17.75 -29.72
N VAL B 231 16.92 -18.44 -28.59
CA VAL B 231 17.02 -19.89 -28.52
C VAL B 231 15.77 -20.39 -27.82
N THR B 232 15.20 -21.48 -28.32
CA THR B 232 14.00 -22.07 -27.74
C THR B 232 14.17 -23.56 -27.56
N ILE B 233 13.57 -24.08 -26.50
CA ILE B 233 13.61 -25.55 -26.20
C ILE B 233 12.15 -26.00 -26.09
N HIS B 234 11.64 -26.73 -27.07
CA HIS B 234 10.21 -27.14 -27.05
C HIS B 234 10.09 -28.65 -26.81
N PHE B 235 9.28 -29.04 -25.82
CA PHE B 235 9.03 -30.47 -25.56
C PHE B 235 7.66 -30.61 -24.89
N GLN B 236 7.13 -31.83 -24.86
CA GLN B 236 5.79 -32.04 -24.26
C GLN B 236 5.87 -33.12 -23.18
N LEU B 237 5.05 -33.00 -22.12
CA LEU B 237 5.00 -34.00 -21.06
C LEU B 237 3.55 -34.34 -20.75
N LYS B 238 3.30 -35.60 -20.45
CA LYS B 238 1.98 -36.10 -20.14
C LYS B 238 1.92 -36.49 -18.67
N THR B 239 0.79 -36.18 -18.03
CA THR B 239 0.59 -36.55 -16.64
C THR B 239 -0.91 -36.64 -16.38
N ILE B 240 -1.26 -37.31 -15.29
CA ILE B 240 -2.65 -37.58 -14.95
C ILE B 240 -2.99 -36.82 -13.68
N ASN B 241 -4.10 -36.07 -13.72
CA ASN B 241 -4.53 -35.26 -12.59
C ASN B 241 -5.32 -36.15 -11.63
N LEU B 242 -4.59 -36.97 -10.86
CA LEU B 242 -5.22 -37.91 -9.95
C LEU B 242 -6.05 -37.28 -8.85
N GLN B 243 -5.73 -36.04 -8.48
CA GLN B 243 -6.43 -35.44 -7.36
C GLN B 243 -7.92 -35.29 -7.60
N SER B 244 -8.37 -35.39 -8.85
CA SER B 244 -9.78 -35.25 -9.14
C SER B 244 -10.62 -36.33 -8.47
N LEU B 245 -9.98 -37.41 -8.00
CA LEU B 245 -10.71 -38.48 -7.32
C LEU B 245 -11.39 -37.99 -6.06
N ILE B 246 -10.87 -36.94 -5.42
CA ILE B 246 -11.49 -36.43 -4.21
C ILE B 246 -12.88 -35.88 -4.49
N ASN B 247 -13.11 -35.39 -5.71
CA ASN B 247 -14.43 -34.94 -6.12
C ASN B 247 -15.25 -36.06 -6.74
N ASN B 248 -14.80 -37.30 -6.64
CA ASN B 248 -15.48 -38.44 -7.24
C ASN B 248 -15.56 -38.29 -8.76
N GLU B 249 -14.53 -37.69 -9.35
CA GLU B 249 -14.40 -37.56 -10.78
C GLU B 249 -13.34 -38.53 -11.28
N ILE B 250 -13.41 -38.84 -12.58
CA ILE B 250 -12.42 -39.67 -13.25
C ILE B 250 -11.28 -38.76 -13.70
N PRO B 251 -10.03 -39.04 -13.31
CA PRO B 251 -8.92 -38.17 -13.72
C PRO B 251 -8.78 -38.14 -15.23
N ASP B 252 -8.34 -36.98 -15.73
CA ASP B 252 -8.08 -36.76 -17.15
C ASP B 252 -6.59 -36.86 -17.44
N CYS B 253 -6.27 -36.93 -18.73
CA CYS B 253 -4.88 -36.86 -19.19
C CYS B 253 -4.56 -35.43 -19.57
N TYR B 254 -3.54 -34.86 -18.95
CA TYR B 254 -3.07 -33.51 -19.25
C TYR B 254 -1.79 -33.60 -20.07
N THR B 255 -1.75 -32.90 -21.19
CA THR B 255 -0.53 -32.74 -21.97
C THR B 255 -0.06 -31.30 -21.83
N PHE B 256 1.15 -31.12 -21.31
CA PHE B 256 1.75 -29.80 -21.17
C PHE B 256 2.74 -29.58 -22.32
N SER B 257 2.57 -28.49 -23.05
CA SER B 257 3.53 -28.05 -24.04
C SER B 257 4.44 -27.02 -23.37
N ILE B 258 5.71 -27.37 -23.23
CA ILE B 258 6.67 -26.55 -22.51
C ILE B 258 7.55 -25.83 -23.51
N LEU B 259 7.64 -24.50 -23.35
CA LEU B 259 8.48 -23.69 -24.21
C LEU B 259 9.41 -22.85 -23.35
N ILE B 260 10.72 -23.07 -23.45
CA ILE B 260 11.71 -22.29 -22.73
C ILE B 260 12.37 -21.35 -23.74
N THR B 261 12.36 -20.06 -23.44
CA THR B 261 12.87 -19.05 -24.36
C THR B 261 14.04 -18.31 -23.72
N PHE B 262 15.14 -18.24 -24.46
CA PHE B 262 16.27 -17.39 -24.11
C PHE B 262 16.26 -16.25 -25.13
N ASP B 263 15.73 -15.10 -24.72
CA ASP B 263 15.37 -14.04 -25.64
C ASP B 263 16.50 -13.04 -25.78
N ASN B 264 17.05 -12.91 -26.99
CA ASN B 264 18.09 -11.93 -27.29
C ASN B 264 17.62 -10.92 -28.34
N LYS B 265 16.32 -10.69 -28.42
CA LYS B 265 15.81 -9.77 -29.44
C LYS B 265 16.25 -8.33 -29.19
N ALA B 266 16.61 -7.98 -27.95
CA ALA B 266 17.06 -6.63 -27.64
C ALA B 266 18.55 -6.44 -27.91
N HIS B 267 19.32 -7.52 -28.03
CA HIS B 267 20.76 -7.43 -28.29
C HIS B 267 21.46 -6.51 -27.29
N SER B 268 21.03 -6.58 -26.03
CA SER B 268 21.43 -5.62 -25.02
C SER B 268 22.43 -6.17 -24.01
N GLY B 269 22.99 -7.35 -24.25
CA GLY B 269 23.90 -7.95 -23.30
C GLY B 269 23.23 -8.68 -22.16
N ARG B 270 21.91 -8.66 -22.10
CA ARG B 270 21.15 -9.36 -21.06
C ARG B 270 20.09 -10.21 -21.75
N ILE B 271 20.08 -11.50 -21.46
CA ILE B 271 19.19 -12.42 -22.16
C ILE B 271 18.18 -12.99 -21.18
N PRO B 272 16.97 -12.44 -21.12
CA PRO B 272 15.95 -12.98 -20.22
C PRO B 272 15.61 -14.43 -20.58
N ILE B 273 15.35 -15.22 -19.55
CA ILE B 273 15.00 -16.62 -19.74
C ILE B 273 13.65 -16.85 -19.07
N ARG B 274 12.69 -17.42 -19.79
CA ARG B 274 11.36 -17.68 -19.27
C ARG B 274 10.90 -19.06 -19.70
N LEU B 275 9.99 -19.62 -18.92
CA LEU B 275 9.35 -20.90 -19.23
C LEU B 275 7.84 -20.68 -19.32
N GLU B 276 7.24 -21.14 -20.41
CA GLU B 276 5.80 -21.04 -20.63
C GLU B 276 5.25 -22.42 -20.91
N THR B 277 3.99 -22.63 -20.54
CA THR B 277 3.32 -23.90 -20.80
C THR B 277 1.95 -23.65 -21.41
N LYS B 278 1.53 -24.56 -22.28
CA LYS B 278 0.17 -24.68 -22.74
C LYS B 278 -0.36 -26.04 -22.30
N THR B 279 -1.63 -26.10 -21.91
CA THR B 279 -2.22 -27.31 -21.39
C THR B 279 -3.34 -27.78 -22.30
N HIS B 280 -3.38 -29.07 -22.54
CA HIS B 280 -4.44 -29.71 -23.30
C HIS B 280 -5.01 -30.86 -22.47
N ILE B 281 -6.31 -30.79 -22.19
CA ILE B 281 -7.00 -31.76 -21.35
C ILE B 281 -7.84 -32.67 -22.22
N GLN B 282 -7.77 -33.97 -21.97
CA GLN B 282 -8.61 -34.92 -22.70
C GLN B 282 -8.83 -36.15 -21.85
N GLU B 283 -9.88 -36.89 -22.18
CA GLU B 283 -10.24 -38.09 -21.46
C GLU B 283 -9.16 -39.16 -21.64
N CYS B 284 -8.93 -39.96 -20.59
CA CYS B 284 -7.98 -41.06 -20.67
C CYS B 284 -8.57 -42.17 -21.50
N LYS B 285 -7.71 -42.89 -22.21
CA LYS B 285 -8.18 -43.97 -23.08
C LYS B 285 -8.67 -45.16 -22.26
N HIS B 286 -7.93 -45.56 -21.23
CA HIS B 286 -8.29 -46.70 -20.41
C HIS B 286 -8.21 -46.31 -18.93
N PRO B 287 -9.24 -45.65 -18.41
CA PRO B 287 -9.30 -45.36 -16.98
C PRO B 287 -9.99 -46.47 -16.20
N SER B 288 -9.57 -46.64 -14.96
CA SER B 288 -10.16 -47.65 -14.08
C SER B 288 -10.05 -47.15 -12.65
N VAL B 289 -11.20 -46.83 -12.06
CA VAL B 289 -11.24 -46.42 -10.65
C VAL B 289 -12.14 -47.41 -9.94
N SER B 290 -11.68 -47.98 -8.84
CA SER B 290 -12.42 -49.00 -8.10
C SER B 290 -13.61 -48.45 -7.33
N ARG B 291 -13.73 -47.13 -7.21
CA ARG B 291 -14.86 -46.51 -6.53
C ARG B 291 -16.18 -47.18 -6.89
N SER B 296 -22.63 -39.84 -8.57
CA SER B 296 -23.02 -38.70 -7.75
C SER B 296 -24.32 -38.07 -8.26
N PHE B 297 -24.82 -37.09 -7.51
CA PHE B 297 -26.04 -36.39 -7.85
C PHE B 297 -25.81 -35.16 -8.71
N ARG B 298 -24.56 -34.91 -9.13
CA ARG B 298 -24.25 -33.66 -9.80
C ARG B 298 -25.10 -33.47 -11.05
N LEU B 299 -25.25 -34.53 -11.86
CA LEU B 299 -26.06 -34.42 -13.06
C LEU B 299 -27.52 -34.16 -12.72
N LEU B 300 -28.00 -34.82 -11.66
CA LEU B 300 -29.38 -34.63 -11.24
C LEU B 300 -29.60 -33.20 -10.77
N PHE B 301 -28.65 -32.66 -10.00
CA PHE B 301 -28.76 -31.29 -9.53
C PHE B 301 -28.71 -30.30 -10.69
N ASP B 302 -27.87 -30.56 -11.70
CA ASP B 302 -27.84 -29.68 -12.86
C ASP B 302 -29.17 -29.72 -13.60
N VAL B 303 -29.77 -30.91 -13.71
CA VAL B 303 -31.10 -31.00 -14.33
C VAL B 303 -32.12 -30.21 -13.51
N VAL B 304 -32.01 -30.25 -12.18
CA VAL B 304 -32.92 -29.48 -11.33
C VAL B 304 -32.75 -27.98 -11.59
N VAL B 305 -31.50 -27.52 -11.67
CA VAL B 305 -31.23 -26.11 -11.93
C VAL B 305 -31.82 -25.71 -13.28
N ILE B 306 -31.63 -26.56 -14.30
CA ILE B 306 -32.21 -26.30 -15.60
C ILE B 306 -33.73 -26.22 -15.52
N LEU B 307 -34.33 -27.08 -14.72
CA LEU B 307 -35.79 -27.05 -14.56
C LEU B 307 -36.24 -25.72 -13.98
N THR B 308 -35.61 -25.29 -12.89
CA THR B 308 -36.00 -24.04 -12.25
C THR B 308 -35.82 -22.87 -13.21
N CYS B 309 -34.69 -22.83 -13.91
CA CYS B 309 -34.43 -21.71 -14.82
C CYS B 309 -35.40 -21.72 -16.00
N SER B 310 -35.74 -22.89 -16.53
CA SER B 310 -36.71 -22.97 -17.62
C SER B 310 -38.08 -22.51 -17.17
N LEU B 311 -38.50 -22.89 -15.96
CA LEU B 311 -39.80 -22.45 -15.47
C LEU B 311 -39.82 -20.93 -15.31
N SER B 312 -38.76 -20.37 -14.72
CA SER B 312 -38.70 -18.92 -14.58
C SER B 312 -38.70 -18.22 -15.93
N PHE B 313 -37.98 -18.79 -16.90
CA PHE B 313 -37.96 -18.22 -18.24
C PHE B 313 -39.37 -18.19 -18.80
N LEU B 314 -40.08 -19.31 -18.68
CA LEU B 314 -41.44 -19.38 -19.23
C LEU B 314 -42.33 -18.33 -18.58
N LEU B 315 -42.27 -18.20 -17.26
CA LEU B 315 -43.11 -17.22 -16.59
C LEU B 315 -42.75 -15.80 -17.00
N CYS B 316 -41.46 -15.50 -17.13
CA CYS B 316 -41.04 -14.16 -17.53
C CYS B 316 -41.48 -13.85 -18.95
N ALA B 317 -41.35 -14.81 -19.87
CA ALA B 317 -41.79 -14.59 -21.23
C ALA B 317 -43.30 -14.36 -21.29
N ARG B 318 -44.06 -15.16 -20.54
CA ARG B 318 -45.51 -14.98 -20.53
C ARG B 318 -45.88 -13.60 -20.00
N SER B 319 -45.23 -13.16 -18.93
CA SER B 319 -45.51 -11.83 -18.38
C SER B 319 -45.13 -10.72 -19.35
N LEU B 320 -44.00 -10.87 -20.04
CA LEU B 320 -43.59 -9.87 -21.00
C LEU B 320 -44.59 -9.75 -22.12
N LEU B 321 -45.08 -10.89 -22.63
CA LEU B 321 -46.10 -10.86 -23.67
C LEU B 321 -47.39 -10.21 -23.18
N ARG B 322 -47.83 -10.57 -21.96
CA ARG B 322 -49.03 -9.95 -21.42
C ARG B 322 -48.87 -8.44 -21.32
N GLY B 323 -47.71 -7.98 -20.86
CA GLY B 323 -47.47 -6.55 -20.76
C GLY B 323 -47.45 -5.86 -22.12
N PHE B 324 -46.86 -6.51 -23.12
CA PHE B 324 -46.86 -5.92 -24.46
C PHE B 324 -48.26 -5.80 -25.02
N LEU B 325 -49.08 -6.85 -24.84
CA LEU B 325 -50.47 -6.78 -25.32
C LEU B 325 -51.24 -5.70 -24.59
N LEU B 326 -51.03 -5.57 -23.28
CA LEU B 326 -51.70 -4.50 -22.54
C LEU B 326 -51.26 -3.14 -23.04
N GLN B 327 -49.96 -3.00 -23.37
CA GLN B 327 -49.49 -1.75 -23.95
C GLN B 327 -50.22 -1.43 -25.23
N ASN B 328 -50.34 -2.42 -26.12
CA ASN B 328 -51.04 -2.19 -27.39
C ASN B 328 -52.49 -1.76 -27.14
N GLU B 329 -53.18 -2.46 -26.24
CA GLU B 329 -54.57 -2.14 -25.99
C GLU B 329 -54.72 -0.73 -25.42
N PHE B 330 -53.88 -0.38 -24.45
CA PHE B 330 -53.94 0.95 -23.84
C PHE B 330 -53.67 2.01 -24.89
N VAL B 331 -52.65 1.78 -25.72
CA VAL B 331 -52.27 2.77 -26.70
C VAL B 331 -53.39 3.01 -27.70
N VAL B 332 -53.99 1.94 -28.20
CA VAL B 332 -55.08 2.12 -29.13
C VAL B 332 -56.27 2.78 -28.44
N PHE B 333 -56.53 2.48 -27.17
CA PHE B 333 -57.60 3.15 -26.44
C PHE B 333 -57.34 4.65 -26.35
N MET B 334 -56.14 5.04 -25.89
CA MET B 334 -55.80 6.46 -25.85
C MET B 334 -55.89 7.10 -27.22
N TRP B 335 -55.63 6.34 -28.29
CA TRP B 335 -55.82 6.85 -29.64
C TRP B 335 -57.29 7.13 -29.91
N ARG B 336 -58.19 6.29 -29.39
CA ARG B 336 -59.62 6.56 -29.54
C ARG B 336 -60.04 7.78 -28.73
N ARG B 337 -59.87 7.69 -27.40
CA ARG B 337 -60.28 8.79 -26.48
C ARG B 337 -59.65 10.12 -26.90
N ARG B 338 -58.32 10.20 -26.89
CA ARG B 338 -57.62 11.47 -27.23
C ARG B 338 -57.11 11.29 -28.67
N GLY B 339 -56.19 12.16 -29.10
CA GLY B 339 -55.62 12.04 -30.45
C GLY B 339 -54.89 10.74 -30.79
N ARG B 340 -54.54 10.55 -32.06
CA ARG B 340 -53.81 9.32 -32.48
C ARG B 340 -52.31 9.58 -32.41
N GLU B 341 -51.50 8.51 -32.36
CA GLU B 341 -50.02 8.62 -32.31
C GLU B 341 -49.64 9.61 -31.21
N ILE B 342 -50.18 9.41 -30.00
CA ILE B 342 -49.94 10.35 -28.88
C ILE B 342 -48.87 9.74 -27.94
N SER B 343 -48.88 8.42 -27.77
CA SER B 343 -47.94 7.77 -26.81
C SER B 343 -46.64 7.33 -27.48
N LEU B 344 -45.48 7.59 -26.85
CA LEU B 344 -44.19 7.18 -27.40
C LEU B 344 -43.29 6.56 -26.33
N TRP B 345 -42.68 7.40 -25.48
CA TRP B 345 -41.84 6.90 -24.40
C TRP B 345 -42.63 5.99 -23.46
N GLU B 346 -43.94 6.21 -23.34
CA GLU B 346 -44.76 5.38 -22.47
C GLU B 346 -44.88 3.96 -22.99
N ARG B 347 -45.11 3.83 -24.31
CA ARG B 347 -45.17 2.48 -24.92
C ARG B 347 -43.92 1.74 -24.46
N LEU B 348 -42.77 2.41 -24.52
CA LEU B 348 -41.53 1.79 -24.01
C LEU B 348 -41.74 1.46 -22.53
N GLU B 349 -42.06 2.45 -21.69
CA GLU B 349 -42.20 2.23 -20.22
C GLU B 349 -43.08 1.01 -19.88
N PHE B 350 -43.94 0.54 -20.78
CA PHE B 350 -44.87 -0.56 -20.43
C PHE B 350 -44.10 -1.88 -20.23
N VAL B 351 -42.79 -1.86 -20.47
CA VAL B 351 -42.00 -3.06 -20.29
C VAL B 351 -41.33 -3.11 -18.92
N ASN B 352 -41.11 -4.31 -18.44
CA ASN B 352 -40.44 -4.51 -17.16
C ASN B 352 -38.99 -4.90 -17.43
N GLY B 353 -38.05 -4.03 -17.06
CA GLY B 353 -36.65 -4.34 -17.25
C GLY B 353 -36.14 -5.46 -16.38
N TRP B 354 -36.79 -5.68 -15.26
CA TRP B 354 -36.38 -6.75 -14.40
C TRP B 354 -36.70 -8.11 -15.02
N TYR B 355 -37.81 -8.18 -15.76
CA TYR B 355 -38.19 -9.47 -16.40
C TYR B 355 -37.21 -9.75 -17.54
N ILE B 356 -36.69 -8.71 -18.19
CA ILE B 356 -35.68 -8.89 -19.24
C ILE B 356 -34.39 -9.37 -18.58
N LEU B 357 -34.01 -8.76 -17.47
CA LEU B 357 -32.82 -9.19 -16.75
C LEU B 357 -32.92 -10.64 -16.31
N LEU B 358 -34.09 -11.03 -15.77
CA LEU B 358 -34.28 -12.41 -15.33
C LEU B 358 -34.17 -13.38 -16.48
N VAL B 359 -34.77 -12.99 -17.63
CA VAL B 359 -34.75 -13.85 -18.84
C VAL B 359 -33.30 -14.06 -19.29
N THR B 360 -32.49 -13.00 -19.29
CA THR B 360 -31.11 -13.12 -19.76
C THR B 360 -30.25 -13.83 -18.74
N SER B 361 -30.58 -13.71 -17.45
CA SER B 361 -29.86 -14.43 -16.41
C SER B 361 -30.12 -15.92 -16.51
N ASP B 362 -31.37 -16.33 -16.72
CA ASP B 362 -31.65 -17.75 -16.81
C ASP B 362 -31.17 -18.34 -18.14
N VAL B 363 -31.10 -17.54 -19.20
CA VAL B 363 -30.46 -18.02 -20.42
C VAL B 363 -28.99 -18.32 -20.17
N LEU B 364 -28.30 -17.40 -19.51
CA LEU B 364 -26.90 -17.62 -19.17
C LEU B 364 -26.76 -18.83 -18.26
N THR B 365 -27.67 -18.99 -17.30
CA THR B 365 -27.61 -20.12 -16.38
C THR B 365 -27.76 -21.44 -17.12
N ILE B 366 -28.73 -21.51 -18.05
CA ILE B 366 -28.93 -22.74 -18.81
C ILE B 366 -27.70 -23.05 -19.66
N SER B 367 -27.15 -22.04 -20.32
CA SER B 367 -25.95 -22.27 -21.13
C SER B 367 -24.81 -22.80 -20.25
N GLY B 368 -24.59 -22.16 -19.10
CA GLY B 368 -23.54 -22.61 -18.20
C GLY B 368 -23.78 -24.01 -17.68
N THR B 369 -25.03 -24.35 -17.41
CA THR B 369 -25.34 -25.66 -16.87
C THR B 369 -25.09 -26.72 -17.94
N VAL B 370 -25.53 -26.48 -19.17
CA VAL B 370 -25.26 -27.41 -20.25
C VAL B 370 -23.76 -27.59 -20.45
N MET B 371 -23.02 -26.49 -20.38
CA MET B 371 -21.56 -26.58 -20.51
C MET B 371 -20.95 -27.38 -19.36
N LYS B 372 -21.47 -27.19 -18.14
CA LYS B 372 -20.99 -27.96 -17.01
C LYS B 372 -21.24 -29.45 -17.22
N ILE B 373 -22.43 -29.79 -17.72
CA ILE B 373 -22.74 -31.18 -18.03
C ILE B 373 -21.76 -31.72 -19.07
N GLY B 374 -21.48 -30.92 -20.10
CA GLY B 374 -20.53 -31.35 -21.12
C GLY B 374 -19.15 -31.60 -20.54
N ILE B 375 -18.68 -30.69 -19.68
CA ILE B 375 -17.35 -30.86 -19.09
C ILE B 375 -17.31 -32.12 -18.22
N GLU B 376 -18.36 -32.35 -17.43
CA GLU B 376 -18.38 -33.54 -16.59
C GLU B 376 -18.48 -34.81 -17.43
N ALA B 377 -19.20 -34.74 -18.55
CA ALA B 377 -19.24 -35.85 -19.49
C ALA B 377 -17.95 -35.96 -20.30
N LYS B 378 -17.01 -35.04 -20.13
CA LYS B 378 -15.73 -35.07 -20.81
C LYS B 378 -15.85 -34.81 -22.30
N ASN B 379 -16.99 -34.28 -22.75
CA ASN B 379 -17.12 -33.84 -24.13
C ASN B 379 -16.34 -32.56 -24.40
N LEU B 380 -16.03 -31.78 -23.37
CA LEU B 380 -15.29 -30.55 -23.55
C LEU B 380 -14.61 -30.19 -22.24
N ALA B 381 -13.50 -29.45 -22.34
CA ALA B 381 -12.80 -28.92 -21.17
C ALA B 381 -12.56 -27.44 -21.39
N SER B 382 -13.57 -26.64 -21.10
CA SER B 382 -13.46 -25.19 -21.10
C SER B 382 -13.98 -24.73 -19.74
N TYR B 383 -13.12 -24.81 -18.74
CA TYR B 383 -13.54 -24.48 -17.39
C TYR B 383 -13.68 -22.97 -17.21
N ASP B 384 -12.88 -22.19 -17.94
CA ASP B 384 -12.93 -20.74 -17.79
C ASP B 384 -14.25 -20.18 -18.31
N VAL B 385 -14.67 -20.59 -19.50
CA VAL B 385 -15.92 -20.10 -20.07
C VAL B 385 -17.10 -20.51 -19.20
N CYS B 386 -17.11 -21.78 -18.77
CA CYS B 386 -18.19 -22.24 -17.90
C CYS B 386 -18.21 -21.49 -16.58
N SER B 387 -17.04 -21.28 -15.98
CA SER B 387 -16.98 -20.57 -14.71
C SER B 387 -17.50 -19.15 -14.88
N ILE B 388 -17.15 -18.52 -16.00
CA ILE B 388 -17.60 -17.15 -16.23
C ILE B 388 -19.12 -17.12 -16.41
N LEU B 389 -19.67 -18.05 -17.15
CA LEU B 389 -21.12 -18.10 -17.34
C LEU B 389 -21.84 -18.31 -16.02
N LEU B 390 -21.36 -19.28 -15.22
CA LEU B 390 -22.02 -19.59 -13.97
C LEU B 390 -21.90 -18.44 -12.96
N GLY B 391 -20.73 -17.80 -12.90
CA GLY B 391 -20.55 -16.69 -11.97
C GLY B 391 -21.38 -15.47 -12.34
N THR B 392 -21.41 -15.12 -13.63
CA THR B 392 -22.25 -14.02 -14.07
C THR B 392 -23.72 -14.32 -13.80
N SER B 393 -24.15 -15.56 -14.06
CA SER B 393 -25.54 -15.90 -13.77
C SER B 393 -25.83 -15.83 -12.28
N THR B 394 -24.91 -16.28 -11.43
CA THR B 394 -25.12 -16.19 -9.99
C THR B 394 -25.27 -14.75 -9.54
N LEU B 395 -24.38 -13.88 -10.03
CA LEU B 395 -24.47 -12.47 -9.68
C LEU B 395 -25.81 -11.88 -10.13
N LEU B 396 -26.22 -12.17 -11.36
CA LEU B 396 -27.47 -11.64 -11.86
C LEU B 396 -28.66 -12.17 -11.06
N VAL B 397 -28.62 -13.43 -10.68
CA VAL B 397 -29.71 -14.02 -9.91
C VAL B 397 -29.81 -13.34 -8.55
N TRP B 398 -28.68 -13.07 -7.91
CA TRP B 398 -28.71 -12.36 -6.64
C TRP B 398 -29.25 -10.95 -6.82
N VAL B 399 -28.86 -10.28 -7.90
CA VAL B 399 -29.33 -8.92 -8.15
C VAL B 399 -30.84 -8.90 -8.40
N GLY B 400 -31.35 -9.91 -9.10
CA GLY B 400 -32.74 -9.92 -9.50
C GLY B 400 -33.73 -9.84 -8.37
N VAL B 401 -33.34 -10.29 -7.17
CA VAL B 401 -34.26 -10.25 -6.04
C VAL B 401 -34.58 -8.84 -5.60
N ILE B 402 -33.83 -7.84 -6.06
CA ILE B 402 -34.16 -6.46 -5.73
C ILE B 402 -35.45 -6.02 -6.42
N ARG B 403 -35.89 -6.74 -7.45
CA ARG B 403 -37.16 -6.41 -8.12
C ARG B 403 -38.31 -6.30 -7.14
N TYR B 404 -38.34 -7.16 -6.14
CA TYR B 404 -39.43 -7.17 -5.19
C TYR B 404 -39.26 -6.13 -4.09
N LEU B 405 -38.13 -5.44 -4.05
CA LEU B 405 -37.95 -4.30 -3.16
C LEU B 405 -38.23 -2.97 -3.83
N THR B 406 -38.44 -2.96 -5.15
CA THR B 406 -38.73 -1.73 -5.87
C THR B 406 -40.17 -1.26 -5.68
N PHE B 407 -41.01 -2.06 -5.05
CA PHE B 407 -42.39 -1.64 -4.81
C PHE B 407 -42.47 -0.72 -3.61
N PHE B 408 -41.71 -1.03 -2.57
CA PHE B 408 -41.69 -0.22 -1.36
C PHE B 408 -40.59 0.83 -1.49
N HIS B 409 -41.00 2.10 -1.48
CA HIS B 409 -40.05 3.19 -1.73
C HIS B 409 -39.00 3.32 -0.64
N LYS B 410 -39.28 2.83 0.57
CA LYS B 410 -38.29 2.93 1.63
C LYS B 410 -37.05 2.09 1.32
N TYR B 411 -37.22 0.94 0.67
CA TYR B 411 -36.12 0.07 0.31
C TYR B 411 -35.60 0.32 -1.11
N ASN B 412 -36.19 1.27 -1.83
CA ASN B 412 -35.90 1.47 -3.24
C ASN B 412 -35.05 2.71 -3.50
N ILE B 413 -34.33 3.19 -2.48
CA ILE B 413 -33.56 4.43 -2.63
C ILE B 413 -32.51 4.28 -3.72
N LEU B 414 -31.76 3.17 -3.69
CA LEU B 414 -30.66 3.00 -4.64
C LEU B 414 -31.15 3.02 -6.08
N ILE B 415 -32.16 2.20 -6.38
CA ILE B 415 -32.62 2.06 -7.76
C ILE B 415 -33.28 3.35 -8.24
N ALA B 416 -34.12 3.96 -7.41
CA ALA B 416 -34.76 5.21 -7.81
C ALA B 416 -33.73 6.29 -8.09
N THR B 417 -32.71 6.37 -7.23
CA THR B 417 -31.64 7.36 -7.44
C THR B 417 -30.98 7.05 -8.77
N LEU B 418 -30.57 5.80 -8.97
CA LEU B 418 -29.89 5.45 -10.22
C LEU B 418 -30.71 5.88 -11.41
N ARG B 419 -32.00 5.60 -11.38
CA ARG B 419 -32.88 5.96 -12.49
C ARG B 419 -32.90 7.45 -12.72
N VAL B 420 -32.98 8.24 -11.65
CA VAL B 420 -33.03 9.69 -11.82
C VAL B 420 -31.68 10.23 -12.30
N ALA B 421 -30.58 9.66 -11.80
CA ALA B 421 -29.26 10.25 -11.99
C ALA B 421 -28.55 9.79 -13.26
N LEU B 422 -28.84 8.61 -13.78
CA LEU B 422 -28.07 8.12 -14.94
C LEU B 422 -27.95 9.08 -16.17
N PRO B 423 -29.04 9.82 -16.60
CA PRO B 423 -28.81 10.72 -17.75
C PRO B 423 -27.77 11.79 -17.48
N SER B 424 -27.87 12.50 -16.36
CA SER B 424 -26.89 13.53 -16.03
C SER B 424 -25.51 12.91 -15.83
N VAL B 425 -25.46 11.73 -15.21
CA VAL B 425 -24.18 11.06 -15.00
C VAL B 425 -23.53 10.75 -16.34
N MET B 426 -24.31 10.26 -17.31
CA MET B 426 -23.75 9.92 -18.61
C MET B 426 -23.30 11.16 -19.37
N ARG B 427 -24.08 12.24 -19.30
CA ARG B 427 -23.66 13.48 -19.95
C ARG B 427 -22.35 13.99 -19.35
N PHE B 428 -22.21 13.91 -18.03
CA PHE B 428 -20.97 14.28 -17.36
C PHE B 428 -19.80 13.39 -17.79
N CYS B 429 -20.05 12.08 -17.85
CA CYS B 429 -18.99 11.14 -18.21
C CYS B 429 -18.53 11.36 -19.64
N CYS B 430 -19.42 11.78 -20.53
CA CYS B 430 -18.99 12.10 -21.89
C CYS B 430 -17.85 13.10 -21.89
N CYS B 431 -18.01 14.20 -21.17
CA CYS B 431 -16.96 15.21 -21.10
C CYS B 431 -15.73 14.69 -20.37
N VAL B 432 -15.91 14.00 -19.26
CA VAL B 432 -14.78 13.53 -18.46
C VAL B 432 -13.96 12.46 -19.17
N ALA B 433 -14.58 11.76 -20.12
CA ALA B 433 -13.89 10.65 -20.77
C ALA B 433 -12.83 11.10 -21.76
N VAL B 434 -13.06 12.22 -22.46
CA VAL B 434 -12.04 12.70 -23.39
C VAL B 434 -10.80 13.15 -22.65
N ILE B 435 -10.98 13.85 -21.53
CA ILE B 435 -9.84 14.23 -20.70
C ILE B 435 -9.11 12.98 -20.19
N TYR B 436 -9.87 12.00 -19.70
CA TYR B 436 -9.27 10.77 -19.20
C TYR B 436 -8.48 10.06 -20.28
N LEU B 437 -9.04 9.95 -21.49
CA LEU B 437 -8.36 9.27 -22.59
C LEU B 437 -7.10 10.01 -23.03
N GLY B 438 -7.18 11.34 -23.08
CA GLY B 438 -5.98 12.11 -23.38
C GLY B 438 -4.87 11.85 -22.38
N TYR B 439 -5.22 11.88 -21.09
CA TYR B 439 -4.22 11.57 -20.07
C TYR B 439 -3.70 10.15 -20.24
N CYS B 440 -4.58 9.20 -20.55
CA CYS B 440 -4.16 7.81 -20.68
C CYS B 440 -3.12 7.65 -21.80
N PHE B 441 -3.41 8.21 -22.97
CA PHE B 441 -2.46 8.09 -24.08
C PHE B 441 -1.15 8.81 -23.77
N CYS B 442 -1.25 10.02 -23.23
CA CYS B 442 -0.05 10.77 -22.88
C CYS B 442 0.82 9.96 -21.93
N GLY B 443 0.25 9.50 -20.83
CA GLY B 443 1.02 8.73 -19.86
C GLY B 443 1.58 7.45 -20.45
N TRP B 444 0.78 6.75 -21.24
CA TRP B 444 1.22 5.48 -21.82
C TRP B 444 2.46 5.68 -22.69
N ILE B 445 2.49 6.70 -23.53
CA ILE B 445 3.63 6.82 -24.41
C ILE B 445 4.81 7.54 -23.75
N VAL B 446 4.55 8.60 -22.99
CA VAL B 446 5.67 9.34 -22.42
C VAL B 446 6.29 8.60 -21.25
N LEU B 447 5.46 8.10 -20.33
CA LEU B 447 5.96 7.53 -19.08
C LEU B 447 6.08 6.01 -19.12
N GLY B 448 5.43 5.34 -20.07
CA GLY B 448 5.48 3.89 -20.14
C GLY B 448 6.86 3.29 -20.19
N PRO B 449 7.79 3.84 -20.97
CA PRO B 449 9.15 3.31 -20.97
C PRO B 449 9.85 3.42 -19.61
N TYR B 450 9.51 4.43 -18.80
CA TYR B 450 10.19 4.66 -17.55
C TYR B 450 9.43 4.18 -16.32
N HIS B 451 8.12 4.17 -16.37
CA HIS B 451 7.29 3.88 -15.21
C HIS B 451 6.68 2.49 -15.33
N VAL B 452 6.89 1.66 -14.30
CA VAL B 452 6.42 0.23 -14.32
C VAL B 452 4.89 0.14 -14.29
N LYS B 453 4.18 1.18 -13.83
CA LYS B 453 2.73 1.17 -13.82
C LYS B 453 2.12 1.73 -15.10
N PHE B 454 2.93 2.18 -16.05
CA PHE B 454 2.44 2.73 -17.31
C PHE B 454 2.87 1.90 -18.50
N ARG B 455 3.17 0.61 -18.30
CA ARG B 455 3.76 -0.19 -19.37
C ARG B 455 2.80 -0.36 -20.54
N SER B 456 1.52 -0.62 -20.27
CA SER B 456 0.53 -0.90 -21.30
C SER B 456 -0.67 0.00 -21.10
N LEU B 457 -1.55 0.02 -22.11
CA LEU B 457 -2.73 0.88 -22.05
C LEU B 457 -3.67 0.47 -20.93
N SER B 458 -3.93 -0.83 -20.80
CA SER B 458 -4.80 -1.29 -19.71
C SER B 458 -4.17 -0.99 -18.35
N MET B 459 -2.85 -1.16 -18.24
CA MET B 459 -2.16 -0.83 -17.00
C MET B 459 -2.24 0.66 -16.70
N VAL B 460 -2.09 1.50 -17.72
CA VAL B 460 -2.21 2.94 -17.51
C VAL B 460 -3.62 3.29 -17.03
N SER B 461 -4.63 2.68 -17.64
CA SER B 461 -6.00 2.95 -17.20
C SER B 461 -6.22 2.52 -15.76
N GLU B 462 -5.70 1.35 -15.37
CA GLU B 462 -5.84 0.91 -13.99
C GLU B 462 -5.12 1.87 -13.04
N CYS B 463 -3.93 2.32 -13.41
CA CYS B 463 -3.20 3.28 -12.60
C CYS B 463 -3.98 4.57 -12.41
N LEU B 464 -4.50 5.14 -13.50
CA LEU B 464 -5.19 6.41 -13.41
C LEU B 464 -6.51 6.26 -12.63
N PHE B 465 -7.22 5.16 -12.86
CA PHE B 465 -8.47 4.92 -12.14
C PHE B 465 -8.24 4.76 -10.65
N SER B 466 -7.19 4.03 -10.27
CA SER B 466 -6.87 3.91 -8.86
C SER B 466 -6.39 5.23 -8.28
N LEU B 467 -5.69 6.06 -9.08
CA LEU B 467 -5.29 7.37 -8.59
C LEU B 467 -6.51 8.26 -8.34
N ILE B 468 -7.53 8.15 -9.18
CA ILE B 468 -8.74 8.92 -8.97
C ILE B 468 -9.33 8.63 -7.60
N ASN B 469 -9.27 7.37 -7.18
CA ASN B 469 -9.76 6.95 -5.87
C ASN B 469 -8.69 7.04 -4.80
N GLY B 470 -7.60 7.77 -5.05
CA GLY B 470 -6.59 8.03 -4.04
C GLY B 470 -5.71 6.86 -3.68
N ASP B 471 -5.55 5.89 -4.57
CA ASP B 471 -4.85 4.66 -4.26
C ASP B 471 -3.46 4.64 -4.89
N ASP B 472 -2.48 4.16 -4.12
CA ASP B 472 -1.10 3.98 -4.58
C ASP B 472 -0.49 5.27 -5.13
N MET B 473 -0.85 6.40 -4.51
CA MET B 473 -0.33 7.70 -4.95
C MET B 473 1.17 7.82 -4.75
N PHE B 474 1.63 7.65 -3.51
CA PHE B 474 3.03 7.88 -3.22
C PHE B 474 3.92 6.90 -3.96
N VAL B 475 3.47 5.66 -4.12
CA VAL B 475 4.25 4.68 -4.87
C VAL B 475 4.40 5.13 -6.32
N THR B 476 3.34 5.73 -6.87
CA THR B 476 3.41 6.26 -8.23
C THR B 476 4.44 7.36 -8.35
N PHE B 477 4.45 8.30 -7.39
CA PHE B 477 5.48 9.34 -7.41
C PHE B 477 6.89 8.75 -7.21
N ALA B 478 7.01 7.78 -6.30
CA ALA B 478 8.32 7.25 -5.95
C ALA B 478 8.93 6.45 -7.08
N ALA B 479 8.10 5.81 -7.91
CA ALA B 479 8.64 5.10 -9.06
C ALA B 479 9.47 6.04 -9.94
N MET B 480 8.96 7.25 -10.17
CA MET B 480 9.70 8.23 -10.94
C MET B 480 10.82 8.86 -10.14
N GLN B 481 10.64 8.99 -8.82
CA GLN B 481 11.72 9.52 -7.98
C GLN B 481 12.96 8.63 -8.06
N ALA B 482 12.78 7.32 -7.98
CA ALA B 482 13.92 6.42 -7.81
C ALA B 482 14.89 6.52 -8.98
N GLN B 483 14.35 6.55 -10.20
CA GLN B 483 15.21 6.56 -11.42
C GLN B 483 15.36 7.98 -11.98
N GLN B 484 14.49 8.92 -11.56
CA GLN B 484 14.49 10.32 -12.05
C GLN B 484 14.23 10.34 -13.56
N GLY B 485 13.73 9.22 -14.11
CA GLY B 485 13.48 9.14 -15.56
C GLY B 485 14.76 9.28 -16.36
N HIS B 486 15.91 9.12 -15.72
CA HIS B 486 17.25 9.27 -16.38
C HIS B 486 17.26 10.56 -17.21
N SER B 487 16.45 11.56 -16.85
CA SER B 487 16.37 12.80 -17.59
C SER B 487 15.49 13.71 -16.74
N SER B 488 16.04 14.82 -16.28
CA SER B 488 15.27 15.72 -15.44
C SER B 488 14.02 16.21 -16.16
N LEU B 489 14.06 16.27 -17.49
CA LEU B 489 12.90 16.71 -18.24
C LEU B 489 11.74 15.73 -18.08
N VAL B 490 12.01 14.44 -18.18
CA VAL B 490 10.96 13.44 -17.99
C VAL B 490 10.42 13.48 -16.56
N TRP B 491 11.32 13.61 -15.57
CA TRP B 491 10.87 13.69 -14.19
C TRP B 491 9.97 14.90 -13.96
N LEU B 492 10.35 16.06 -14.49
CA LEU B 492 9.53 17.26 -14.33
C LEU B 492 8.19 17.09 -15.02
N PHE B 493 8.18 16.51 -16.21
CA PHE B 493 6.92 16.26 -16.90
C PHE B 493 6.04 15.34 -16.08
N SER B 494 6.61 14.28 -15.50
CA SER B 494 5.83 13.37 -14.68
C SER B 494 5.26 14.08 -13.46
N GLN B 495 6.04 14.98 -12.85
CA GLN B 495 5.52 15.77 -11.74
C GLN B 495 4.28 16.55 -12.16
N LEU B 496 4.40 17.31 -13.24
CA LEU B 496 3.26 18.10 -13.71
C LEU B 496 2.07 17.20 -14.05
N TYR B 497 2.34 16.10 -14.75
CA TYR B 497 1.30 15.18 -15.18
C TYR B 497 0.53 14.62 -13.97
N LEU B 498 1.26 14.09 -12.99
CA LEU B 498 0.61 13.45 -11.86
C LEU B 498 -0.11 14.48 -10.99
N TYR B 499 0.53 15.60 -10.69
CA TYR B 499 -0.12 16.60 -9.86
C TYR B 499 -1.40 17.11 -10.53
N SER B 500 -1.33 17.43 -11.82
CA SER B 500 -2.50 17.97 -12.50
C SER B 500 -3.61 16.93 -12.58
N PHE B 501 -3.29 15.69 -12.97
CA PHE B 501 -4.32 14.67 -13.06
C PHE B 501 -4.98 14.44 -11.70
N ILE B 502 -4.17 14.23 -10.66
CA ILE B 502 -4.73 13.94 -9.35
C ILE B 502 -5.61 15.08 -8.88
N SER B 503 -5.10 16.31 -8.96
CA SER B 503 -5.87 17.44 -8.46
C SER B 503 -7.18 17.57 -9.21
N LEU B 504 -7.11 17.61 -10.55
CA LEU B 504 -8.32 17.76 -11.34
C LEU B 504 -9.34 16.67 -11.02
N PHE B 505 -8.93 15.41 -11.11
CA PHE B 505 -9.92 14.35 -11.03
C PHE B 505 -10.42 14.11 -9.61
N ILE B 506 -9.56 14.20 -8.60
CA ILE B 506 -10.05 13.99 -7.24
C ILE B 506 -10.91 15.17 -6.79
N TYR B 507 -10.48 16.41 -7.04
CA TYR B 507 -11.16 17.54 -6.41
C TYR B 507 -12.29 18.12 -7.26
N MET B 508 -12.18 18.10 -8.58
CA MET B 508 -13.28 18.61 -9.37
C MET B 508 -14.16 17.53 -9.95
N VAL B 509 -13.61 16.60 -10.70
CA VAL B 509 -14.41 15.59 -11.38
C VAL B 509 -15.21 14.77 -10.37
N LEU B 510 -14.53 14.24 -9.35
CA LEU B 510 -15.21 13.37 -8.39
C LEU B 510 -16.20 14.16 -7.54
N SER B 511 -15.83 15.38 -7.16
CA SER B 511 -16.77 16.21 -6.40
C SER B 511 -18.04 16.46 -7.20
N LEU B 512 -17.90 16.76 -8.49
CA LEU B 512 -19.07 17.03 -9.32
C LEU B 512 -19.89 15.78 -9.55
N PHE B 513 -19.22 14.65 -9.74
CA PHE B 513 -19.92 13.37 -9.91
C PHE B 513 -20.78 13.06 -8.69
N ILE B 514 -20.18 13.18 -7.52
CA ILE B 514 -20.90 12.88 -6.29
C ILE B 514 -22.05 13.88 -6.15
N ALA B 515 -21.80 15.15 -6.44
CA ALA B 515 -22.85 16.16 -6.31
C ALA B 515 -24.04 15.82 -7.20
N LEU B 516 -23.78 15.33 -8.42
CA LEU B 516 -24.88 14.92 -9.30
C LEU B 516 -25.66 13.76 -8.69
N ILE B 517 -24.95 12.76 -8.16
CA ILE B 517 -25.64 11.59 -7.61
C ILE B 517 -26.50 11.98 -6.41
N THR B 518 -25.92 12.75 -5.49
CA THR B 518 -26.68 13.16 -4.31
C THR B 518 -27.79 14.13 -4.66
N GLY B 519 -27.65 14.92 -5.73
CA GLY B 519 -28.75 15.74 -6.18
C GLY B 519 -29.91 14.92 -6.70
N ALA B 520 -29.61 13.82 -7.38
CA ALA B 520 -30.66 12.94 -7.83
C ALA B 520 -31.36 12.31 -6.65
N TYR B 521 -30.59 11.91 -5.65
CA TYR B 521 -31.19 11.37 -4.44
C TYR B 521 -32.10 12.40 -3.77
N ASP B 522 -31.63 13.64 -3.66
CA ASP B 522 -32.46 14.70 -3.08
C ASP B 522 -33.74 14.87 -3.87
N THR B 523 -33.68 14.67 -5.19
CA THR B 523 -34.89 14.75 -6.01
C THR B 523 -35.86 13.63 -5.68
N ILE B 524 -35.39 12.42 -5.43
CA ILE B 524 -36.35 11.35 -5.16
C ILE B 524 -36.71 11.24 -3.69
N LYS B 525 -35.87 11.78 -2.81
CA LYS B 525 -36.24 11.74 -1.41
C LYS B 525 -37.38 12.72 -1.17
N HIS B 526 -38.47 12.22 -0.59
CA HIS B 526 -39.64 13.08 -0.34
C HIS B 526 -39.35 14.37 0.44
N PRO B 527 -38.53 14.31 1.51
CA PRO B 527 -38.21 15.60 2.15
C PRO B 527 -37.62 16.60 1.16
N ASP C 40 -27.41 49.46 -37.85
CA ASP C 40 -26.43 48.98 -36.89
C ASP C 40 -27.04 47.98 -35.91
N LEU C 41 -27.80 47.02 -36.44
CA LEU C 41 -28.41 45.99 -35.59
C LEU C 41 -27.35 45.00 -35.11
N ARG C 42 -26.30 44.78 -35.90
CA ARG C 42 -25.19 43.93 -35.52
C ARG C 42 -25.67 42.51 -35.19
N ARG C 43 -26.44 41.93 -36.11
CA ARG C 43 -26.71 40.50 -36.00
C ARG C 43 -25.44 39.68 -36.18
N ARG C 44 -24.40 40.28 -36.76
CA ARG C 44 -23.10 39.61 -36.84
C ARG C 44 -22.59 39.26 -35.45
N LEU C 45 -22.73 40.18 -34.49
CA LEU C 45 -22.34 39.87 -33.13
C LEU C 45 -23.19 38.74 -32.55
N LYS C 46 -24.38 38.54 -33.10
CA LYS C 46 -25.18 37.37 -32.73
C LYS C 46 -24.63 36.11 -33.39
N TYR C 47 -24.25 36.19 -34.66
CA TYR C 47 -23.72 35.04 -35.38
C TYR C 47 -22.34 34.64 -34.90
N PHE C 48 -21.64 35.52 -34.19
CA PHE C 48 -20.30 35.20 -33.71
C PHE C 48 -20.36 34.21 -32.56
N PHE C 49 -21.26 34.42 -31.61
CA PHE C 49 -21.41 33.56 -30.44
C PHE C 49 -22.44 32.45 -30.68
N MET C 50 -22.29 31.73 -31.78
CA MET C 50 -23.27 30.74 -32.21
C MET C 50 -22.64 29.36 -32.28
N SER C 51 -23.39 28.36 -31.84
CA SER C 51 -22.93 26.98 -31.95
C SER C 51 -22.79 26.60 -33.42
N PRO C 52 -21.86 25.70 -33.74
CA PRO C 52 -21.66 25.32 -35.15
C PRO C 52 -22.93 24.85 -35.82
N CYS C 53 -23.78 24.12 -35.10
CA CYS C 53 -25.09 23.74 -35.65
C CYS C 53 -25.93 24.97 -35.93
N ASP C 54 -25.95 25.92 -35.00
CA ASP C 54 -26.68 27.15 -35.26
C ASP C 54 -25.96 27.98 -36.33
N LYS C 55 -24.63 27.97 -36.33
CA LYS C 55 -23.91 28.71 -37.36
C LYS C 55 -24.20 28.16 -38.76
N PHE C 56 -24.61 26.90 -38.84
CA PHE C 56 -24.91 26.30 -40.14
C PHE C 56 -26.39 26.41 -40.50
N ARG C 57 -27.28 26.24 -39.53
CA ARG C 57 -28.70 26.44 -39.81
C ARG C 57 -28.98 27.88 -40.21
N ALA C 58 -28.20 28.80 -39.65
CA ALA C 58 -28.34 30.20 -40.01
C ALA C 58 -27.62 30.61 -41.31
N LYS C 59 -26.37 30.23 -41.50
CA LYS C 59 -25.66 30.76 -42.67
C LYS C 59 -25.10 29.76 -43.63
N GLY C 60 -25.64 28.55 -43.66
CA GLY C 60 -25.00 27.58 -44.53
C GLY C 60 -23.49 27.45 -44.36
N ARG C 61 -23.02 27.28 -43.11
CA ARG C 61 -21.57 27.23 -42.85
C ARG C 61 -21.16 25.81 -42.46
N LYS C 62 -20.37 25.13 -43.29
CA LYS C 62 -19.87 23.77 -42.91
C LYS C 62 -18.94 23.90 -41.68
N PRO C 63 -19.15 23.10 -40.61
CA PRO C 63 -18.28 23.14 -39.43
C PRO C 63 -16.88 22.55 -39.72
N CYS C 64 -16.04 23.31 -40.45
CA CYS C 64 -14.71 22.82 -40.82
C CYS C 64 -13.86 22.54 -39.60
N LYS C 65 -13.87 23.46 -38.62
CA LYS C 65 -13.05 23.27 -37.42
C LYS C 65 -13.48 22.03 -36.65
N LEU C 66 -14.79 21.81 -36.53
CA LEU C 66 -15.26 20.63 -35.80
C LEU C 66 -14.78 19.34 -36.46
N MET C 67 -14.85 19.29 -37.80
CA MET C 67 -14.38 18.11 -38.50
C MET C 67 -12.87 17.94 -38.39
N LEU C 68 -12.13 19.05 -38.42
CA LEU C 68 -10.69 18.97 -38.27
C LEU C 68 -10.30 18.38 -36.93
N GLN C 69 -11.01 18.76 -35.86
CA GLN C 69 -10.65 18.30 -34.52
C GLN C 69 -10.66 16.78 -34.44
N VAL C 70 -11.70 16.15 -34.98
CA VAL C 70 -11.79 14.68 -34.93
C VAL C 70 -10.65 14.07 -35.72
N VAL C 71 -10.45 14.52 -36.96
CA VAL C 71 -9.36 14.01 -37.77
C VAL C 71 -8.02 14.32 -37.12
N LYS C 72 -7.88 15.53 -36.59
CA LYS C 72 -6.64 15.89 -35.90
C LYS C 72 -6.42 15.00 -34.69
N ILE C 73 -7.47 14.71 -33.93
CA ILE C 73 -7.36 13.80 -32.77
C ILE C 73 -6.81 12.48 -33.25
N LEU C 74 -7.43 11.92 -34.28
CA LEU C 74 -7.04 10.60 -34.75
C LEU C 74 -5.57 10.59 -35.20
N VAL C 75 -5.20 11.54 -36.06
CA VAL C 75 -3.86 11.51 -36.63
C VAL C 75 -2.81 11.79 -35.57
N VAL C 76 -3.08 12.71 -34.64
CA VAL C 76 -2.09 13.02 -33.61
C VAL C 76 -1.90 11.83 -32.68
N THR C 77 -2.98 11.16 -32.30
CA THR C 77 -2.84 9.98 -31.44
C THR C 77 -2.08 8.87 -32.15
N VAL C 78 -2.39 8.64 -33.43
CA VAL C 78 -1.68 7.61 -34.18
C VAL C 78 -0.20 7.94 -34.27
N GLN C 79 0.13 9.21 -34.54
CA GLN C 79 1.52 9.61 -34.61
C GLN C 79 2.22 9.40 -33.28
N LEU C 80 1.53 9.70 -32.19
CA LEU C 80 2.10 9.53 -30.86
C LEU C 80 2.47 8.07 -30.63
N ILE C 81 1.54 7.16 -30.95
CA ILE C 81 1.80 5.74 -30.77
C ILE C 81 2.97 5.28 -31.65
N LEU C 82 2.98 5.71 -32.91
CA LEU C 82 4.03 5.30 -33.83
C LEU C 82 5.40 5.76 -33.32
N PHE C 83 5.49 6.99 -32.84
CA PHE C 83 6.73 7.44 -32.24
C PHE C 83 7.09 6.62 -31.01
N GLY C 84 6.09 6.29 -30.21
CA GLY C 84 6.33 5.56 -28.98
C GLY C 84 6.98 4.22 -29.23
N LEU C 85 6.66 3.58 -30.34
CA LEU C 85 7.34 2.32 -30.67
C LEU C 85 8.87 2.47 -30.59
N SER C 86 9.43 3.36 -31.40
CA SER C 86 10.88 3.54 -31.42
C SER C 86 11.40 4.15 -30.12
N ASN C 87 10.62 5.04 -29.50
CA ASN C 87 11.05 5.62 -28.23
C ASN C 87 11.24 4.53 -27.18
N GLN C 88 10.29 3.61 -27.09
CA GLN C 88 10.41 2.48 -26.17
C GLN C 88 11.61 1.61 -26.50
N LEU C 89 11.84 1.37 -27.80
CA LEU C 89 13.01 0.58 -28.17
C LEU C 89 14.29 1.22 -27.64
N VAL C 90 14.42 2.54 -27.80
CA VAL C 90 15.63 3.24 -27.37
C VAL C 90 15.79 3.14 -25.84
N VAL C 91 14.72 3.43 -25.11
CA VAL C 91 14.82 3.45 -23.65
C VAL C 91 15.16 2.06 -23.12
N THR C 92 14.50 1.04 -23.67
CA THR C 92 14.81 -0.32 -23.24
C THR C 92 16.27 -0.61 -23.50
N PHE C 93 16.75 -0.33 -24.71
CA PHE C 93 18.16 -0.62 -25.00
C PHE C 93 19.06 -0.04 -23.93
N ARG C 94 18.85 1.24 -23.59
CA ARG C 94 19.72 1.88 -22.61
C ARG C 94 19.63 1.18 -21.25
N GLU C 95 18.41 0.94 -20.77
CA GLU C 95 18.21 0.34 -19.45
C GLU C 95 18.79 -1.07 -19.38
N GLU C 96 18.51 -1.89 -20.40
CA GLU C 96 19.00 -3.27 -20.40
C GLU C 96 20.51 -3.31 -20.43
N ASN C 97 21.14 -2.44 -21.22
CA ASN C 97 22.60 -2.40 -21.22
C ASN C 97 23.14 -2.02 -19.84
N THR C 98 22.50 -1.06 -19.18
CA THR C 98 22.96 -0.67 -17.85
C THR C 98 22.90 -1.84 -16.88
N ILE C 99 21.79 -2.59 -16.89
CA ILE C 99 21.67 -3.74 -16.02
C ILE C 99 22.75 -4.78 -16.34
N ALA C 100 22.99 -5.01 -17.63
CA ALA C 100 24.03 -5.95 -18.02
C ALA C 100 25.39 -5.51 -17.50
N PHE C 101 25.68 -4.21 -17.57
CA PHE C 101 26.95 -3.72 -17.05
C PHE C 101 27.05 -3.95 -15.55
N ARG C 102 25.97 -3.73 -14.82
CA ARG C 102 26.00 -3.94 -13.38
C ARG C 102 26.27 -5.41 -13.06
N HIS C 103 25.72 -6.33 -13.85
CA HIS C 103 26.00 -7.74 -13.59
C HIS C 103 27.39 -8.14 -14.05
N LEU C 104 27.95 -7.46 -15.05
CA LEU C 104 29.26 -7.83 -15.56
C LEU C 104 30.40 -7.27 -14.72
N PHE C 105 30.23 -6.09 -14.12
CA PHE C 105 31.36 -5.40 -13.52
C PHE C 105 31.30 -5.28 -12.01
N LEU C 106 30.14 -5.46 -11.40
CA LEU C 106 29.99 -5.30 -9.95
C LEU C 106 30.03 -6.67 -9.29
N LEU C 107 31.09 -6.91 -8.51
CA LEU C 107 31.32 -8.22 -7.92
C LEU C 107 30.19 -8.58 -6.95
N GLY C 108 29.60 -9.75 -7.17
CA GLY C 108 28.52 -10.22 -6.32
C GLY C 108 27.24 -9.44 -6.44
N TYR C 109 27.09 -8.65 -7.50
CA TYR C 109 25.87 -7.88 -7.67
C TYR C 109 24.66 -8.79 -7.83
N SER C 110 23.54 -8.39 -7.24
CA SER C 110 22.28 -9.09 -7.41
C SER C 110 21.17 -8.06 -7.59
N ASP C 111 20.17 -8.42 -8.38
CA ASP C 111 19.11 -7.47 -8.72
C ASP C 111 18.37 -7.02 -7.47
N GLY C 112 18.08 -5.72 -7.42
CA GLY C 112 17.32 -5.13 -6.34
C GLY C 112 18.15 -4.52 -5.22
N SER C 113 19.42 -4.90 -5.10
CA SER C 113 20.26 -4.39 -4.02
C SER C 113 21.06 -3.16 -4.44
N ASP C 114 20.46 -2.26 -5.22
CA ASP C 114 21.19 -1.12 -5.75
C ASP C 114 21.52 -0.09 -4.69
N ASP C 115 20.67 0.06 -3.69
CA ASP C 115 20.86 1.08 -2.66
C ASP C 115 21.64 0.60 -1.46
N THR C 116 21.78 -0.72 -1.28
CA THR C 116 22.55 -1.26 -0.16
C THR C 116 23.85 -1.91 -0.60
N PHE C 117 24.15 -1.91 -1.89
CA PHE C 117 25.38 -2.51 -2.39
C PHE C 117 26.58 -1.69 -1.92
N ALA C 118 27.47 -2.31 -1.16
CA ALA C 118 28.56 -1.59 -0.55
C ALA C 118 29.63 -2.56 -0.06
N ALA C 119 30.82 -2.02 0.19
CA ALA C 119 31.93 -2.76 0.76
C ALA C 119 32.14 -2.33 2.20
N TYR C 120 32.55 -3.28 3.05
CA TYR C 120 32.77 -3.01 4.46
C TYR C 120 34.16 -3.42 4.91
N THR C 121 35.01 -3.93 4.03
CA THR C 121 36.32 -4.43 4.39
C THR C 121 37.30 -4.02 3.30
N GLN C 122 38.57 -3.87 3.69
CA GLN C 122 39.60 -3.51 2.73
C GLN C 122 39.72 -4.57 1.64
N GLU C 123 39.70 -5.82 2.03
CA GLU C 123 39.76 -6.90 1.07
C GLU C 123 38.58 -6.85 0.11
N GLN C 124 37.37 -6.61 0.62
CA GLN C 124 36.20 -6.52 -0.25
C GLN C 124 36.36 -5.42 -1.28
N LEU C 125 36.85 -4.25 -0.86
CA LEU C 125 37.02 -3.15 -1.80
C LEU C 125 38.05 -3.49 -2.87
N TYR C 126 39.18 -4.06 -2.46
CA TYR C 126 40.19 -4.46 -3.44
C TYR C 126 39.64 -5.48 -4.41
N GLN C 127 38.90 -6.47 -3.90
CA GLN C 127 38.35 -7.50 -4.77
C GLN C 127 37.35 -6.91 -5.75
N ALA C 128 36.50 -5.99 -5.30
CA ALA C 128 35.53 -5.37 -6.20
C ALA C 128 36.24 -4.58 -7.31
N ILE C 129 37.24 -3.79 -6.94
CA ILE C 129 37.95 -2.98 -7.94
C ILE C 129 38.63 -3.89 -8.97
N PHE C 130 39.34 -4.91 -8.48
CA PHE C 130 40.06 -5.79 -9.40
C PHE C 130 39.09 -6.61 -10.24
N TYR C 131 37.95 -6.99 -9.69
CA TYR C 131 36.94 -7.70 -10.48
C TYR C 131 36.44 -6.82 -11.62
N ALA C 132 36.15 -5.55 -11.34
CA ALA C 132 35.71 -4.66 -12.40
C ALA C 132 36.75 -4.60 -13.51
N VAL C 133 38.02 -4.39 -13.14
CA VAL C 133 39.05 -4.24 -14.17
C VAL C 133 39.23 -5.54 -14.96
N ASP C 134 39.26 -6.67 -14.26
CA ASP C 134 39.46 -7.95 -14.92
C ASP C 134 38.33 -8.24 -15.91
N GLN C 135 37.09 -8.01 -15.49
CA GLN C 135 35.95 -8.22 -16.37
C GLN C 135 36.02 -7.30 -17.58
N TYR C 136 36.43 -6.05 -17.38
CA TYR C 136 36.65 -5.18 -18.53
C TYR C 136 37.68 -5.77 -19.48
N LEU C 137 38.75 -6.33 -18.93
CA LEU C 137 39.85 -6.81 -19.77
C LEU C 137 39.45 -8.04 -20.57
N ILE C 138 38.50 -8.84 -20.08
CA ILE C 138 38.11 -10.04 -20.82
C ILE C 138 36.72 -9.92 -21.43
N LEU C 139 36.10 -8.74 -21.40
CA LEU C 139 34.75 -8.54 -21.94
C LEU C 139 34.43 -9.28 -23.23
N PRO C 140 35.22 -9.18 -24.30
CA PRO C 140 34.81 -9.81 -25.56
C PRO C 140 34.58 -11.31 -25.46
N GLU C 141 35.29 -12.01 -24.58
CA GLU C 141 35.16 -13.45 -24.48
C GLU C 141 33.95 -13.89 -23.65
N ILE C 142 33.34 -13.01 -22.87
CA ILE C 142 32.29 -13.38 -21.95
C ILE C 142 30.95 -12.71 -22.26
N SER C 143 30.98 -11.46 -22.70
CA SER C 143 29.75 -10.69 -22.81
C SER C 143 28.82 -11.29 -23.85
N LEU C 144 27.52 -11.29 -23.54
CA LEU C 144 26.51 -11.71 -24.50
C LEU C 144 26.28 -10.64 -25.55
N GLY C 145 26.36 -9.37 -25.17
CA GLY C 145 26.31 -8.30 -26.13
C GLY C 145 27.64 -8.15 -26.87
N ARG C 146 27.57 -7.53 -28.03
CA ARG C 146 28.75 -7.29 -28.85
C ARG C 146 29.23 -5.87 -28.58
N TYR C 147 30.23 -5.74 -27.72
CA TYR C 147 30.75 -4.44 -27.31
C TYR C 147 32.11 -4.20 -27.94
N ALA C 148 32.39 -2.96 -28.27
CA ALA C 148 33.69 -2.54 -28.76
C ALA C 148 34.32 -1.61 -27.73
N TYR C 149 35.63 -1.75 -27.54
CA TYR C 149 36.35 -0.81 -26.72
C TYR C 149 36.41 0.55 -27.40
N VAL C 150 36.72 1.57 -26.62
CA VAL C 150 36.88 2.93 -27.12
C VAL C 150 38.26 3.40 -26.67
N ARG C 151 39.22 3.38 -27.58
CA ARG C 151 40.58 3.79 -27.26
C ARG C 151 40.62 5.30 -27.00
N GLY C 152 41.13 5.68 -25.84
CA GLY C 152 41.08 7.07 -25.43
C GLY C 152 39.80 7.48 -24.74
N GLY C 153 38.90 6.54 -24.47
CA GLY C 153 37.65 6.82 -23.80
C GLY C 153 37.71 6.85 -22.29
N GLY C 154 38.89 6.69 -21.70
CA GLY C 154 39.01 6.64 -20.26
C GLY C 154 38.67 7.93 -19.55
N GLY C 155 38.50 9.02 -20.28
CA GLY C 155 38.12 10.28 -19.68
C GLY C 155 39.30 11.23 -19.52
N PRO C 156 39.08 12.33 -18.81
CA PRO C 156 40.13 13.34 -18.67
C PRO C 156 41.38 12.83 -17.96
N TRP C 157 41.20 11.87 -17.06
CA TRP C 157 42.33 11.37 -16.29
C TRP C 157 43.02 10.28 -17.08
N ALA C 158 42.35 9.76 -18.11
CA ALA C 158 43.04 8.79 -18.95
C ALA C 158 43.74 9.53 -20.04
N ASN C 159 45.07 9.51 -20.00
CA ASN C 159 45.86 10.20 -21.01
C ASN C 159 45.92 9.33 -22.24
N GLY C 160 44.80 9.27 -22.95
CA GLY C 160 44.67 8.43 -24.13
C GLY C 160 44.36 6.98 -23.86
N SER C 161 44.20 6.62 -22.59
CA SER C 161 43.94 5.21 -22.22
C SER C 161 42.44 4.91 -22.33
N ALA C 162 42.08 3.64 -22.46
CA ALA C 162 40.69 3.23 -22.55
C ALA C 162 40.02 3.21 -21.19
N LEU C 163 40.75 2.75 -20.18
CA LEU C 163 40.23 2.69 -18.82
C LEU C 163 41.07 3.50 -17.87
N ALA C 164 40.43 4.29 -17.03
CA ALA C 164 41.11 5.06 -16.00
C ALA C 164 40.60 4.59 -14.64
N LEU C 165 41.52 4.31 -13.72
CA LEU C 165 41.20 3.86 -12.38
C LEU C 165 41.79 4.87 -11.40
N CYS C 166 40.99 5.86 -11.01
CA CYS C 166 41.46 6.99 -10.20
C CYS C 166 41.05 6.81 -8.75
N GLN C 167 41.99 7.11 -7.84
CA GLN C 167 41.70 7.23 -6.43
C GLN C 167 41.99 8.66 -6.00
N ARG C 168 41.10 9.24 -5.21
CA ARG C 168 41.20 10.62 -4.76
C ARG C 168 41.30 10.66 -3.24
N TYR C 169 42.30 11.37 -2.74
CA TYR C 169 42.54 11.45 -1.32
C TYR C 169 43.01 12.86 -0.96
N TYR C 170 42.89 13.19 0.32
CA TYR C 170 43.34 14.48 0.80
C TYR C 170 44.85 14.62 0.60
N HIS C 171 45.28 15.84 0.28
CA HIS C 171 46.72 16.07 0.09
C HIS C 171 47.49 15.68 1.35
N ARG C 172 47.01 16.10 2.51
CA ARG C 172 47.54 15.66 3.79
C ARG C 172 46.40 15.15 4.64
N GLY C 173 46.58 13.96 5.21
CA GLY C 173 45.62 13.43 6.16
C GLY C 173 46.28 12.59 7.23
N HIS C 174 46.10 12.98 8.49
CA HIS C 174 46.76 12.34 9.62
C HIS C 174 45.75 12.02 10.70
N VAL C 175 44.66 11.35 10.31
CA VAL C 175 43.61 11.00 11.28
C VAL C 175 44.21 10.09 12.35
N ASP C 176 44.11 10.51 13.60
CA ASP C 176 44.63 9.75 14.74
C ASP C 176 43.60 9.79 15.86
N PRO C 177 42.51 9.03 15.73
CA PRO C 177 41.46 9.09 16.76
C PRO C 177 41.93 8.65 18.13
N ALA C 178 43.00 7.86 18.22
CA ALA C 178 43.49 7.44 19.53
C ALA C 178 43.95 8.63 20.35
N ASN C 179 44.59 9.60 19.72
CA ASN C 179 45.00 10.80 20.44
C ASN C 179 44.03 11.95 20.20
N ASP C 180 42.87 11.67 19.62
CA ASP C 180 41.84 12.69 19.40
C ASP C 180 42.39 13.85 18.59
N THR C 181 43.32 13.52 17.69
CA THR C 181 44.04 14.52 16.92
C THR C 181 44.01 14.24 15.44
N PHE C 182 43.98 15.29 14.62
CA PHE C 182 44.08 15.12 13.18
C PHE C 182 44.79 16.31 12.57
N ASP C 183 45.29 16.15 11.36
CA ASP C 183 45.94 17.25 10.63
C ASP C 183 45.61 17.07 9.16
N ILE C 184 44.71 17.90 8.64
CA ILE C 184 44.11 17.70 7.33
C ILE C 184 44.46 18.87 6.42
N ASP C 185 44.94 18.55 5.23
CA ASP C 185 44.97 19.51 4.13
C ASP C 185 43.92 19.06 3.13
N PRO C 186 42.75 19.69 3.10
CA PRO C 186 41.61 19.12 2.37
C PRO C 186 41.71 19.27 0.86
N ARG C 187 42.87 19.69 0.36
CA ARG C 187 43.11 19.67 -1.08
C ARG C 187 43.00 18.25 -1.61
N VAL C 188 42.32 18.09 -2.73
CA VAL C 188 42.07 16.77 -3.31
C VAL C 188 43.17 16.44 -4.31
N VAL C 189 43.77 15.27 -4.14
CA VAL C 189 44.81 14.77 -5.02
C VAL C 189 44.24 13.60 -5.81
N THR C 190 44.38 13.64 -7.12
CA THR C 190 43.90 12.59 -8.00
C THR C 190 45.09 11.78 -8.51
N ASP C 191 45.03 10.46 -8.30
CA ASP C 191 46.11 9.55 -8.78
C ASP C 191 45.45 8.54 -9.73
N CYS C 192 45.87 8.51 -11.00
CA CYS C 192 45.18 7.65 -11.99
C CYS C 192 46.08 6.53 -12.50
N ILE C 193 45.51 5.35 -12.77
CA ILE C 193 46.30 4.23 -13.39
C ILE C 193 45.70 3.98 -14.78
N GLN C 194 46.52 3.96 -15.81
CA GLN C 194 46.04 3.78 -17.17
C GLN C 194 45.91 2.32 -17.53
N VAL C 195 44.73 1.88 -17.96
CA VAL C 195 44.54 0.50 -18.38
C VAL C 195 44.11 0.43 -19.84
N ASP C 196 44.82 -0.35 -20.64
CA ASP C 196 44.51 -0.50 -22.05
C ASP C 196 44.11 -1.94 -22.34
N PRO C 197 43.01 -2.17 -23.05
CA PRO C 197 42.65 -3.53 -23.42
C PRO C 197 43.68 -4.10 -24.39
N PRO C 198 43.83 -5.42 -24.44
CA PRO C 198 44.79 -6.05 -25.36
C PRO C 198 44.33 -6.00 -26.81
N ALA C 216 48.06 -6.70 -13.75
CA ALA C 216 49.10 -5.89 -14.38
C ALA C 216 49.55 -4.77 -13.45
N SER C 217 49.81 -3.59 -14.04
CA SER C 217 50.20 -2.45 -13.22
C SER C 217 49.07 -2.04 -12.27
N TYR C 218 47.82 -2.11 -12.73
CA TYR C 218 46.70 -1.77 -11.87
C TYR C 218 46.60 -2.72 -10.67
N LYS C 219 47.17 -3.92 -10.76
CA LYS C 219 47.16 -4.84 -9.64
C LYS C 219 47.98 -4.31 -8.46
N ASN C 220 48.95 -3.44 -8.73
CA ASN C 220 49.80 -2.86 -7.70
C ASN C 220 49.14 -1.72 -6.95
N LEU C 221 47.86 -1.48 -7.19
CA LEU C 221 47.15 -0.39 -6.54
C LEU C 221 47.24 -0.52 -5.02
N THR C 222 47.56 0.59 -4.36
CA THR C 222 47.52 0.69 -2.91
C THR C 222 46.65 1.88 -2.55
N LEU C 223 45.61 1.63 -1.75
CA LEU C 223 44.64 2.64 -1.40
C LEU C 223 44.98 3.25 -0.05
N LYS C 224 44.97 4.59 0.02
CA LYS C 224 45.19 5.31 1.26
C LYS C 224 43.86 5.43 1.97
N PHE C 225 43.52 4.40 2.75
CA PHE C 225 42.17 4.28 3.30
C PHE C 225 41.87 5.41 4.27
N HIS C 226 42.83 5.79 5.12
CA HIS C 226 42.54 6.75 6.17
C HIS C 226 42.15 8.11 5.60
N LYS C 227 42.59 8.42 4.39
CA LYS C 227 42.28 9.72 3.79
C LYS C 227 41.63 9.58 2.41
N LEU C 228 41.15 8.39 2.07
CA LEU C 228 40.55 8.16 0.77
C LEU C 228 39.21 8.88 0.65
N ILE C 229 38.97 9.53 -0.48
CA ILE C 229 37.71 10.20 -0.73
C ILE C 229 36.82 9.33 -1.60
N ASN C 230 37.33 8.91 -2.77
CA ASN C 230 36.61 7.94 -3.58
C ASN C 230 37.57 7.32 -4.59
N VAL C 231 37.13 6.20 -5.15
CA VAL C 231 37.79 5.55 -6.28
C VAL C 231 36.78 5.48 -7.41
N THR C 232 37.24 5.75 -8.63
CA THR C 232 36.38 5.71 -9.80
C THR C 232 37.05 4.92 -10.92
N ILE C 233 36.22 4.23 -11.70
CA ILE C 233 36.71 3.43 -12.86
C ILE C 233 35.93 3.93 -14.08
N HIS C 234 36.57 4.68 -14.98
CA HIS C 234 35.85 5.25 -16.14
C HIS C 234 36.29 4.55 -17.43
N PHE C 235 35.32 4.08 -18.22
CA PHE C 235 35.64 3.47 -19.53
C PHE C 235 34.42 3.61 -20.43
N GLN C 236 34.61 3.41 -21.74
CA GLN C 236 33.49 3.58 -22.69
C GLN C 236 33.32 2.30 -23.52
N LEU C 237 32.08 1.95 -23.90
CA LEU C 237 31.81 0.79 -24.73
C LEU C 237 30.86 1.18 -25.85
N LYS C 238 31.08 0.61 -27.03
CA LYS C 238 30.28 0.87 -28.20
C LYS C 238 29.47 -0.37 -28.55
N THR C 239 28.22 -0.15 -28.96
CA THR C 239 27.37 -1.26 -29.38
C THR C 239 26.31 -0.71 -30.32
N ILE C 240 25.69 -1.61 -31.07
CA ILE C 240 24.72 -1.26 -32.10
C ILE C 240 23.35 -1.76 -31.68
N ASN C 241 22.35 -0.87 -31.71
CA ASN C 241 21.00 -1.21 -31.31
C ASN C 241 20.29 -1.87 -32.50
N LEU C 242 20.62 -3.15 -32.72
CA LEU C 242 20.06 -3.87 -33.86
C LEU C 242 18.55 -4.05 -33.82
N GLN C 243 17.96 -4.03 -32.64
CA GLN C 243 16.53 -4.31 -32.55
C GLN C 243 15.70 -3.28 -33.29
N SER C 244 16.27 -2.13 -33.65
CA SER C 244 15.50 -1.12 -34.36
C SER C 244 15.04 -1.60 -35.73
N LEU C 245 15.62 -2.71 -36.23
CA LEU C 245 15.20 -3.24 -37.53
C LEU C 245 13.74 -3.67 -37.52
N ILE C 246 13.20 -4.03 -36.36
CA ILE C 246 11.80 -4.45 -36.30
C ILE C 246 10.88 -3.30 -36.67
N ASN C 247 11.30 -2.07 -36.40
CA ASN C 247 10.53 -0.89 -36.81
C ASN C 247 10.92 -0.41 -38.19
N ASN C 248 11.69 -1.20 -38.94
CA ASN C 248 12.16 -0.80 -40.27
C ASN C 248 13.02 0.45 -40.20
N GLU C 249 13.76 0.60 -39.11
CA GLU C 249 14.71 1.68 -38.93
C GLU C 249 16.13 1.15 -39.11
N ILE C 250 17.05 2.06 -39.39
CA ILE C 250 18.47 1.74 -39.49
C ILE C 250 19.06 1.83 -38.09
N PRO C 251 19.72 0.79 -37.59
CA PRO C 251 20.29 0.85 -36.24
C PRO C 251 21.33 1.95 -36.12
N ASP C 252 21.41 2.54 -34.93
CA ASP C 252 22.38 3.57 -34.60
C ASP C 252 23.54 2.97 -33.81
N CYS C 253 24.60 3.77 -33.69
CA CYS C 253 25.74 3.44 -32.83
C CYS C 253 25.53 4.09 -31.47
N TYR C 254 25.52 3.29 -30.41
CA TYR C 254 25.40 3.79 -29.06
C TYR C 254 26.77 3.72 -28.37
N THR C 255 27.20 4.82 -27.78
CA THR C 255 28.38 4.84 -26.94
C THR C 255 27.95 5.04 -25.50
N PHE C 256 28.30 4.08 -24.65
CA PHE C 256 27.99 4.15 -23.23
C PHE C 256 29.25 4.59 -22.47
N SER C 257 29.12 5.65 -21.69
CA SER C 257 30.16 6.07 -20.76
C SER C 257 29.83 5.47 -19.41
N ILE C 258 30.69 4.58 -18.94
CA ILE C 258 30.46 3.83 -17.72
C ILE C 258 31.33 4.41 -16.62
N LEU C 259 30.69 4.75 -15.49
CA LEU C 259 31.41 5.27 -14.33
C LEU C 259 31.06 4.43 -13.10
N ILE C 260 32.04 3.75 -12.54
CA ILE C 260 31.85 2.98 -11.31
C ILE C 260 32.48 3.76 -10.17
N THR C 261 31.71 4.02 -9.12
CA THR C 261 32.16 4.83 -8.01
C THR C 261 32.16 4.02 -6.73
N PHE C 262 33.28 4.03 -6.03
CA PHE C 262 33.39 3.50 -4.68
C PHE C 262 33.52 4.71 -3.77
N ASP C 263 32.42 5.10 -3.14
CA ASP C 263 32.30 6.41 -2.49
C ASP C 263 32.65 6.29 -1.00
N ASN C 264 33.72 6.99 -0.59
CA ASN C 264 34.13 7.04 0.81
C ASN C 264 34.05 8.46 1.36
N LYS C 265 33.19 9.29 0.79
CA LYS C 265 33.12 10.68 1.24
C LYS C 265 32.59 10.80 2.67
N ALA C 266 31.86 9.80 3.15
CA ALA C 266 31.35 9.82 4.51
C ALA C 266 32.35 9.33 5.55
N HIS C 267 33.39 8.61 5.12
CA HIS C 267 34.42 8.11 6.03
C HIS C 267 33.80 7.32 7.18
N SER C 268 32.77 6.55 6.88
CA SER C 268 31.93 5.92 7.89
C SER C 268 32.14 4.42 8.03
N GLY C 269 33.18 3.87 7.40
CA GLY C 269 33.41 2.45 7.44
C GLY C 269 32.59 1.64 6.46
N ARG C 270 31.71 2.29 5.70
CA ARG C 270 30.89 1.64 4.70
C ARG C 270 31.05 2.39 3.39
N ILE C 271 31.43 1.69 2.33
CA ILE C 271 31.74 2.35 1.06
C ILE C 271 30.73 1.91 0.01
N PRO C 272 29.69 2.70 -0.25
CA PRO C 272 28.72 2.34 -1.29
C PRO C 272 29.39 2.25 -2.65
N ILE C 273 28.92 1.29 -3.44
CA ILE C 273 29.44 1.09 -4.79
C ILE C 273 28.27 1.21 -5.76
N ARG C 274 28.40 2.04 -6.79
CA ARG C 274 27.34 2.24 -7.77
C ARG C 274 27.95 2.28 -9.16
N LEU C 275 27.13 1.96 -10.15
CA LEU C 275 27.50 2.05 -11.56
C LEU C 275 26.53 2.98 -12.26
N GLU C 276 27.06 3.95 -12.98
CA GLU C 276 26.25 4.91 -13.73
C GLU C 276 26.71 4.89 -15.19
N THR C 277 25.78 5.19 -16.09
CA THR C 277 26.09 5.26 -17.51
C THR C 277 25.52 6.53 -18.11
N LYS C 278 26.23 7.07 -19.09
CA LYS C 278 25.71 8.10 -19.99
C LYS C 278 25.72 7.52 -21.40
N THR C 279 24.70 7.86 -22.18
CA THR C 279 24.53 7.32 -23.51
C THR C 279 24.63 8.43 -24.55
N HIS C 280 25.34 8.14 -25.64
CA HIS C 280 25.45 9.04 -26.77
C HIS C 280 25.08 8.27 -28.03
N ILE C 281 24.06 8.75 -28.74
CA ILE C 281 23.52 8.09 -29.92
C ILE C 281 23.96 8.87 -31.14
N GLN C 282 24.42 8.15 -32.17
CA GLN C 282 24.80 8.79 -33.42
C GLN C 282 24.66 7.79 -34.56
N GLU C 283 24.55 8.32 -35.77
CA GLU C 283 24.39 7.49 -36.95
C GLU C 283 25.65 6.67 -37.19
N CYS C 284 25.48 5.45 -37.70
CA CYS C 284 26.62 4.62 -38.04
C CYS C 284 27.29 5.14 -39.29
N LYS C 285 28.60 4.97 -39.38
CA LYS C 285 29.35 5.46 -40.52
C LYS C 285 29.05 4.65 -41.78
N HIS C 286 29.02 3.32 -41.66
CA HIS C 286 28.78 2.45 -42.80
C HIS C 286 27.71 1.42 -42.44
N PRO C 287 26.43 1.81 -42.50
CA PRO C 287 25.35 0.85 -42.30
C PRO C 287 24.92 0.20 -43.61
N SER C 288 24.46 -1.04 -43.49
CA SER C 288 23.97 -1.79 -44.65
C SER C 288 22.90 -2.76 -44.18
N VAL C 289 21.66 -2.49 -44.59
CA VAL C 289 20.55 -3.39 -44.28
C VAL C 289 19.98 -3.84 -45.61
N SER C 290 19.81 -5.14 -45.80
CA SER C 290 19.34 -5.69 -47.07
C SER C 290 17.85 -5.47 -47.31
N ARG C 291 17.11 -5.00 -46.30
CA ARG C 291 15.69 -4.70 -46.47
C ARG C 291 15.40 -4.00 -47.79
N SER C 296 9.17 3.40 -45.58
CA SER C 296 7.90 3.42 -44.87
C SER C 296 7.14 4.72 -45.12
N PHE C 297 5.91 4.77 -44.61
CA PHE C 297 5.04 5.93 -44.76
C PHE C 297 5.19 6.93 -43.63
N ARG C 298 6.13 6.70 -42.71
CA ARG C 298 6.20 7.52 -41.50
C ARG C 298 6.39 8.99 -41.84
N LEU C 299 7.28 9.29 -42.79
CA LEU C 299 7.51 10.67 -43.18
C LEU C 299 6.25 11.27 -43.83
N LEU C 300 5.58 10.46 -44.65
CA LEU C 300 4.35 10.93 -45.29
C LEU C 300 3.28 11.22 -44.25
N PHE C 301 3.14 10.34 -43.25
CA PHE C 301 2.15 10.56 -42.20
C PHE C 301 2.49 11.79 -41.37
N ASP C 302 3.77 12.02 -41.11
CA ASP C 302 4.14 13.22 -40.37
C ASP C 302 3.82 14.47 -41.18
N VAL C 303 4.04 14.43 -42.49
CA VAL C 303 3.64 15.55 -43.34
C VAL C 303 2.13 15.75 -43.29
N VAL C 304 1.37 14.66 -43.25
CA VAL C 304 -0.09 14.78 -43.16
C VAL C 304 -0.49 15.44 -41.85
N VAL C 305 0.13 15.03 -40.75
CA VAL C 305 -0.16 15.62 -39.45
C VAL C 305 0.16 17.11 -39.46
N ILE C 306 1.31 17.47 -40.05
CA ILE C 306 1.68 18.88 -40.18
C ILE C 306 0.64 19.63 -40.99
N LEU C 307 0.13 19.01 -42.05
CA LEU C 307 -0.89 19.65 -42.87
C LEU C 307 -2.15 19.94 -42.05
N THR C 308 -2.64 18.94 -41.33
CA THR C 308 -3.85 19.12 -40.54
C THR C 308 -3.65 20.20 -39.49
N CYS C 309 -2.51 20.17 -38.80
CA CYS C 309 -2.26 21.15 -37.74
C CYS C 309 -2.11 22.55 -38.31
N SER C 310 -1.46 22.70 -39.47
CA SER C 310 -1.33 24.01 -40.09
C SER C 310 -2.68 24.55 -40.52
N LEU C 311 -3.54 23.71 -41.09
CA LEU C 311 -4.86 24.18 -41.47
C LEU C 311 -5.66 24.63 -40.25
N SER C 312 -5.62 23.85 -39.18
CA SER C 312 -6.33 24.23 -37.96
C SER C 312 -5.77 25.53 -37.39
N PHE C 313 -4.45 25.69 -37.44
CA PHE C 313 -3.83 26.92 -36.96
C PHE C 313 -4.36 28.10 -37.77
N LEU C 314 -4.38 27.95 -39.09
CA LEU C 314 -4.84 29.05 -39.94
C LEU C 314 -6.28 29.42 -39.60
N LEU C 315 -7.15 28.42 -39.47
CA LEU C 315 -8.55 28.71 -39.15
C LEU C 315 -8.69 29.37 -37.79
N CYS C 316 -7.94 28.91 -36.80
CA CYS C 316 -8.02 29.50 -35.46
C CYS C 316 -7.52 30.94 -35.47
N ALA C 317 -6.42 31.21 -36.18
CA ALA C 317 -5.92 32.57 -36.27
C ALA C 317 -6.92 33.49 -36.95
N ARG C 318 -7.53 33.01 -38.04
CA ARG C 318 -8.51 33.82 -38.74
C ARG C 318 -9.71 34.13 -37.84
N SER C 319 -10.18 33.13 -37.10
CA SER C 319 -11.30 33.36 -36.18
C SER C 319 -10.93 34.32 -35.07
N LEU C 320 -9.72 34.20 -34.52
CA LEU C 320 -9.30 35.10 -33.47
C LEU C 320 -9.25 36.53 -33.96
N LEU C 321 -8.72 36.74 -35.17
CA LEU C 321 -8.71 38.09 -35.74
C LEU C 321 -10.12 38.62 -35.97
N ARG C 322 -11.01 37.78 -36.51
CA ARG C 322 -12.38 38.23 -36.71
C ARG C 322 -13.02 38.63 -35.39
N GLY C 323 -12.79 37.85 -34.34
CA GLY C 323 -13.34 38.18 -33.04
C GLY C 323 -12.78 39.47 -32.48
N PHE C 324 -11.48 39.70 -32.66
CA PHE C 324 -10.87 40.94 -32.17
C PHE C 324 -11.44 42.15 -32.91
N LEU C 325 -11.60 42.05 -34.23
CA LEU C 325 -12.19 43.15 -34.98
C LEU C 325 -13.63 43.41 -34.56
N LEU C 326 -14.39 42.34 -34.32
CA LEU C 326 -15.76 42.52 -33.84
C LEU C 326 -15.77 43.18 -32.48
N GLN C 327 -14.82 42.82 -31.61
CA GLN C 327 -14.71 43.48 -30.32
C GLN C 327 -14.48 44.96 -30.49
N ASN C 328 -13.54 45.34 -31.37
CA ASN C 328 -13.27 46.76 -31.58
C ASN C 328 -14.52 47.49 -32.08
N GLU C 329 -15.22 46.89 -33.05
CA GLU C 329 -16.40 47.54 -33.61
C GLU C 329 -17.47 47.72 -32.54
N PHE C 330 -17.75 46.66 -31.77
CA PHE C 330 -18.75 46.73 -30.71
C PHE C 330 -18.39 47.79 -29.71
N VAL C 331 -17.13 47.80 -29.30
CA VAL C 331 -16.69 48.74 -28.27
C VAL C 331 -16.86 50.17 -28.74
N VAL C 332 -16.43 50.46 -29.96
CA VAL C 332 -16.59 51.82 -30.45
C VAL C 332 -18.07 52.15 -30.59
N PHE C 333 -18.92 51.20 -31.00
CA PHE C 333 -20.35 51.44 -31.07
C PHE C 333 -20.92 51.81 -29.70
N MET C 334 -20.64 50.99 -28.68
CA MET C 334 -21.09 51.31 -27.35
C MET C 334 -20.55 52.65 -26.87
N TRP C 335 -19.36 53.04 -27.34
CA TRP C 335 -18.85 54.36 -27.03
C TRP C 335 -19.72 55.45 -27.66
N ARG C 336 -20.23 55.19 -28.87
CA ARG C 336 -21.15 56.16 -29.49
C ARG C 336 -22.47 56.21 -28.74
N ARG C 337 -23.18 55.07 -28.71
CA ARG C 337 -24.52 54.99 -28.06
C ARG C 337 -24.45 55.50 -26.61
N ARG C 338 -23.67 54.82 -25.76
CA ARG C 338 -23.57 55.20 -24.33
C ARG C 338 -22.25 55.96 -24.18
N GLY C 339 -21.79 56.14 -22.95
CA GLY C 339 -20.50 56.83 -22.71
C GLY C 339 -19.26 56.22 -23.34
N ARG C 340 -18.14 56.95 -23.29
CA ARG C 340 -16.86 56.44 -23.86
C ARG C 340 -16.09 55.69 -22.78
N GLU C 341 -15.14 54.83 -23.18
CA GLU C 341 -14.30 54.06 -22.21
C GLU C 341 -15.21 53.39 -21.19
N ILE C 342 -16.24 52.67 -21.68
CA ILE C 342 -17.23 52.02 -20.76
C ILE C 342 -16.88 50.53 -20.63
N SER C 343 -16.41 49.91 -21.71
CA SER C 343 -16.16 48.44 -21.68
C SER C 343 -14.72 48.11 -21.29
N LEU C 344 -14.52 47.13 -20.40
CA LEU C 344 -13.17 46.72 -19.98
C LEU C 344 -13.04 45.19 -19.96
N TRP C 345 -13.57 44.55 -18.92
CA TRP C 345 -13.51 43.09 -18.84
C TRP C 345 -14.20 42.44 -20.03
N GLU C 346 -15.19 43.12 -20.62
CA GLU C 346 -15.89 42.56 -21.76
C GLU C 346 -14.99 42.49 -22.99
N ARG C 347 -14.24 43.57 -23.23
CA ARG C 347 -13.27 43.56 -24.37
C ARG C 347 -12.46 42.28 -24.24
N LEU C 348 -12.00 41.98 -23.02
CA LEU C 348 -11.28 40.71 -22.80
C LEU C 348 -12.22 39.56 -23.19
N GLU C 349 -13.40 39.46 -22.58
CA GLU C 349 -14.33 38.32 -22.84
C GLU C 349 -14.55 38.06 -24.34
N PHE C 350 -14.30 39.03 -25.23
CA PHE C 350 -14.62 38.81 -26.66
C PHE C 350 -13.67 37.77 -27.27
N VAL C 351 -12.71 37.28 -26.50
CA VAL C 351 -11.80 36.28 -27.00
C VAL C 351 -12.23 34.87 -26.66
N ASN C 352 -11.88 33.93 -27.51
CA ASN C 352 -12.18 32.52 -27.28
C ASN C 352 -10.93 31.83 -26.75
N GLY C 353 -10.98 31.39 -25.49
CA GLY C 353 -9.84 30.68 -24.93
C GLY C 353 -9.59 29.33 -25.54
N TRP C 354 -10.61 28.73 -26.09
CA TRP C 354 -10.42 27.46 -26.72
C TRP C 354 -9.63 27.59 -28.01
N TYR C 355 -9.81 28.70 -28.72
CA TYR C 355 -9.06 28.91 -29.99
C TYR C 355 -7.59 29.17 -29.65
N ILE C 356 -7.32 29.79 -28.50
CA ILE C 356 -5.93 30.00 -28.06
C ILE C 356 -5.33 28.64 -27.70
N LEU C 357 -6.09 27.82 -26.98
CA LEU C 357 -5.61 26.49 -26.63
C LEU C 357 -5.31 25.66 -27.88
N LEU C 358 -6.21 25.70 -28.87
CA LEU C 358 -5.99 24.95 -30.09
C LEU C 358 -4.76 25.42 -30.83
N VAL C 359 -4.57 26.75 -30.86
CA VAL C 359 -3.39 27.36 -31.55
C VAL C 359 -2.11 26.86 -30.87
N THR C 360 -2.07 26.84 -29.54
CA THR C 360 -0.86 26.43 -28.83
C THR C 360 -0.66 24.93 -28.91
N SER C 361 -1.75 24.17 -29.00
CA SER C 361 -1.64 22.73 -29.17
C SER C 361 -1.07 22.37 -30.53
N ASP C 362 -1.54 23.04 -31.59
CA ASP C 362 -1.02 22.72 -32.92
C ASP C 362 0.39 23.26 -33.11
N VAL C 363 0.77 24.34 -32.43
CA VAL C 363 2.16 24.77 -32.45
C VAL C 363 3.06 23.69 -31.83
N LEU C 364 2.65 23.17 -30.66
CA LEU C 364 3.39 22.09 -30.04
C LEU C 364 3.44 20.87 -30.94
N THR C 365 2.33 20.56 -31.59
CA THR C 365 2.29 19.39 -32.47
C THR C 365 3.25 19.55 -33.64
N ILE C 366 3.27 20.73 -34.26
CA ILE C 366 4.19 20.96 -35.38
C ILE C 366 5.63 20.85 -34.91
N SER C 367 5.95 21.46 -33.76
CA SER C 367 7.32 21.36 -33.26
C SER C 367 7.70 19.90 -33.02
N GLY C 368 6.82 19.14 -32.38
CA GLY C 368 7.10 17.74 -32.13
C GLY C 368 7.24 16.93 -33.41
N THR C 369 6.43 17.25 -34.41
CA THR C 369 6.49 16.51 -35.66
C THR C 369 7.81 16.81 -36.37
N VAL C 370 8.21 18.07 -36.42
CA VAL C 370 9.49 18.41 -37.04
C VAL C 370 10.63 17.71 -36.31
N MET C 371 10.56 17.68 -34.97
CA MET C 371 11.59 16.99 -34.21
C MET C 371 11.59 15.49 -34.49
N LYS C 372 10.40 14.90 -34.64
CA LYS C 372 10.31 13.49 -34.99
C LYS C 372 10.96 13.22 -36.35
N ILE C 373 10.68 14.09 -37.31
CA ILE C 373 11.31 13.97 -38.62
C ILE C 373 12.83 14.06 -38.49
N GLY C 374 13.30 15.01 -37.69
CA GLY C 374 14.74 15.12 -37.48
C GLY C 374 15.35 13.87 -36.88
N ILE C 375 14.70 13.31 -35.86
CA ILE C 375 15.21 12.09 -35.22
C ILE C 375 15.25 10.94 -36.21
N GLU C 376 14.19 10.80 -37.01
CA GLU C 376 14.16 9.71 -37.99
C GLU C 376 15.21 9.94 -39.08
N ALA C 377 15.45 11.20 -39.45
CA ALA C 377 16.53 11.52 -40.37
C ALA C 377 17.90 11.43 -39.72
N LYS C 378 17.96 11.16 -38.43
CA LYS C 378 19.21 11.00 -37.69
C LYS C 378 19.97 12.30 -37.55
N ASN C 379 19.31 13.43 -37.79
CA ASN C 379 19.92 14.72 -37.51
C ASN C 379 20.01 15.01 -36.02
N LEU C 380 19.19 14.35 -35.21
CA LEU C 380 19.21 14.56 -33.77
C LEU C 380 18.65 13.34 -33.07
N ALA C 381 19.06 13.13 -31.83
CA ALA C 381 18.52 12.06 -31.00
C ALA C 381 18.15 12.65 -29.65
N SER C 382 16.98 13.26 -29.59
CA SER C 382 16.40 13.74 -28.34
C SER C 382 15.00 13.14 -28.27
N TYR C 383 14.92 11.89 -27.84
CA TYR C 383 13.65 11.21 -27.81
C TYR C 383 12.77 11.71 -26.67
N ASP C 384 13.39 12.14 -25.56
CA ASP C 384 12.61 12.60 -24.41
C ASP C 384 11.88 13.90 -24.73
N VAL C 385 12.57 14.87 -25.31
CA VAL C 385 11.93 16.15 -25.64
C VAL C 385 10.82 15.93 -26.67
N CYS C 386 11.10 15.13 -27.70
CA CYS C 386 10.08 14.86 -28.71
C CYS C 386 8.88 14.14 -28.10
N SER C 387 9.14 13.15 -27.25
CA SER C 387 8.04 12.41 -26.63
C SER C 387 7.19 13.34 -25.79
N ILE C 388 7.84 14.25 -25.08
CA ILE C 388 7.10 15.17 -24.23
C ILE C 388 6.25 16.11 -25.09
N LEU C 389 6.80 16.62 -26.16
CA LEU C 389 6.04 17.50 -27.04
C LEU C 389 4.84 16.79 -27.64
N LEU C 390 5.05 15.58 -28.15
CA LEU C 390 3.98 14.83 -28.79
C LEU C 390 2.90 14.43 -27.78
N GLY C 391 3.30 14.01 -26.58
CA GLY C 391 2.33 13.62 -25.57
C GLY C 391 1.50 14.79 -25.06
N THR C 392 2.15 15.93 -24.79
CA THR C 392 1.41 17.12 -24.39
C THR C 392 0.46 17.56 -25.49
N SER C 393 0.91 17.51 -26.75
CA SER C 393 0.01 17.90 -27.83
C SER C 393 -1.16 16.93 -27.95
N THR C 394 -0.93 15.63 -27.77
CA THR C 394 -2.02 14.67 -27.83
C THR C 394 -3.04 14.95 -26.73
N LEU C 395 -2.57 15.18 -25.52
CA LEU C 395 -3.47 15.49 -24.42
C LEU C 395 -4.29 16.75 -24.72
N LEU C 396 -3.62 17.80 -25.20
CA LEU C 396 -4.32 19.04 -25.49
C LEU C 396 -5.34 18.84 -26.62
N VAL C 397 -4.99 18.06 -27.63
CA VAL C 397 -5.91 17.81 -28.73
C VAL C 397 -7.15 17.08 -28.24
N TRP C 398 -6.96 16.09 -27.36
CA TRP C 398 -8.12 15.41 -26.80
C TRP C 398 -8.98 16.35 -25.96
N VAL C 399 -8.34 17.24 -25.20
CA VAL C 399 -9.08 18.17 -24.37
C VAL C 399 -9.86 19.16 -25.23
N GLY C 400 -9.28 19.58 -26.35
CA GLY C 400 -9.88 20.62 -27.17
C GLY C 400 -11.27 20.29 -27.68
N VAL C 401 -11.59 19.00 -27.82
CA VAL C 401 -12.90 18.63 -28.33
C VAL C 401 -14.03 18.98 -27.36
N ILE C 402 -13.70 19.33 -26.11
CA ILE C 402 -14.73 19.77 -25.18
C ILE C 402 -15.28 21.13 -25.58
N ARG C 403 -14.59 21.88 -26.43
CA ARG C 403 -15.09 23.17 -26.89
C ARG C 403 -16.49 23.06 -27.47
N TYR C 404 -16.76 21.99 -28.19
CA TYR C 404 -18.05 21.82 -28.83
C TYR C 404 -19.11 21.28 -27.89
N LEU C 405 -18.75 20.92 -26.66
CA LEU C 405 -19.72 20.57 -25.64
C LEU C 405 -20.05 21.73 -24.71
N THR C 406 -19.34 22.85 -24.84
CA THR C 406 -19.61 24.02 -24.01
C THR C 406 -20.84 24.80 -24.46
N PHE C 407 -21.41 24.46 -25.60
CA PHE C 407 -22.61 25.14 -26.06
C PHE C 407 -23.84 24.61 -25.37
N PHE C 408 -23.89 23.31 -25.18
CA PHE C 408 -25.02 22.67 -24.50
C PHE C 408 -24.73 22.59 -23.02
N HIS C 409 -25.55 23.27 -22.21
CA HIS C 409 -25.29 23.38 -20.79
C HIS C 409 -25.39 22.05 -20.05
N LYS C 410 -26.11 21.08 -20.61
CA LYS C 410 -26.23 19.79 -19.95
C LYS C 410 -24.89 19.06 -19.91
N TYR C 411 -24.06 19.22 -20.94
CA TYR C 411 -22.75 18.60 -21.01
C TYR C 411 -21.63 19.51 -20.50
N ASN C 412 -21.95 20.73 -20.09
CA ASN C 412 -20.95 21.74 -19.75
C ASN C 412 -20.82 21.95 -18.24
N ILE C 413 -21.24 20.97 -17.44
CA ILE C 413 -21.22 21.15 -15.98
C ILE C 413 -19.79 21.39 -15.49
N LEU C 414 -18.85 20.56 -15.95
CA LEU C 414 -17.48 20.65 -15.45
C LEU C 414 -16.87 22.02 -15.74
N ILE C 415 -16.94 22.46 -16.99
CA ILE C 415 -16.28 23.71 -17.36
C ILE C 415 -16.96 24.91 -16.70
N ALA C 416 -18.29 24.94 -16.70
CA ALA C 416 -18.98 26.05 -16.06
C ALA C 416 -18.65 26.13 -14.57
N THR C 417 -18.60 24.97 -13.91
CA THR C 417 -18.24 24.94 -12.50
C THR C 417 -16.83 25.51 -12.35
N LEU C 418 -15.89 24.97 -13.13
CA LEU C 418 -14.51 25.44 -13.02
C LEU C 418 -14.45 26.95 -13.15
N ARG C 419 -15.16 27.50 -14.14
CA ARG C 419 -15.14 28.94 -14.36
C ARG C 419 -15.68 29.69 -13.15
N VAL C 420 -16.76 29.20 -12.56
CA VAL C 420 -17.33 29.90 -11.41
C VAL C 420 -16.43 29.77 -10.19
N ALA C 421 -15.80 28.60 -10.01
CA ALA C 421 -15.12 28.28 -8.76
C ALA C 421 -13.66 28.71 -8.72
N LEU C 422 -12.98 28.82 -9.86
CA LEU C 422 -11.54 29.12 -9.81
C LEU C 422 -11.11 30.36 -8.95
N PRO C 423 -11.83 31.54 -8.99
CA PRO C 423 -11.36 32.63 -8.13
C PRO C 423 -11.36 32.30 -6.64
N SER C 424 -12.47 31.75 -6.13
CA SER C 424 -12.51 31.38 -4.72
C SER C 424 -11.52 30.27 -4.42
N VAL C 425 -11.36 29.33 -5.34
CA VAL C 425 -10.39 28.25 -5.14
C VAL C 425 -8.99 28.82 -5.02
N MET C 426 -8.63 29.79 -5.87
CA MET C 426 -7.29 30.36 -5.82
C MET C 426 -7.09 31.18 -4.55
N ARG C 427 -8.10 31.94 -4.13
CA ARG C 427 -7.96 32.67 -2.87
C ARG C 427 -7.76 31.72 -1.70
N PHE C 428 -8.49 30.60 -1.68
CA PHE C 428 -8.30 29.59 -0.65
C PHE C 428 -6.91 28.99 -0.71
N CYS C 429 -6.43 28.66 -1.92
CA CYS C 429 -5.13 28.03 -2.06
C CYS C 429 -4.02 28.97 -1.62
N CYS C 430 -4.19 30.29 -1.79
CA CYS C 430 -3.19 31.22 -1.29
C CYS C 430 -2.93 31.00 0.19
N CYS C 431 -3.98 30.94 1.00
CA CYS C 431 -3.83 30.72 2.43
C CYS C 431 -3.29 29.33 2.72
N VAL C 432 -3.82 28.31 2.05
CA VAL C 432 -3.41 26.93 2.34
C VAL C 432 -1.97 26.65 1.95
N ALA C 433 -1.42 27.43 1.02
CA ALA C 433 -0.08 27.15 0.52
C ALA C 433 1.00 27.54 1.50
N VAL C 434 0.82 28.61 2.28
CA VAL C 434 1.84 28.99 3.25
C VAL C 434 1.93 27.92 4.35
N ILE C 435 0.79 27.42 4.81
CA ILE C 435 0.80 26.33 5.79
C ILE C 435 1.48 25.11 5.20
N TYR C 436 1.13 24.77 3.96
CA TYR C 436 1.73 23.60 3.32
C TYR C 436 3.24 23.75 3.20
N LEU C 437 3.72 24.92 2.78
CA LEU C 437 5.15 25.15 2.61
C LEU C 437 5.87 25.12 3.95
N GLY C 438 5.28 25.69 5.00
CA GLY C 438 5.87 25.60 6.31
C GLY C 438 6.03 24.15 6.75
N TYR C 439 4.98 23.35 6.57
CA TYR C 439 5.08 21.93 6.89
C TYR C 439 6.16 21.26 6.06
N CYS C 440 6.23 21.59 4.77
CA CYS C 440 7.19 20.96 3.89
C CYS C 440 8.62 21.22 4.36
N PHE C 441 8.96 22.48 4.64
CA PHE C 441 10.31 22.79 5.10
C PHE C 441 10.61 22.14 6.45
N CYS C 442 9.67 22.22 7.38
CA CYS C 442 9.84 21.62 8.68
C CYS C 442 10.14 20.14 8.54
N GLY C 443 9.28 19.40 7.82
CA GLY C 443 9.48 17.97 7.65
C GLY C 443 10.78 17.66 6.93
N TRP C 444 11.11 18.43 5.90
CA TRP C 444 12.32 18.16 5.14
C TRP C 444 13.56 18.26 6.01
N ILE C 445 13.65 19.26 6.86
CA ILE C 445 14.89 19.39 7.62
C ILE C 445 14.88 18.54 8.89
N VAL C 446 13.76 18.49 9.60
CA VAL C 446 13.75 17.76 10.85
C VAL C 446 13.72 16.26 10.62
N LEU C 447 12.83 15.79 9.73
CA LEU C 447 12.60 14.37 9.55
C LEU C 447 13.38 13.76 8.40
N GLY C 448 13.89 14.57 7.46
CA GLY C 448 14.60 14.05 6.32
C GLY C 448 15.77 13.15 6.63
N PRO C 449 16.60 13.48 7.62
CA PRO C 449 17.69 12.56 8.00
C PRO C 449 17.20 11.20 8.49
N TYR C 450 16.03 11.13 9.10
CA TYR C 450 15.54 9.90 9.71
C TYR C 450 14.49 9.17 8.87
N HIS C 451 13.70 9.90 8.09
CA HIS C 451 12.57 9.33 7.38
C HIS C 451 12.89 9.22 5.89
N VAL C 452 12.73 8.00 5.34
CA VAL C 452 13.09 7.73 3.91
C VAL C 452 12.16 8.46 2.94
N LYS C 453 10.96 8.87 3.37
CA LYS C 453 10.05 9.62 2.52
C LYS C 453 10.25 11.13 2.62
N PHE C 454 11.16 11.60 3.46
CA PHE C 454 11.41 13.03 3.62
C PHE C 454 12.82 13.41 3.19
N ARG C 455 13.44 12.63 2.31
CA ARG C 455 14.85 12.83 1.99
C ARG C 455 15.09 14.17 1.31
N SER C 456 14.23 14.52 0.34
CA SER C 456 14.40 15.73 -0.45
C SER C 456 13.12 16.54 -0.43
N LEU C 457 13.22 17.78 -0.92
CA LEU C 457 12.06 18.67 -0.91
C LEU C 457 10.94 18.13 -1.80
N SER C 458 11.26 17.68 -3.00
CA SER C 458 10.24 17.13 -3.87
C SER C 458 9.62 15.87 -3.26
N MET C 459 10.45 15.04 -2.64
CA MET C 459 9.93 13.85 -1.97
C MET C 459 9.03 14.22 -0.81
N VAL C 460 9.40 15.24 -0.04
CA VAL C 460 8.54 15.69 1.06
C VAL C 460 7.21 16.17 0.53
N SER C 461 7.23 16.95 -0.56
CA SER C 461 5.98 17.42 -1.14
C SER C 461 5.11 16.26 -1.61
N GLU C 462 5.72 15.27 -2.26
CA GLU C 462 4.94 14.11 -2.69
C GLU C 462 4.34 13.38 -1.49
N CYS C 463 5.13 13.21 -0.43
CA CYS C 463 4.63 12.55 0.78
C CYS C 463 3.44 13.31 1.36
N LEU C 464 3.57 14.63 1.53
CA LEU C 464 2.50 15.39 2.15
C LEU C 464 1.26 15.43 1.27
N PHE C 465 1.44 15.55 -0.04
CA PHE C 465 0.32 15.58 -0.97
C PHE C 465 -0.42 14.25 -0.95
N SER C 466 0.31 13.14 -0.93
CA SER C 466 -0.34 11.84 -0.84
C SER C 466 -1.01 11.64 0.51
N LEU C 467 -0.43 12.19 1.58
CA LEU C 467 -1.07 12.11 2.89
C LEU C 467 -2.38 12.89 2.90
N ILE C 468 -2.44 14.02 2.21
CA ILE C 468 -3.67 14.78 2.14
C ILE C 468 -4.79 13.93 1.56
N ASN C 469 -4.46 13.10 0.56
CA ASN C 469 -5.41 12.20 -0.06
C ASN C 469 -5.48 10.84 0.64
N GLY C 470 -4.96 10.75 1.86
CA GLY C 470 -5.10 9.55 2.67
C GLY C 470 -4.27 8.37 2.24
N ASP C 471 -3.16 8.61 1.54
CA ASP C 471 -2.37 7.54 0.94
C ASP C 471 -1.09 7.30 1.73
N ASP C 472 -0.76 6.01 1.93
CA ASP C 472 0.48 5.58 2.58
C ASP C 472 0.63 6.17 3.99
N MET C 473 -0.49 6.30 4.70
CA MET C 473 -0.47 6.87 6.05
C MET C 473 0.29 5.97 7.01
N PHE C 474 -0.15 4.71 7.16
CA PHE C 474 0.44 3.85 8.17
C PHE C 474 1.90 3.58 7.89
N VAL C 475 2.28 3.47 6.60
CA VAL C 475 3.69 3.28 6.27
C VAL C 475 4.50 4.49 6.71
N THR C 476 3.94 5.69 6.59
CA THR C 476 4.62 6.89 7.05
C THR C 476 4.84 6.85 8.56
N PHE C 477 3.82 6.47 9.32
CA PHE C 477 4.01 6.33 10.77
C PHE C 477 5.01 5.23 11.11
N ALA C 478 4.93 4.10 10.40
CA ALA C 478 5.76 2.95 10.73
C ALA C 478 7.23 3.19 10.43
N ALA C 479 7.54 4.03 9.43
CA ALA C 479 8.93 4.36 9.16
C ALA C 479 9.58 4.95 10.40
N MET C 480 8.87 5.86 11.08
CA MET C 480 9.40 6.43 12.32
C MET C 480 9.29 5.47 13.49
N GLN C 481 8.28 4.59 13.49
CA GLN C 481 8.18 3.60 14.55
C GLN C 481 9.40 2.67 14.56
N ALA C 482 9.83 2.21 13.39
CA ALA C 482 10.82 1.15 13.32
C ALA C 482 12.14 1.58 13.95
N GLN C 483 12.57 2.81 13.67
CA GLN C 483 13.88 3.30 14.18
C GLN C 483 13.70 4.19 15.41
N GLN C 484 12.47 4.66 15.66
CA GLN C 484 12.16 5.57 16.81
C GLN C 484 12.95 6.88 16.67
N GLY C 485 13.49 7.14 15.48
CA GLY C 485 14.31 8.35 15.25
C GLY C 485 15.56 8.35 16.11
N HIS C 486 15.94 7.19 16.67
CA HIS C 486 17.12 7.07 17.56
C HIS C 486 17.10 8.17 18.62
N SER C 487 15.91 8.69 18.94
CA SER C 487 15.78 9.77 19.91
C SER C 487 14.29 9.92 20.14
N SER C 488 13.84 9.69 21.37
CA SER C 488 12.41 9.79 21.65
C SER C 488 11.88 11.17 21.31
N LEU C 489 12.73 12.20 21.39
CA LEU C 489 12.28 13.55 21.06
C LEU C 489 11.90 13.66 19.59
N VAL C 490 12.71 13.10 18.70
CA VAL C 490 12.38 13.14 17.29
C VAL C 490 11.11 12.33 17.00
N TRP C 491 10.97 11.17 17.64
CA TRP C 491 9.77 10.36 17.44
C TRP C 491 8.52 11.11 17.89
N LEU C 492 8.58 11.75 19.05
CA LEU C 492 7.44 12.51 19.56
C LEU C 492 7.11 13.68 18.63
N PHE C 493 8.15 14.37 18.15
CA PHE C 493 7.91 15.45 17.22
C PHE C 493 7.23 14.94 15.95
N SER C 494 7.69 13.80 15.43
CA SER C 494 7.08 13.25 14.23
C SER C 494 5.63 12.88 14.48
N GLN C 495 5.33 12.34 15.66
CA GLN C 495 3.94 12.05 16.01
C GLN C 495 3.09 13.30 15.92
N LEU C 496 3.51 14.37 16.60
CA LEU C 496 2.75 15.60 16.57
C LEU C 496 2.64 16.15 15.16
N TYR C 497 3.74 16.14 14.42
CA TYR C 497 3.77 16.65 13.06
C TYR C 497 2.78 15.92 12.17
N LEU C 498 2.83 14.60 12.15
CA LEU C 498 1.98 13.83 11.27
C LEU C 498 0.52 13.92 11.67
N TYR C 499 0.23 13.77 12.95
CA TYR C 499 -1.16 13.86 13.39
C TYR C 499 -1.75 15.22 13.06
N SER C 500 -1.02 16.30 13.36
CA SER C 500 -1.56 17.63 13.11
C SER C 500 -1.73 17.88 11.62
N PHE C 501 -0.73 17.54 10.81
CA PHE C 501 -0.87 17.76 9.38
C PHE C 501 -2.04 16.99 8.81
N ILE C 502 -2.11 15.69 9.12
CA ILE C 502 -3.17 14.86 8.55
C ILE C 502 -4.53 15.38 8.97
N SER C 503 -4.71 15.65 10.26
CA SER C 503 -6.02 16.08 10.72
C SER C 503 -6.41 17.41 10.06
N LEU C 504 -5.52 18.39 10.14
CA LEU C 504 -5.83 19.70 9.55
C LEU C 504 -6.19 19.57 8.08
N PHE C 505 -5.32 18.94 7.29
CA PHE C 505 -5.51 19.01 5.85
C PHE C 505 -6.63 18.09 5.36
N ILE C 506 -6.78 16.90 5.95
CA ILE C 506 -7.86 16.04 5.50
C ILE C 506 -9.22 16.58 5.95
N TYR C 507 -9.34 17.01 7.21
CA TYR C 507 -10.66 17.32 7.72
C TYR C 507 -11.09 18.77 7.54
N MET C 508 -10.17 19.71 7.57
CA MET C 508 -10.57 21.09 7.36
C MET C 508 -10.28 21.58 5.97
N VAL C 509 -9.03 21.52 5.53
CA VAL C 509 -8.64 22.08 4.24
C VAL C 509 -9.42 21.41 3.11
N LEU C 510 -9.41 20.08 3.07
CA LEU C 510 -10.06 19.38 1.98
C LEU C 510 -11.58 19.53 2.03
N SER C 511 -12.15 19.50 3.24
CA SER C 511 -13.58 19.73 3.38
C SER C 511 -13.98 21.10 2.85
N LEU C 512 -13.20 22.12 3.16
CA LEU C 512 -13.51 23.47 2.70
C LEU C 512 -13.32 23.60 1.20
N PHE C 513 -12.27 22.98 0.66
CA PHE C 513 -12.03 22.99 -0.77
C PHE C 513 -13.21 22.38 -1.53
N ILE C 514 -13.64 21.22 -1.08
CA ILE C 514 -14.74 20.54 -1.74
C ILE C 514 -16.00 21.40 -1.60
N ALA C 515 -16.22 21.98 -0.42
CA ALA C 515 -17.41 22.80 -0.22
C ALA C 515 -17.43 23.98 -1.19
N LEU C 516 -16.27 24.59 -1.43
CA LEU C 516 -16.21 25.68 -2.41
C LEU C 516 -16.56 25.19 -3.80
N ILE C 517 -16.02 24.03 -4.20
CA ILE C 517 -16.28 23.54 -5.55
C ILE C 517 -17.76 23.21 -5.73
N THR C 518 -18.34 22.49 -4.77
CA THR C 518 -19.75 22.13 -4.88
C THR C 518 -20.66 23.36 -4.74
N GLY C 519 -20.22 24.39 -4.02
CA GLY C 519 -21.00 25.62 -3.99
C GLY C 519 -21.01 26.31 -5.35
N ALA C 520 -19.90 26.27 -6.05
CA ALA C 520 -19.87 26.83 -7.39
C ALA C 520 -20.78 26.05 -8.30
N TYR C 521 -20.76 24.72 -8.18
CA TYR C 521 -21.67 23.91 -8.97
C TYR C 521 -23.13 24.26 -8.65
N ASP C 522 -23.46 24.40 -7.38
CA ASP C 522 -24.82 24.78 -7.00
C ASP C 522 -25.19 26.12 -7.61
N THR C 523 -24.23 27.03 -7.74
CA THR C 523 -24.49 28.31 -8.37
C THR C 523 -24.80 28.15 -9.85
N ILE C 524 -24.12 27.25 -10.57
CA ILE C 524 -24.42 27.15 -11.99
C ILE C 524 -25.54 26.16 -12.29
N LYS C 525 -25.82 25.25 -11.37
CA LYS C 525 -26.94 24.36 -11.61
C LYS C 525 -28.24 25.13 -11.48
N HIS C 526 -29.07 25.08 -12.51
CA HIS C 526 -30.33 25.81 -12.50
C HIS C 526 -31.23 25.54 -11.28
N PRO C 527 -31.38 24.27 -10.84
CA PRO C 527 -32.17 24.10 -9.62
C PRO C 527 -31.61 24.93 -8.46
N ASP D 40 -14.89 61.85 24.14
CA ASP D 40 -14.68 60.42 24.33
C ASP D 40 -15.25 59.61 23.16
N LEU D 41 -14.95 60.05 21.94
CA LEU D 41 -15.41 59.33 20.74
C LEU D 41 -14.62 58.04 20.55
N ARG D 42 -13.37 58.02 20.99
CA ARG D 42 -12.54 56.82 20.95
C ARG D 42 -12.41 56.29 19.51
N ARG D 43 -12.05 57.18 18.59
CA ARG D 43 -11.64 56.70 17.27
C ARG D 43 -10.37 55.87 17.35
N ARG D 44 -9.61 55.99 18.44
CA ARG D 44 -8.46 55.13 18.66
C ARG D 44 -8.88 53.67 18.67
N LEU D 45 -9.99 53.35 19.34
CA LEU D 45 -10.48 51.98 19.31
C LEU D 45 -10.87 51.56 17.90
N LYS D 46 -11.18 52.53 17.04
CA LYS D 46 -11.39 52.22 15.63
C LYS D 46 -10.06 51.97 14.91
N TYR D 47 -9.04 52.78 15.21
CA TYR D 47 -7.74 52.62 14.58
C TYR D 47 -7.00 51.38 15.07
N PHE D 48 -7.42 50.81 16.19
CA PHE D 48 -6.75 49.62 16.71
C PHE D 48 -7.08 48.40 15.86
N PHE D 49 -8.35 48.22 15.52
CA PHE D 49 -8.81 47.07 14.73
C PHE D 49 -8.80 47.38 13.24
N MET D 50 -7.68 47.88 12.74
CA MET D 50 -7.58 48.34 11.36
C MET D 50 -6.52 47.54 10.60
N SER D 51 -6.82 47.23 9.35
CA SER D 51 -5.85 46.56 8.50
C SER D 51 -4.65 47.47 8.27
N PRO D 52 -3.45 46.88 8.08
CA PRO D 52 -2.27 47.72 7.89
C PRO D 52 -2.42 48.73 6.76
N CYS D 53 -3.08 48.34 5.66
CA CYS D 53 -3.37 49.30 4.61
C CYS D 53 -4.27 50.42 5.12
N ASP D 54 -5.30 50.07 5.88
CA ASP D 54 -6.14 51.11 6.45
C ASP D 54 -5.38 51.87 7.54
N LYS D 55 -4.54 51.17 8.31
CA LYS D 55 -3.76 51.87 9.33
C LYS D 55 -2.81 52.88 8.71
N PHE D 56 -2.44 52.69 7.44
CA PHE D 56 -1.52 53.62 6.78
C PHE D 56 -2.26 54.71 6.01
N ARG D 57 -3.36 54.36 5.35
CA ARG D 57 -4.16 55.39 4.68
C ARG D 57 -4.73 56.38 5.69
N ALA D 58 -5.01 55.89 6.90
CA ALA D 58 -5.49 56.78 7.96
C ALA D 58 -4.39 57.54 8.71
N LYS D 59 -3.31 56.90 9.12
CA LYS D 59 -2.36 57.61 9.97
C LYS D 59 -0.95 57.69 9.48
N GLY D 60 -0.72 57.54 8.18
CA GLY D 60 0.67 57.51 7.77
C GLY D 60 1.55 56.54 8.54
N ARG D 61 1.12 55.30 8.67
CA ARG D 61 1.89 54.31 9.49
C ARG D 61 2.52 53.26 8.57
N LYS D 62 3.85 53.23 8.48
CA LYS D 62 4.53 52.17 7.67
C LYS D 62 4.27 50.80 8.31
N PRO D 63 3.81 49.78 7.55
CA PRO D 63 3.57 48.43 8.09
C PRO D 63 4.89 47.71 8.43
N CYS D 64 5.54 48.11 9.51
CA CYS D 64 6.83 47.52 9.90
C CYS D 64 6.70 46.03 10.18
N LYS D 65 5.65 45.63 10.92
CA LYS D 65 5.49 44.22 11.24
C LYS D 65 5.27 43.39 9.99
N LEU D 66 4.47 43.88 9.04
CA LEU D 66 4.24 43.13 7.81
C LEU D 66 5.54 42.91 7.05
N MET D 67 6.37 43.95 6.96
CA MET D 67 7.65 43.81 6.27
C MET D 67 8.59 42.87 7.02
N LEU D 68 8.58 42.91 8.34
CA LEU D 68 9.43 42.02 9.12
C LEU D 68 9.06 40.57 8.88
N GLN D 69 7.77 40.26 8.76
CA GLN D 69 7.33 38.88 8.61
C GLN D 69 7.95 38.25 7.36
N VAL D 70 7.93 38.97 6.24
CA VAL D 70 8.50 38.44 5.01
C VAL D 70 10.00 38.20 5.17
N VAL D 71 10.71 39.22 5.65
CA VAL D 71 12.14 39.09 5.87
C VAL D 71 12.42 38.01 6.90
N LYS D 72 11.62 37.98 7.98
CA LYS D 72 11.79 36.95 8.99
C LYS D 72 11.56 35.57 8.39
N ILE D 73 10.54 35.42 7.54
CA ILE D 73 10.27 34.14 6.87
C ILE D 73 11.51 33.72 6.13
N LEU D 74 12.04 34.61 5.30
CA LEU D 74 13.18 34.28 4.46
C LEU D 74 14.38 33.87 5.30
N VAL D 75 14.74 34.68 6.30
CA VAL D 75 15.96 34.42 7.05
C VAL D 75 15.81 33.16 7.89
N VAL D 76 14.63 32.94 8.47
CA VAL D 76 14.45 31.75 9.30
C VAL D 76 14.50 30.48 8.45
N THR D 77 13.88 30.50 7.27
CA THR D 77 13.94 29.33 6.40
C THR D 77 15.38 29.07 5.94
N VAL D 78 16.10 30.12 5.57
CA VAL D 78 17.49 29.94 5.15
C VAL D 78 18.32 29.36 6.29
N GLN D 79 18.13 29.87 7.51
CA GLN D 79 18.86 29.35 8.65
C GLN D 79 18.54 27.89 8.89
N LEU D 80 17.27 27.52 8.73
CA LEU D 80 16.86 26.14 8.93
C LEU D 80 17.58 25.23 7.94
N ILE D 81 17.62 25.62 6.68
CA ILE D 81 18.31 24.80 5.67
C ILE D 81 19.80 24.71 5.97
N LEU D 82 20.42 25.83 6.33
CA LEU D 82 21.85 25.83 6.62
C LEU D 82 22.17 24.90 7.77
N PHE D 83 21.37 24.94 8.84
CA PHE D 83 21.57 24.01 9.94
C PHE D 83 21.36 22.57 9.47
N GLY D 84 20.36 22.35 8.62
CA GLY D 84 20.06 21.01 8.16
C GLY D 84 21.22 20.36 7.46
N LEU D 85 22.02 21.14 6.75
CA LEU D 85 23.22 20.57 6.13
C LEU D 85 24.05 19.77 7.13
N SER D 86 24.53 20.44 8.19
CA SER D 86 25.36 19.76 9.18
C SER D 86 24.58 18.72 9.99
N ASN D 87 23.29 18.98 10.25
CA ASN D 87 22.49 18.00 10.97
C ASN D 87 22.43 16.67 10.20
N GLN D 88 22.19 16.76 8.89
CA GLN D 88 22.17 15.58 8.05
C GLN D 88 23.52 14.89 8.05
N LEU D 89 24.60 15.66 7.98
CA LEU D 89 25.92 15.05 8.03
C LEU D 89 26.09 14.21 9.29
N VAL D 90 25.69 14.76 10.44
CA VAL D 90 25.85 14.06 11.71
C VAL D 90 25.02 12.77 11.73
N VAL D 91 23.75 12.87 11.34
CA VAL D 91 22.87 11.72 11.41
C VAL D 91 23.36 10.61 10.48
N THR D 92 23.77 10.98 9.27
CA THR D 92 24.29 9.99 8.34
C THR D 92 25.49 9.31 8.96
N PHE D 93 26.45 10.10 9.47
CA PHE D 93 27.64 9.49 10.05
C PHE D 93 27.25 8.40 11.06
N ARG D 94 26.34 8.74 11.97
CA ARG D 94 25.96 7.77 13.00
C ARG D 94 25.35 6.52 12.38
N GLU D 95 24.39 6.70 11.47
CA GLU D 95 23.69 5.56 10.88
C GLU D 95 24.62 4.67 10.05
N GLU D 96 25.47 5.29 9.23
CA GLU D 96 26.39 4.53 8.40
C GLU D 96 27.38 3.74 9.24
N ASN D 97 27.89 4.34 10.32
CA ASN D 97 28.77 3.60 11.20
C ASN D 97 28.06 2.41 11.83
N THR D 98 26.80 2.59 12.23
CA THR D 98 26.07 1.47 12.83
C THR D 98 25.92 0.33 11.83
N ILE D 99 25.58 0.64 10.58
CA ILE D 99 25.45 -0.42 9.57
C ILE D 99 26.79 -1.11 9.37
N ALA D 100 27.87 -0.33 9.32
CA ALA D 100 29.20 -0.92 9.15
C ALA D 100 29.51 -1.87 10.30
N PHE D 101 29.17 -1.49 11.52
CA PHE D 101 29.40 -2.35 12.68
C PHE D 101 28.61 -3.65 12.55
N ARG D 102 27.36 -3.55 12.09
CA ARG D 102 26.55 -4.76 11.95
C ARG D 102 27.17 -5.70 10.91
N HIS D 103 27.73 -5.15 9.84
CA HIS D 103 28.38 -6.02 8.86
C HIS D 103 29.73 -6.54 9.34
N LEU D 104 30.41 -5.81 10.23
CA LEU D 104 31.72 -6.23 10.68
C LEU D 104 31.64 -7.28 11.79
N PHE D 105 30.64 -7.20 12.66
CA PHE D 105 30.64 -7.99 13.89
C PHE D 105 29.57 -9.07 13.95
N LEU D 106 28.53 -9.01 13.11
CA LEU D 106 27.44 -9.97 13.17
C LEU D 106 27.67 -11.02 12.09
N LEU D 107 27.93 -12.26 12.51
CA LEU D 107 28.26 -13.33 11.58
C LEU D 107 27.11 -13.61 10.63
N GLY D 108 27.41 -13.58 9.34
CA GLY D 108 26.40 -13.85 8.33
C GLY D 108 25.33 -12.79 8.21
N TYR D 109 25.57 -11.60 8.75
CA TYR D 109 24.56 -10.54 8.68
C TYR D 109 24.32 -10.14 7.23
N SER D 110 23.06 -9.85 6.91
CA SER D 110 22.70 -9.33 5.61
C SER D 110 21.66 -8.24 5.79
N ASP D 111 21.71 -7.25 4.91
CA ASP D 111 20.85 -6.07 5.06
C ASP D 111 19.38 -6.48 5.00
N GLY D 112 18.59 -5.88 5.89
CA GLY D 112 17.16 -6.08 5.92
C GLY D 112 16.69 -7.14 6.90
N SER D 113 17.57 -8.03 7.34
CA SER D 113 17.17 -9.12 8.25
C SER D 113 17.39 -8.74 9.71
N ASP D 114 17.12 -7.50 10.08
CA ASP D 114 17.41 -7.05 11.44
C ASP D 114 16.46 -7.64 12.47
N ASP D 115 15.21 -7.91 12.09
CA ASP D 115 14.22 -8.41 13.03
C ASP D 115 14.16 -9.93 13.11
N THR D 116 14.71 -10.64 12.12
CA THR D 116 14.72 -12.09 12.12
C THR D 116 16.10 -12.67 12.37
N PHE D 117 17.12 -11.84 12.54
CA PHE D 117 18.48 -12.32 12.76
C PHE D 117 18.55 -13.00 14.12
N ALA D 118 18.90 -14.29 14.13
CA ALA D 118 18.86 -15.06 15.37
C ALA D 118 19.65 -16.35 15.20
N ALA D 119 19.99 -16.95 16.34
CA ALA D 119 20.65 -18.25 16.38
C ALA D 119 19.66 -19.31 16.86
N TYR D 120 19.79 -20.52 16.32
CA TYR D 120 18.91 -21.62 16.68
C TYR D 120 19.66 -22.85 17.15
N THR D 121 20.99 -22.79 17.24
CA THR D 121 21.80 -23.93 17.58
C THR D 121 22.93 -23.47 18.50
N GLN D 122 23.39 -24.37 19.36
CA GLN D 122 24.50 -24.03 20.25
C GLN D 122 25.75 -23.66 19.46
N GLU D 123 26.04 -24.42 18.41
CA GLU D 123 27.18 -24.13 17.57
C GLU D 123 27.04 -22.75 16.93
N GLN D 124 25.84 -22.42 16.43
CA GLN D 124 25.64 -21.11 15.81
C GLN D 124 25.90 -19.98 16.80
N LEU D 125 25.42 -20.12 18.03
CA LEU D 125 25.64 -19.09 19.04
C LEU D 125 27.12 -18.93 19.35
N TYR D 126 27.82 -20.05 19.54
CA TYR D 126 29.25 -19.98 19.81
C TYR D 126 29.99 -19.31 18.66
N GLN D 127 29.64 -19.69 17.42
CA GLN D 127 30.31 -19.13 16.26
C GLN D 127 30.06 -17.63 16.15
N ALA D 128 28.83 -17.20 16.42
CA ALA D 128 28.53 -15.76 16.36
C ALA D 128 29.33 -14.98 17.41
N ILE D 129 29.36 -15.49 18.64
CA ILE D 129 30.08 -14.80 19.70
C ILE D 129 31.57 -14.69 19.35
N PHE D 130 32.16 -15.82 18.95
CA PHE D 130 33.58 -15.83 18.65
C PHE D 130 33.90 -14.99 17.42
N TYR D 131 32.99 -14.95 16.43
CA TYR D 131 33.19 -14.09 15.28
C TYR D 131 33.22 -12.63 15.70
N ALA D 132 32.28 -12.22 16.55
CA ALA D 132 32.30 -10.83 17.02
C ALA D 132 33.63 -10.50 17.69
N VAL D 133 34.09 -11.37 18.58
CA VAL D 133 35.32 -11.06 19.31
C VAL D 133 36.53 -11.04 18.36
N ASP D 134 36.60 -12.02 17.46
CA ASP D 134 37.73 -12.09 16.53
C ASP D 134 37.77 -10.86 15.64
N GLN D 135 36.64 -10.43 15.10
CA GLN D 135 36.58 -9.24 14.26
C GLN D 135 36.99 -8.01 15.06
N TYR D 136 36.57 -7.92 16.30
CA TYR D 136 37.04 -6.81 17.14
C TYR D 136 38.56 -6.84 17.26
N LEU D 137 39.13 -8.04 17.42
CA LEU D 137 40.56 -8.14 17.67
C LEU D 137 41.39 -7.79 16.45
N ILE D 138 40.84 -7.97 15.25
CA ILE D 138 41.60 -7.64 14.03
C ILE D 138 41.07 -6.40 13.32
N LEU D 139 40.14 -5.67 13.93
CA LEU D 139 39.55 -4.48 13.31
C LEU D 139 40.52 -3.60 12.51
N PRO D 140 41.65 -3.15 13.05
CA PRO D 140 42.48 -2.20 12.29
C PRO D 140 42.94 -2.72 10.95
N GLU D 141 43.13 -4.03 10.80
CA GLU D 141 43.63 -4.58 9.55
C GLU D 141 42.55 -4.75 8.48
N ILE D 142 41.27 -4.70 8.85
CA ILE D 142 40.18 -5.01 7.92
C ILE D 142 39.26 -3.82 7.70
N SER D 143 39.00 -3.02 8.73
CA SER D 143 37.96 -2.02 8.64
C SER D 143 38.32 -0.95 7.60
N LEU D 144 37.31 -0.51 6.85
CA LEU D 144 37.48 0.58 5.92
C LEU D 144 37.52 1.92 6.65
N GLY D 145 36.76 2.06 7.72
CA GLY D 145 36.88 3.22 8.57
C GLY D 145 38.11 3.16 9.46
N ARG D 146 38.53 4.31 9.93
CA ARG D 146 39.69 4.42 10.81
C ARG D 146 39.18 4.49 12.24
N TYR D 147 39.19 3.36 12.93
CA TYR D 147 38.67 3.26 14.28
C TYR D 147 39.82 3.13 15.26
N ALA D 148 39.66 3.71 16.44
CA ALA D 148 40.59 3.56 17.54
C ALA D 148 39.91 2.80 18.67
N TYR D 149 40.67 1.92 19.32
CA TYR D 149 40.16 1.25 20.51
C TYR D 149 40.04 2.25 21.65
N VAL D 150 39.27 1.88 22.66
CA VAL D 150 39.08 2.68 23.85
C VAL D 150 39.44 1.81 25.04
N ARG D 151 40.65 1.99 25.58
CA ARG D 151 41.09 1.18 26.71
C ARG D 151 40.28 1.54 27.95
N GLY D 152 39.68 0.53 28.57
CA GLY D 152 38.77 0.75 29.67
C GLY D 152 37.35 1.05 29.25
N GLY D 153 37.03 0.95 27.97
CA GLY D 153 35.70 1.21 27.47
C GLY D 153 34.75 0.03 27.53
N GLY D 154 35.18 -1.10 28.09
CA GLY D 154 34.35 -2.28 28.12
C GLY D 154 33.11 -2.17 28.96
N GLY D 155 32.99 -1.11 29.75
CA GLY D 155 31.80 -0.90 30.56
C GLY D 155 32.02 -1.28 32.01
N PRO D 156 30.92 -1.31 32.78
CA PRO D 156 31.05 -1.59 34.22
C PRO D 156 31.59 -2.97 34.52
N TRP D 157 31.34 -3.92 33.65
CA TRP D 157 31.77 -5.28 33.90
C TRP D 157 33.19 -5.44 33.41
N ALA D 158 33.66 -4.51 32.60
CA ALA D 158 35.07 -4.58 32.22
C ALA D 158 35.88 -3.83 33.22
N ASN D 159 36.68 -4.57 33.98
CA ASN D 159 37.51 -3.95 35.01
C ASN D 159 38.75 -3.36 34.32
N GLY D 160 38.52 -2.25 33.62
CA GLY D 160 39.57 -1.60 32.87
C GLY D 160 39.85 -2.19 31.51
N SER D 161 39.09 -3.22 31.13
CA SER D 161 39.31 -3.89 29.83
C SER D 161 38.59 -3.14 28.71
N ALA D 162 39.03 -3.33 27.46
CA ALA D 162 38.39 -2.68 26.32
C ALA D 162 37.10 -3.39 25.92
N LEU D 163 37.13 -4.71 25.97
CA LEU D 163 35.95 -5.51 25.62
C LEU D 163 35.51 -6.38 26.78
N ALA D 164 34.21 -6.38 27.05
CA ALA D 164 33.63 -7.25 28.06
C ALA D 164 32.65 -8.20 27.39
N LEU D 165 32.77 -9.48 27.70
CA LEU D 165 31.91 -10.52 27.15
C LEU D 165 31.19 -11.19 28.31
N CYS D 166 29.99 -10.71 28.65
CA CYS D 166 29.28 -11.15 29.83
C CYS D 166 28.16 -12.11 29.47
N GLN D 167 28.04 -13.18 30.25
CA GLN D 167 26.89 -14.08 30.19
C GLN D 167 26.16 -14.01 31.52
N ARG D 168 24.83 -13.94 31.46
CA ARG D 168 24.00 -13.82 32.65
C ARG D 168 23.08 -15.02 32.74
N TYR D 169 23.06 -15.66 33.91
CA TYR D 169 22.25 -16.85 34.11
C TYR D 169 21.68 -16.83 35.52
N TYR D 170 20.65 -17.64 35.73
CA TYR D 170 20.04 -17.76 37.04
C TYR D 170 21.05 -18.33 38.03
N HIS D 171 20.98 -17.86 39.28
CA HIS D 171 21.88 -18.38 40.30
C HIS D 171 21.74 -19.88 40.43
N ARG D 172 20.50 -20.36 40.49
CA ARG D 172 20.21 -21.80 40.46
C ARG D 172 19.18 -22.05 39.37
N GLY D 173 19.46 -23.03 38.51
CA GLY D 173 18.50 -23.44 37.51
C GLY D 173 18.60 -24.93 37.22
N HIS D 174 17.50 -25.65 37.44
CA HIS D 174 17.47 -27.10 37.30
C HIS D 174 16.29 -27.53 36.45
N VAL D 175 16.14 -26.91 35.28
CA VAL D 175 15.04 -27.24 34.39
C VAL D 175 15.13 -28.71 33.99
N ASP D 176 14.07 -29.46 34.28
CA ASP D 176 14.01 -30.89 33.97
C ASP D 176 12.63 -31.21 33.40
N PRO D 177 12.37 -30.82 32.15
CA PRO D 177 11.03 -31.04 31.58
C PRO D 177 10.64 -32.50 31.51
N ALA D 178 11.60 -33.42 31.48
CA ALA D 178 11.26 -34.83 31.43
C ALA D 178 10.48 -35.26 32.67
N ASN D 179 10.86 -34.74 33.83
CA ASN D 179 10.12 -35.06 35.04
C ASN D 179 9.15 -33.95 35.41
N ASP D 180 8.93 -32.99 34.50
CA ASP D 180 7.97 -31.92 34.73
C ASP D 180 8.30 -31.14 35.99
N THR D 181 9.61 -31.06 36.27
CA THR D 181 10.10 -30.47 37.50
C THR D 181 11.18 -29.42 37.25
N PHE D 182 11.21 -28.39 38.08
CA PHE D 182 12.27 -27.39 38.00
C PHE D 182 12.57 -26.85 39.39
N ASP D 183 13.73 -26.24 39.56
CA ASP D 183 14.12 -25.61 40.81
C ASP D 183 14.93 -24.37 40.47
N ILE D 184 14.32 -23.20 40.62
CA ILE D 184 14.89 -21.96 40.11
C ILE D 184 15.17 -21.01 41.26
N ASP D 185 16.37 -20.45 41.28
CA ASP D 185 16.68 -19.27 42.08
C ASP D 185 16.85 -18.12 41.11
N PRO D 186 15.85 -17.26 40.93
CA PRO D 186 15.88 -16.32 39.79
C PRO D 186 16.85 -15.15 39.97
N ARG D 187 17.69 -15.22 40.99
CA ARG D 187 18.77 -14.24 41.11
C ARG D 187 19.68 -14.32 39.90
N VAL D 188 20.06 -13.16 39.37
CA VAL D 188 20.85 -13.08 38.15
C VAL D 188 22.33 -13.02 38.52
N VAL D 189 23.12 -13.90 37.92
CA VAL D 189 24.56 -13.95 38.12
C VAL D 189 25.23 -13.49 36.83
N THR D 190 26.14 -12.54 36.96
CA THR D 190 26.88 -12.00 35.81
C THR D 190 28.31 -12.53 35.85
N ASP D 191 28.73 -13.17 34.75
CA ASP D 191 30.11 -13.70 34.63
C ASP D 191 30.76 -13.01 33.43
N CYS D 192 31.85 -12.26 33.64
CA CYS D 192 32.44 -11.46 32.53
C CYS D 192 33.84 -11.96 32.16
N ILE D 193 34.18 -11.90 30.86
CA ILE D 193 35.56 -12.26 30.42
C ILE D 193 36.19 -10.98 29.87
N GLN D 194 37.38 -10.61 30.32
CA GLN D 194 38.02 -9.40 29.90
C GLN D 194 38.84 -9.59 28.63
N VAL D 195 38.57 -8.81 27.60
CA VAL D 195 39.33 -8.91 26.35
C VAL D 195 40.04 -7.59 26.04
N ASP D 196 41.34 -7.64 25.83
CA ASP D 196 42.12 -6.46 25.52
C ASP D 196 42.70 -6.56 24.12
N PRO D 197 42.57 -5.53 23.29
CA PRO D 197 43.19 -5.58 21.98
C PRO D 197 44.71 -5.58 22.11
N PRO D 198 45.43 -6.12 21.13
CA PRO D 198 46.90 -6.15 21.18
C PRO D 198 47.53 -4.78 20.94
N ALA D 216 41.77 -17.00 22.57
CA ALA D 216 42.47 -16.75 23.83
C ALA D 216 41.65 -17.28 25.01
N SER D 217 41.66 -16.53 26.12
CA SER D 217 40.87 -16.91 27.27
C SER D 217 39.39 -16.91 26.93
N TYR D 218 38.93 -15.94 26.16
CA TYR D 218 37.52 -15.90 25.78
C TYR D 218 37.11 -17.11 24.96
N LYS D 219 38.07 -17.79 24.31
CA LYS D 219 37.74 -18.98 23.56
C LYS D 219 37.27 -20.12 24.46
N ASN D 220 37.65 -20.09 25.74
CA ASN D 220 37.27 -21.11 26.70
C ASN D 220 35.87 -20.91 27.25
N LEU D 221 35.11 -19.96 26.69
CA LEU D 221 33.77 -19.70 27.17
C LEU D 221 32.90 -20.94 27.12
N THR D 222 32.18 -21.20 28.22
CA THR D 222 31.19 -22.26 28.27
C THR D 222 29.87 -21.63 28.72
N LEU D 223 28.83 -21.80 27.93
CA LEU D 223 27.54 -21.17 28.17
C LEU D 223 26.62 -22.16 28.88
N LYS D 224 25.97 -21.70 29.95
CA LYS D 224 25.00 -22.51 30.67
C LYS D 224 23.65 -22.32 29.99
N PHE D 225 23.41 -23.12 28.95
CA PHE D 225 22.26 -22.90 28.08
C PHE D 225 20.94 -23.06 28.81
N HIS D 226 20.84 -24.06 29.69
CA HIS D 226 19.54 -24.36 30.30
C HIS D 226 19.06 -23.21 31.16
N LYS D 227 19.97 -22.39 31.69
CA LYS D 227 19.59 -21.28 32.56
C LYS D 227 20.12 -19.94 32.06
N LEU D 228 20.57 -19.87 30.82
CA LEU D 228 21.14 -18.65 30.28
C LEU D 228 20.05 -17.59 30.07
N ILE D 229 20.36 -16.35 30.46
CA ILE D 229 19.42 -15.25 30.29
C ILE D 229 19.82 -14.45 29.05
N ASN D 230 21.06 -13.98 29.00
CA ASN D 230 21.57 -13.35 27.79
C ASN D 230 23.09 -13.29 27.84
N VAL D 231 23.69 -13.06 26.68
CA VAL D 231 25.11 -12.79 26.54
C VAL D 231 25.25 -11.42 25.89
N THR D 232 26.19 -10.63 26.38
CA THR D 232 26.42 -9.30 25.84
C THR D 232 27.91 -9.08 25.59
N ILE D 233 28.20 -8.31 24.53
CA ILE D 233 29.60 -7.97 24.18
C ILE D 233 29.67 -6.44 24.13
N HIS D 234 30.31 -5.81 25.11
CA HIS D 234 30.37 -4.32 25.15
C HIS D 234 31.77 -3.82 24.84
N PHE D 235 31.88 -2.89 23.89
CA PHE D 235 33.20 -2.28 23.57
C PHE D 235 32.96 -0.90 22.98
N GLN D 236 34.00 -0.07 22.93
CA GLN D 236 33.84 1.30 22.39
C GLN D 236 34.84 1.54 21.27
N LEU D 237 34.47 2.34 20.27
CA LEU D 237 35.35 2.70 19.17
C LEU D 237 35.30 4.20 18.93
N LYS D 238 36.45 4.77 18.59
CA LYS D 238 36.58 6.18 18.33
C LYS D 238 36.85 6.41 16.85
N THR D 239 36.24 7.45 16.29
CA THR D 239 36.47 7.80 14.90
C THR D 239 36.17 9.28 14.73
N ILE D 240 36.67 9.84 13.63
CA ILE D 240 36.57 11.27 13.36
C ILE D 240 35.67 11.48 12.14
N ASN D 241 34.68 12.35 12.29
CA ASN D 241 33.72 12.63 11.21
C ASN D 241 34.33 13.65 10.26
N LEU D 242 35.26 13.18 9.43
CA LEU D 242 35.96 14.07 8.50
C LEU D 242 35.07 14.76 7.49
N GLN D 243 33.94 14.17 7.16
CA GLN D 243 33.11 14.73 6.09
C GLN D 243 32.62 16.13 6.44
N SER D 244 32.68 16.53 7.71
CA SER D 244 32.21 17.86 8.09
C SER D 244 33.01 18.96 7.42
N LEU D 245 34.19 18.64 6.86
CA LEU D 245 35.00 19.64 6.18
C LEU D 245 34.28 20.24 4.99
N ILE D 246 33.35 19.49 4.38
CA ILE D 246 32.64 20.03 3.22
C ILE D 246 31.78 21.21 3.61
N ASN D 247 31.33 21.26 4.85
CA ASN D 247 30.58 22.40 5.37
C ASN D 247 31.50 23.45 5.98
N ASN D 248 32.81 23.33 5.80
CA ASN D 248 33.78 24.25 6.38
C ASN D 248 33.71 24.22 7.91
N GLU D 249 33.40 23.05 8.46
CA GLU D 249 33.40 22.82 9.89
C GLU D 249 34.63 22.02 10.29
N ILE D 250 34.99 22.10 11.57
CA ILE D 250 36.08 21.32 12.13
C ILE D 250 35.50 19.97 12.56
N PRO D 251 36.06 18.85 12.08
CA PRO D 251 35.52 17.54 12.48
C PRO D 251 35.60 17.32 13.98
N ASP D 252 34.62 16.59 14.49
CA ASP D 252 34.57 16.22 15.90
C ASP D 252 35.04 14.79 16.11
N CYS D 253 35.27 14.44 17.36
CA CYS D 253 35.57 13.06 17.75
C CYS D 253 34.28 12.37 18.17
N TYR D 254 33.95 11.27 17.51
CA TYR D 254 32.78 10.47 17.86
C TYR D 254 33.23 9.22 18.59
N THR D 255 32.62 8.95 19.74
CA THR D 255 32.82 7.70 20.45
C THR D 255 31.53 6.88 20.36
N PHE D 256 31.63 5.69 19.77
CA PHE D 256 30.50 4.78 19.67
C PHE D 256 30.60 3.73 20.75
N SER D 257 29.54 3.59 21.54
CA SER D 257 29.41 2.50 22.50
C SER D 257 28.60 1.40 21.82
N ILE D 258 29.24 0.26 21.59
CA ILE D 258 28.65 -0.84 20.85
C ILE D 258 28.22 -1.92 21.84
N LEU D 259 26.95 -2.33 21.73
CA LEU D 259 26.42 -3.38 22.57
C LEU D 259 25.79 -4.46 21.70
N ILE D 260 26.34 -5.66 21.70
CA ILE D 260 25.78 -6.79 20.97
C ILE D 260 25.10 -7.70 21.98
N THR D 261 23.83 -8.01 21.74
CA THR D 261 23.03 -8.79 22.67
C THR D 261 22.57 -10.08 22.00
N PHE D 262 22.81 -11.19 22.67
CA PHE D 262 22.24 -12.49 22.31
C PHE D 262 21.20 -12.81 23.37
N ASP D 263 19.94 -12.57 23.05
CA ASP D 263 18.87 -12.52 24.04
C ASP D 263 18.19 -13.88 24.15
N ASN D 264 18.28 -14.49 25.33
CA ASN D 264 17.61 -15.75 25.62
C ASN D 264 16.57 -15.60 26.72
N LYS D 265 16.03 -14.40 26.91
CA LYS D 265 15.07 -14.20 27.98
C LYS D 265 13.78 -14.97 27.79
N ALA D 266 13.46 -15.34 26.54
CA ALA D 266 12.25 -16.10 26.27
C ALA D 266 12.44 -17.61 26.45
N HIS D 267 13.68 -18.09 26.48
CA HIS D 267 13.97 -19.51 26.66
C HIS D 267 13.19 -20.37 25.67
N SER D 268 13.09 -19.89 24.43
CA SER D 268 12.19 -20.46 23.43
C SER D 268 12.91 -21.24 22.35
N GLY D 269 14.20 -21.51 22.51
CA GLY D 269 14.96 -22.19 21.48
C GLY D 269 15.43 -21.31 20.35
N ARG D 270 15.08 -20.02 20.36
CA ARG D 270 15.51 -19.08 19.34
C ARG D 270 16.10 -17.87 20.06
N ILE D 271 17.34 -17.53 19.71
CA ILE D 271 18.06 -16.47 20.41
C ILE D 271 18.30 -15.30 19.47
N PRO D 272 17.46 -14.26 19.50
CA PRO D 272 17.69 -13.10 18.64
C PRO D 272 19.02 -12.43 18.96
N ILE D 273 19.66 -11.94 17.90
CA ILE D 273 20.94 -11.24 18.05
C ILE D 273 20.78 -9.86 17.45
N ARG D 274 21.14 -8.82 18.21
CA ARG D 274 21.03 -7.45 17.75
C ARG D 274 22.28 -6.68 18.15
N LEU D 275 22.55 -5.62 17.40
CA LEU D 275 23.64 -4.70 17.69
C LEU D 275 23.06 -3.30 17.87
N GLU D 276 23.43 -2.65 18.98
CA GLU D 276 23.00 -1.30 19.28
C GLU D 276 24.21 -0.42 19.52
N THR D 277 24.07 0.86 19.23
CA THR D 277 25.15 1.81 19.46
C THR D 277 24.61 3.05 20.16
N LYS D 278 25.45 3.64 21.01
CA LYS D 278 25.24 4.97 21.54
C LYS D 278 26.40 5.84 21.08
N THR D 279 26.11 7.09 20.76
CA THR D 279 27.10 8.01 20.21
C THR D 279 27.34 9.16 21.18
N HIS D 280 28.60 9.51 21.35
CA HIS D 280 29.00 10.66 22.15
C HIS D 280 29.92 11.53 21.31
N ILE D 281 29.53 12.79 21.10
CA ILE D 281 30.24 13.73 20.25
C ILE D 281 30.96 14.73 21.14
N GLN D 282 32.22 15.01 20.82
CA GLN D 282 32.97 16.01 21.56
C GLN D 282 34.07 16.58 20.66
N GLU D 283 34.53 17.77 21.03
CA GLU D 283 35.57 18.45 20.27
C GLU D 283 36.88 17.66 20.33
N CYS D 284 37.64 17.68 19.24
CA CYS D 284 38.94 17.04 19.22
C CYS D 284 39.93 17.85 20.03
N LYS D 285 40.88 17.16 20.66
CA LYS D 285 41.86 17.84 21.49
C LYS D 285 42.84 18.65 20.66
N HIS D 286 43.35 18.08 19.57
CA HIS D 286 44.32 18.76 18.71
C HIS D 286 43.88 18.66 17.26
N PRO D 287 42.94 19.50 16.83
CA PRO D 287 42.57 19.56 15.41
C PRO D 287 43.43 20.54 14.64
N SER D 288 43.62 20.23 13.36
CA SER D 288 44.40 21.09 12.48
C SER D 288 43.86 20.93 11.05
N VAL D 289 43.22 21.98 10.54
CA VAL D 289 42.74 21.98 9.17
C VAL D 289 43.43 23.14 8.47
N SER D 290 44.04 22.89 7.31
CA SER D 290 44.80 23.89 6.59
C SER D 290 43.93 24.93 5.90
N ARG D 291 42.62 24.73 5.85
CA ARG D 291 41.70 25.70 5.27
C ARG D 291 42.04 27.13 5.67
N SER D 296 33.44 31.45 8.05
CA SER D 296 32.19 31.58 7.33
C SER D 296 31.30 32.66 7.93
N PHE D 297 30.18 32.92 7.26
CA PHE D 297 29.22 33.92 7.70
C PHE D 297 28.13 33.35 8.60
N ARG D 298 28.23 32.07 8.96
CA ARG D 298 27.13 31.42 9.67
C ARG D 298 26.82 32.14 10.97
N LEU D 299 27.85 32.50 11.74
CA LEU D 299 27.61 33.21 12.98
C LEU D 299 26.99 34.58 12.74
N LEU D 300 27.45 35.25 11.69
CA LEU D 300 26.89 36.56 11.36
C LEU D 300 25.43 36.43 10.96
N PHE D 301 25.09 35.41 10.17
CA PHE D 301 23.71 35.20 9.77
C PHE D 301 22.83 34.85 10.96
N ASP D 302 23.36 34.06 11.91
CA ASP D 302 22.58 33.76 13.10
C ASP D 302 22.33 35.02 13.93
N VAL D 303 23.34 35.89 14.01
CA VAL D 303 23.14 37.17 14.70
C VAL D 303 22.07 37.99 13.98
N VAL D 304 22.06 37.96 12.64
CA VAL D 304 21.04 38.68 11.89
C VAL D 304 19.64 38.14 12.20
N VAL D 305 19.51 36.81 12.23
CA VAL D 305 18.23 36.20 12.54
C VAL D 305 17.78 36.60 13.94
N ILE D 306 18.71 36.58 14.90
CA ILE D 306 18.39 37.02 16.26
C ILE D 306 17.93 38.46 16.26
N LEU D 307 18.58 39.31 15.45
CA LEU D 307 18.18 40.71 15.39
C LEU D 307 16.74 40.84 14.89
N THR D 308 16.42 40.17 13.79
CA THR D 308 15.07 40.27 13.24
C THR D 308 14.04 39.76 14.23
N CYS D 309 14.32 38.63 14.87
CA CYS D 309 13.36 38.05 15.81
C CYS D 309 13.19 38.93 17.04
N SER D 310 14.28 39.53 17.54
CA SER D 310 14.17 40.44 18.68
C SER D 310 13.36 41.68 18.33
N LEU D 311 13.57 42.24 17.14
CA LEU D 311 12.78 43.40 16.74
C LEU D 311 11.30 43.05 16.65
N SER D 312 10.98 41.91 16.03
CA SER D 312 9.59 41.49 15.95
C SER D 312 8.99 41.25 17.33
N PHE D 313 9.78 40.66 18.23
CA PHE D 313 9.31 40.43 19.59
C PHE D 313 8.97 41.76 20.23
N LEU D 314 9.87 42.74 20.10
CA LEU D 314 9.63 44.05 20.72
C LEU D 314 8.36 44.67 20.18
N LEU D 315 8.17 44.65 18.87
CA LEU D 315 6.98 45.25 18.28
C LEU D 315 5.72 44.52 18.75
N CYS D 316 5.75 43.19 18.81
CA CYS D 316 4.57 42.44 19.24
C CYS D 316 4.25 42.71 20.70
N ALA D 317 5.28 42.79 21.56
CA ALA D 317 5.03 43.10 22.96
C ALA D 317 4.44 44.51 23.11
N ARG D 318 4.97 45.46 22.37
CA ARG D 318 4.45 46.82 22.45
C ARG D 318 2.98 46.88 22.01
N SER D 319 2.65 46.17 20.93
CA SER D 319 1.27 46.15 20.46
C SER D 319 0.36 45.45 21.45
N LEU D 320 0.82 44.36 22.06
CA LEU D 320 0.00 43.67 23.04
C LEU D 320 -0.29 44.56 24.24
N LEU D 321 0.72 45.29 24.71
CA LEU D 321 0.49 46.23 25.81
C LEU D 321 -0.48 47.33 25.42
N ARG D 322 -0.31 47.90 24.23
CA ARG D 322 -1.24 48.93 23.79
C ARG D 322 -2.67 48.40 23.75
N GLY D 323 -2.85 47.18 23.24
CA GLY D 323 -4.17 46.60 23.19
C GLY D 323 -4.75 46.36 24.57
N PHE D 324 -3.93 45.91 25.51
CA PHE D 324 -4.42 45.69 26.87
C PHE D 324 -4.84 47.00 27.53
N LEU D 325 -4.05 48.06 27.35
CA LEU D 325 -4.43 49.35 27.90
C LEU D 325 -5.71 49.87 27.27
N LEU D 326 -5.86 49.70 25.95
CA LEU D 326 -7.09 50.11 25.30
C LEU D 326 -8.28 49.31 25.84
N GLN D 327 -8.08 48.02 26.09
CA GLN D 327 -9.14 47.21 26.70
C GLN D 327 -9.54 47.78 28.05
N ASN D 328 -8.56 48.11 28.89
CA ASN D 328 -8.89 48.67 30.20
C ASN D 328 -9.67 49.97 30.06
N GLU D 329 -9.22 50.85 29.17
CA GLU D 329 -9.89 52.14 29.01
C GLU D 329 -11.33 51.95 28.52
N PHE D 330 -11.52 51.11 27.51
CA PHE D 330 -12.86 50.85 26.98
C PHE D 330 -13.75 50.28 28.06
N VAL D 331 -13.23 49.32 28.81
CA VAL D 331 -14.03 48.65 29.82
C VAL D 331 -14.48 49.63 30.89
N VAL D 332 -13.55 50.46 31.37
CA VAL D 332 -13.95 51.42 32.38
C VAL D 332 -14.93 52.43 31.78
N PHE D 333 -14.77 52.82 30.52
CA PHE D 333 -15.73 53.72 29.88
C PHE D 333 -17.12 53.10 29.85
N MET D 334 -17.24 51.87 29.34
CA MET D 334 -18.52 51.20 29.34
C MET D 334 -19.08 51.05 30.75
N TRP D 335 -18.22 50.93 31.76
CA TRP D 335 -18.69 50.94 33.13
C TRP D 335 -19.31 52.28 33.51
N ARG D 336 -18.75 53.37 33.00
CA ARG D 336 -19.34 54.69 33.25
C ARG D 336 -20.68 54.82 32.52
N ARG D 337 -20.63 54.74 31.18
CA ARG D 337 -21.84 54.91 30.34
C ARG D 337 -22.95 53.94 30.78
N ARG D 338 -22.71 52.64 30.69
CA ARG D 338 -23.74 51.63 31.06
C ARG D 338 -23.35 51.12 32.45
N GLY D 339 -23.93 50.00 32.87
CA GLY D 339 -23.60 49.40 34.17
C GLY D 339 -22.15 49.00 34.41
N ARG D 340 -21.80 48.66 35.65
CA ARG D 340 -20.41 48.24 35.97
C ARG D 340 -20.29 46.73 35.82
N GLU D 341 -19.06 46.22 35.68
CA GLU D 341 -18.81 44.75 35.55
C GLU D 341 -19.73 44.20 34.46
N ILE D 342 -19.74 44.83 33.29
CA ILE D 342 -20.66 44.40 32.19
C ILE D 342 -19.86 43.56 31.17
N SER D 343 -18.59 43.90 30.95
CA SER D 343 -17.80 43.21 29.90
C SER D 343 -17.00 42.03 30.47
N LEU D 344 -17.01 40.89 29.79
CA LEU D 344 -16.26 39.70 30.23
C LEU D 344 -15.51 39.04 29.08
N TRP D 345 -16.22 38.28 28.25
CA TRP D 345 -15.58 37.64 27.10
C TRP D 345 -14.96 38.66 26.17
N GLU D 346 -15.50 39.89 26.14
CA GLU D 346 -14.95 40.92 25.28
C GLU D 346 -13.57 41.37 25.74
N ARG D 347 -13.43 41.57 27.06
CA ARG D 347 -12.10 41.93 27.62
C ARG D 347 -11.10 40.93 27.05
N LEU D 348 -11.47 39.64 27.07
CA LEU D 348 -10.58 38.63 26.46
C LEU D 348 -10.40 38.99 24.99
N GLU D 349 -11.49 39.09 24.21
CA GLU D 349 -11.40 39.34 22.74
C GLU D 349 -10.46 40.51 22.40
N PHE D 350 -10.17 41.43 23.33
CA PHE D 350 -9.35 42.61 22.97
C PHE D 350 -7.90 42.19 22.67
N VAL D 351 -7.57 40.92 22.84
CA VAL D 351 -6.23 40.46 22.56
C VAL D 351 -6.10 39.89 21.16
N ASN D 352 -4.90 40.01 20.60
CA ASN D 352 -4.62 39.45 19.28
C ASN D 352 -3.88 38.14 19.45
N GLY D 353 -4.51 37.04 19.07
CA GLY D 353 -3.85 35.74 19.15
C GLY D 353 -2.69 35.59 18.20
N TRP D 354 -2.71 36.31 17.10
CA TRP D 354 -1.61 36.21 16.19
C TRP D 354 -0.35 36.83 16.76
N TYR D 355 -0.51 37.89 17.55
CA TYR D 355 0.68 38.55 18.16
C TYR D 355 1.26 37.63 19.23
N ILE D 356 0.41 36.83 19.90
CA ILE D 356 0.91 35.86 20.86
C ILE D 356 1.66 34.77 20.12
N LEU D 357 1.09 34.29 19.02
CA LEU D 357 1.76 33.28 18.21
C LEU D 357 3.11 33.76 17.71
N LEU D 358 3.17 35.01 17.22
CA LEU D 358 4.43 35.56 16.73
C LEU D 358 5.46 35.65 17.84
N VAL D 359 5.00 36.07 19.02
CA VAL D 359 5.90 36.22 20.20
C VAL D 359 6.50 34.84 20.55
N THR D 360 5.68 33.80 20.55
CA THR D 360 6.16 32.47 20.94
C THR D 360 7.01 31.87 19.82
N SER D 361 6.72 32.21 18.58
CA SER D 361 7.54 31.75 17.47
C SER D 361 8.92 32.36 17.51
N ASP D 362 9.02 33.67 17.78
CA ASP D 362 10.33 34.29 17.81
C ASP D 362 11.10 33.91 19.08
N VAL D 363 10.41 33.59 20.17
CA VAL D 363 11.10 33.04 21.33
C VAL D 363 11.74 31.69 20.98
N LEU D 364 10.97 30.83 20.32
CA LEU D 364 11.52 29.55 19.89
C LEU D 364 12.67 29.76 18.92
N THR D 365 12.54 30.72 18.01
CA THR D 365 13.60 30.98 17.05
C THR D 365 14.88 31.44 17.73
N ILE D 366 14.77 32.34 18.70
CA ILE D 366 15.95 32.81 19.42
C ILE D 366 16.60 31.66 20.18
N SER D 367 15.79 30.84 20.85
CA SER D 367 16.37 29.70 21.58
C SER D 367 17.10 28.77 20.61
N GLY D 368 16.48 28.46 19.48
CA GLY D 368 17.12 27.60 18.51
C GLY D 368 18.38 28.20 17.93
N THR D 369 18.38 29.50 17.72
CA THR D 369 19.55 30.16 17.15
C THR D 369 20.70 30.13 18.15
N VAL D 370 20.42 30.43 19.41
CA VAL D 370 21.46 30.37 20.44
C VAL D 370 22.02 28.95 20.54
N MET D 371 21.12 27.95 20.47
CA MET D 371 21.58 26.57 20.51
C MET D 371 22.44 26.22 19.29
N LYS D 372 22.06 26.74 18.12
CA LYS D 372 22.86 26.52 16.92
C LYS D 372 24.25 27.12 17.08
N ILE D 373 24.31 28.33 17.63
CA ILE D 373 25.60 28.97 17.90
C ILE D 373 26.42 28.11 18.86
N GLY D 374 25.77 27.60 19.90
CA GLY D 374 26.48 26.74 20.83
C GLY D 374 27.04 25.49 20.17
N ILE D 375 26.23 24.84 19.33
CA ILE D 375 26.69 23.63 18.65
C ILE D 375 27.86 23.93 17.73
N GLU D 376 27.77 25.04 16.99
CA GLU D 376 28.86 25.40 16.10
C GLU D 376 30.12 25.78 16.89
N ALA D 377 29.94 26.41 18.05
CA ALA D 377 31.06 26.67 18.94
C ALA D 377 31.54 25.43 19.66
N LYS D 378 30.87 24.30 19.48
CA LYS D 378 31.25 23.02 20.08
C LYS D 378 31.06 23.01 21.59
N ASN D 379 30.29 23.96 22.12
CA ASN D 379 29.90 23.92 23.53
C ASN D 379 28.88 22.83 23.82
N LEU D 380 28.15 22.38 22.80
CA LEU D 380 27.14 21.35 22.99
C LEU D 380 26.89 20.66 21.67
N ALA D 381 26.44 19.40 21.74
CA ALA D 381 26.05 18.64 20.55
C ALA D 381 24.69 18.03 20.83
N SER D 382 23.65 18.82 20.63
CA SER D 382 22.26 18.34 20.69
C SER D 382 21.62 18.80 19.39
N TYR D 383 21.85 18.04 18.33
CA TYR D 383 21.34 18.42 17.02
C TYR D 383 19.84 18.19 16.93
N ASP D 384 19.32 17.18 17.63
CA ASP D 384 17.91 16.88 17.57
C ASP D 384 17.06 17.99 18.18
N VAL D 385 17.44 18.45 19.39
CA VAL D 385 16.68 19.51 20.05
C VAL D 385 16.74 20.79 19.22
N CYS D 386 17.93 21.14 18.73
CA CYS D 386 18.07 22.34 17.91
C CYS D 386 17.26 22.22 16.63
N SER D 387 17.31 21.07 15.96
CA SER D 387 16.55 20.89 14.74
C SER D 387 15.06 21.03 14.99
N ILE D 388 14.61 20.49 16.12
CA ILE D 388 13.19 20.57 16.43
C ILE D 388 12.80 22.02 16.70
N LEU D 389 13.60 22.75 17.44
CA LEU D 389 13.30 24.16 17.71
C LEU D 389 13.25 24.97 16.42
N LEU D 390 14.26 24.79 15.56
CA LEU D 390 14.32 25.56 14.33
C LEU D 390 13.18 25.20 13.38
N GLY D 391 12.85 23.91 13.27
CA GLY D 391 11.76 23.50 12.39
C GLY D 391 10.40 23.98 12.85
N THR D 392 10.13 23.86 14.16
CA THR D 392 8.89 24.38 14.70
C THR D 392 8.79 25.89 14.50
N SER D 393 9.90 26.61 14.72
CA SER D 393 9.88 28.05 14.50
C SER D 393 9.65 28.39 13.04
N THR D 394 10.26 27.63 12.12
CA THR D 394 10.04 27.89 10.70
C THR D 394 8.58 27.69 10.32
N LEU D 395 7.98 26.59 10.80
CA LEU D 395 6.58 26.35 10.52
C LEU D 395 5.70 27.47 11.08
N LEU D 396 5.97 27.88 12.31
CA LEU D 396 5.16 28.94 12.91
C LEU D 396 5.33 30.26 12.16
N VAL D 397 6.55 30.55 11.72
CA VAL D 397 6.80 31.79 10.99
C VAL D 397 6.03 31.78 9.67
N TRP D 398 6.02 30.64 8.98
CA TRP D 398 5.25 30.56 7.74
C TRP D 398 3.76 30.72 8.02
N VAL D 399 3.27 30.13 9.11
CA VAL D 399 1.86 30.23 9.44
C VAL D 399 1.48 31.67 9.78
N GLY D 400 2.37 32.39 10.46
CA GLY D 400 2.05 33.71 10.95
C GLY D 400 1.67 34.70 9.87
N VAL D 401 2.14 34.50 8.64
CA VAL D 401 1.81 35.43 7.56
C VAL D 401 0.33 35.41 7.21
N ILE D 402 -0.42 34.41 7.67
CA ILE D 402 -1.86 34.40 7.43
C ILE D 402 -2.55 35.50 8.21
N ARG D 403 -1.91 36.06 9.23
CA ARG D 403 -2.50 37.17 9.98
C ARG D 403 -2.96 38.31 9.08
N TYR D 404 -2.18 38.59 8.05
CA TYR D 404 -2.50 39.69 7.16
C TYR D 404 -3.53 39.32 6.10
N LEU D 405 -3.93 38.05 6.02
CA LEU D 405 -5.03 37.65 5.18
C LEU D 405 -6.35 37.54 5.93
N THR D 406 -6.33 37.69 7.25
CA THR D 406 -7.56 37.63 8.05
C THR D 406 -8.37 38.90 7.96
N PHE D 407 -7.85 39.96 7.35
CA PHE D 407 -8.61 41.19 7.20
C PHE D 407 -9.58 41.10 6.05
N PHE D 408 -9.16 40.49 4.97
CA PHE D 408 -10.00 40.32 3.80
C PHE D 408 -10.75 38.99 3.90
N HIS D 409 -12.08 39.07 3.97
CA HIS D 409 -12.88 37.87 4.22
C HIS D 409 -12.81 36.87 3.07
N LYS D 410 -12.47 37.31 1.87
CA LYS D 410 -12.39 36.37 0.74
C LYS D 410 -11.25 35.37 0.94
N TYR D 411 -10.15 35.79 1.56
CA TYR D 411 -9.01 34.93 1.82
C TYR D 411 -9.05 34.30 3.20
N ASN D 412 -10.07 34.60 4.01
CA ASN D 412 -10.11 34.21 5.41
C ASN D 412 -11.07 33.06 5.66
N ILE D 413 -11.42 32.30 4.63
CA ILE D 413 -12.42 31.24 4.79
C ILE D 413 -11.96 30.21 5.82
N LEU D 414 -10.71 29.76 5.69
CA LEU D 414 -10.21 28.70 6.55
C LEU D 414 -10.26 29.10 8.02
N ILE D 415 -9.70 30.27 8.35
CA ILE D 415 -9.60 30.68 9.75
C ILE D 415 -10.98 30.98 10.32
N ALA D 416 -11.83 31.67 9.57
CA ALA D 416 -13.17 31.97 10.06
C ALA D 416 -13.94 30.68 10.32
N THR D 417 -13.83 29.71 9.42
CA THR D 417 -14.49 28.43 9.61
C THR D 417 -13.96 27.79 10.88
N LEU D 418 -12.64 27.71 11.00
CA LEU D 418 -12.06 27.08 12.18
C LEU D 418 -12.61 27.71 13.45
N ARG D 419 -12.66 29.04 13.48
CA ARG D 419 -13.15 29.74 14.66
C ARG D 419 -14.59 29.38 14.96
N VAL D 420 -15.44 29.31 13.93
CA VAL D 420 -16.85 28.99 14.16
C VAL D 420 -17.00 27.53 14.59
N ALA D 421 -16.22 26.63 14.00
CA ALA D 421 -16.44 25.20 14.14
C ALA D 421 -15.75 24.56 15.34
N LEU D 422 -14.65 25.12 15.83
CA LEU D 422 -13.91 24.44 16.91
C LEU D 422 -14.75 24.04 18.18
N PRO D 423 -15.70 24.88 18.71
CA PRO D 423 -16.45 24.39 19.88
C PRO D 423 -17.24 23.12 19.60
N SER D 424 -18.02 23.10 18.52
CA SER D 424 -18.78 21.90 18.18
C SER D 424 -17.87 20.74 17.87
N VAL D 425 -16.76 21.00 17.19
CA VAL D 425 -15.80 19.95 16.89
C VAL D 425 -15.26 19.33 18.16
N MET D 426 -14.92 20.16 19.15
CA MET D 426 -14.38 19.65 20.41
C MET D 426 -15.42 18.87 21.19
N ARG D 427 -16.67 19.36 21.21
CA ARG D 427 -17.72 18.60 21.89
C ARG D 427 -17.93 17.24 21.24
N PHE D 428 -17.89 17.19 19.91
CA PHE D 428 -17.98 15.92 19.19
C PHE D 428 -16.80 15.00 19.52
N CYS D 429 -15.60 15.56 19.53
CA CYS D 429 -14.41 14.76 19.78
C CYS D 429 -14.42 14.19 21.19
N CYS D 430 -14.99 14.91 22.14
CA CYS D 430 -15.11 14.36 23.49
C CYS D 430 -15.80 13.00 23.48
N CYS D 431 -16.95 12.92 22.81
CA CYS D 431 -17.67 11.65 22.73
C CYS D 431 -16.90 10.62 21.90
N VAL D 432 -16.35 11.02 20.77
CA VAL D 432 -15.66 10.08 19.89
C VAL D 432 -14.38 9.53 20.51
N ALA D 433 -13.79 10.25 21.46
CA ALA D 433 -12.52 9.83 22.01
C ALA D 433 -12.64 8.65 22.95
N VAL D 434 -13.74 8.56 23.72
CA VAL D 434 -13.89 7.41 24.61
C VAL D 434 -14.06 6.13 23.82
N ILE D 435 -14.85 6.18 22.74
CA ILE D 435 -14.98 5.02 21.87
C ILE D 435 -13.63 4.65 21.26
N TYR D 436 -12.90 5.66 20.77
CA TYR D 436 -11.59 5.40 20.18
C TYR D 436 -10.63 4.77 21.18
N LEU D 437 -10.60 5.28 22.41
CA LEU D 437 -9.70 4.73 23.44
C LEU D 437 -10.09 3.33 23.84
N GLY D 438 -11.40 3.06 23.95
CA GLY D 438 -11.82 1.69 24.22
C GLY D 438 -11.36 0.74 23.15
N TYR D 439 -11.54 1.12 21.88
CA TYR D 439 -11.06 0.28 20.79
C TYR D 439 -9.55 0.11 20.86
N CYS D 440 -8.82 1.19 21.18
CA CYS D 440 -7.37 1.13 21.23
C CYS D 440 -6.90 0.12 22.27
N PHE D 441 -7.44 0.20 23.48
CA PHE D 441 -7.03 -0.74 24.53
C PHE D 441 -7.41 -2.17 24.17
N CYS D 442 -8.63 -2.36 23.70
CA CYS D 442 -9.10 -3.68 23.31
C CYS D 442 -8.15 -4.28 22.28
N GLY D 443 -7.90 -3.57 21.19
CA GLY D 443 -7.04 -4.07 20.14
C GLY D 443 -5.63 -4.32 20.64
N TRP D 444 -5.09 -3.40 21.45
CA TRP D 444 -3.73 -3.54 21.95
C TRP D 444 -3.56 -4.82 22.75
N ILE D 445 -4.49 -5.15 23.62
CA ILE D 445 -4.27 -6.33 24.44
C ILE D 445 -4.71 -7.62 23.75
N VAL D 446 -5.85 -7.59 23.06
CA VAL D 446 -6.33 -8.83 22.47
C VAL D 446 -5.52 -9.19 21.22
N LEU D 447 -5.31 -8.23 20.32
CA LEU D 447 -4.69 -8.51 19.03
C LEU D 447 -3.20 -8.25 18.98
N GLY D 448 -2.64 -7.50 19.94
CA GLY D 448 -1.23 -7.19 19.93
C GLY D 448 -0.31 -8.37 19.89
N PRO D 449 -0.57 -9.44 20.64
CA PRO D 449 0.28 -10.64 20.52
C PRO D 449 0.27 -11.27 19.15
N TYR D 450 -0.82 -11.15 18.40
CA TYR D 450 -0.97 -11.83 17.11
C TYR D 450 -0.76 -10.92 15.92
N HIS D 451 -1.07 -9.63 16.04
CA HIS D 451 -1.07 -8.71 14.91
C HIS D 451 0.14 -7.78 15.02
N VAL D 452 0.93 -7.73 13.93
CA VAL D 452 2.19 -6.93 13.92
C VAL D 452 1.91 -5.42 13.96
N LYS D 453 0.71 -4.97 13.60
CA LYS D 453 0.35 -3.56 13.68
C LYS D 453 -0.27 -3.17 15.01
N PHE D 454 -0.45 -4.12 15.93
CA PHE D 454 -1.03 -3.84 17.24
C PHE D 454 -0.05 -4.10 18.37
N ARG D 455 1.26 -4.04 18.09
CA ARG D 455 2.25 -4.46 19.09
C ARG D 455 2.24 -3.55 20.30
N SER D 456 2.17 -2.23 20.10
CA SER D 456 2.24 -1.26 21.17
C SER D 456 1.07 -0.31 21.09
N LEU D 457 0.89 0.49 22.15
CA LEU D 457 -0.24 1.42 22.20
C LEU D 457 -0.14 2.48 21.11
N SER D 458 1.04 3.07 20.93
CA SER D 458 1.21 4.07 19.87
C SER D 458 0.99 3.44 18.51
N MET D 459 1.48 2.22 18.31
CA MET D 459 1.26 1.53 17.04
C MET D 459 -0.22 1.25 16.82
N VAL D 460 -0.93 0.85 17.87
CA VAL D 460 -2.36 0.62 17.73
C VAL D 460 -3.08 1.90 17.35
N SER D 461 -2.71 3.02 17.98
CA SER D 461 -3.32 4.28 17.64
C SER D 461 -3.05 4.66 16.19
N GLU D 462 -1.81 4.49 15.73
CA GLU D 462 -1.50 4.78 14.33
C GLU D 462 -2.32 3.89 13.40
N CYS D 463 -2.43 2.61 13.72
CA CYS D 463 -3.22 1.69 12.90
C CYS D 463 -4.67 2.15 12.82
N LEU D 464 -5.29 2.45 13.96
CA LEU D 464 -6.70 2.81 13.97
C LEU D 464 -6.92 4.16 13.27
N PHE D 465 -6.03 5.11 13.48
CA PHE D 465 -6.14 6.42 12.83
C PHE D 465 -6.02 6.29 11.32
N SER D 466 -5.08 5.47 10.85
CA SER D 466 -4.96 5.27 9.41
C SER D 466 -6.16 4.49 8.87
N LEU D 467 -6.73 3.58 9.66
CA LEU D 467 -7.94 2.89 9.21
C LEU D 467 -9.10 3.85 9.08
N ILE D 468 -9.20 4.83 9.97
CA ILE D 468 -10.27 5.82 9.87
C ILE D 468 -10.21 6.52 8.52
N ASN D 469 -9.00 6.80 8.04
CA ASN D 469 -8.80 7.44 6.75
C ASN D 469 -8.68 6.43 5.61
N GLY D 470 -9.10 5.19 5.83
CA GLY D 470 -9.17 4.19 4.79
C GLY D 470 -7.84 3.64 4.32
N ASP D 471 -6.81 3.69 5.15
CA ASP D 471 -5.46 3.33 4.74
C ASP D 471 -5.06 1.98 5.30
N ASP D 472 -4.40 1.16 4.45
CA ASP D 472 -3.85 -0.14 4.82
C ASP D 472 -4.92 -1.08 5.38
N MET D 473 -6.14 -0.99 4.84
CA MET D 473 -7.25 -1.82 5.31
C MET D 473 -6.99 -3.30 5.03
N PHE D 474 -6.80 -3.65 3.75
CA PHE D 474 -6.69 -5.06 3.40
C PHE D 474 -5.47 -5.70 4.03
N VAL D 475 -4.37 -4.96 4.16
CA VAL D 475 -3.20 -5.50 4.83
C VAL D 475 -3.51 -5.82 6.28
N THR D 476 -4.32 -4.97 6.92
CA THR D 476 -4.72 -5.23 8.30
C THR D 476 -5.54 -6.52 8.40
N PHE D 477 -6.50 -6.72 7.49
CA PHE D 477 -7.24 -7.98 7.49
C PHE D 477 -6.35 -9.17 7.18
N ALA D 478 -5.44 -9.02 6.23
CA ALA D 478 -4.62 -10.13 5.77
C ALA D 478 -3.62 -10.57 6.83
N ALA D 479 -3.15 -9.65 7.67
CA ALA D 479 -2.27 -10.04 8.76
C ALA D 479 -2.92 -11.11 9.63
N MET D 480 -4.20 -10.93 9.95
CA MET D 480 -4.92 -11.93 10.72
C MET D 480 -5.31 -13.14 9.88
N GLN D 481 -5.55 -12.94 8.58
CA GLN D 481 -5.85 -14.07 7.71
C GLN D 481 -4.68 -15.07 7.67
N ALA D 482 -3.46 -14.56 7.54
CA ALA D 482 -2.32 -15.42 7.27
C ALA D 482 -2.10 -16.43 8.38
N GLN D 483 -2.19 -15.98 9.63
CA GLN D 483 -1.92 -16.87 10.79
C GLN D 483 -3.23 -17.38 11.41
N GLN D 484 -4.37 -16.76 11.09
CA GLN D 484 -5.70 -17.14 11.64
C GLN D 484 -5.70 -16.96 13.16
N GLY D 485 -4.71 -16.22 13.69
CA GLY D 485 -4.60 -16.02 15.15
C GLY D 485 -4.37 -17.34 15.88
N HIS D 486 -3.97 -18.39 15.15
CA HIS D 486 -3.75 -19.73 15.75
C HIS D 486 -4.94 -20.12 16.63
N SER D 487 -6.12 -19.56 16.37
CA SER D 487 -7.31 -19.83 17.17
C SER D 487 -8.45 -19.17 16.42
N SER D 488 -9.42 -19.97 15.97
CA SER D 488 -10.53 -19.41 15.22
C SER D 488 -11.26 -18.35 16.04
N LEU D 489 -11.24 -18.47 17.37
CA LEU D 489 -11.91 -17.47 18.20
C LEU D 489 -11.26 -16.10 18.06
N VAL D 490 -9.93 -16.06 18.09
CA VAL D 490 -9.24 -14.78 17.91
C VAL D 490 -9.50 -14.21 16.52
N TRP D 491 -9.47 -15.06 15.49
CA TRP D 491 -9.73 -14.59 14.13
C TRP D 491 -11.14 -14.00 14.02
N LEU D 492 -12.13 -14.69 14.57
CA LEU D 492 -13.50 -14.18 14.52
C LEU D 492 -13.64 -12.87 15.27
N PHE D 493 -12.99 -12.77 16.44
CA PHE D 493 -13.03 -11.53 17.18
C PHE D 493 -12.40 -10.40 16.38
N SER D 494 -11.28 -10.67 15.72
CA SER D 494 -10.64 -9.64 14.91
C SER D 494 -11.55 -9.22 13.76
N GLN D 495 -12.24 -10.16 13.14
CA GLN D 495 -13.20 -9.81 12.10
C GLN D 495 -14.24 -8.83 12.63
N LEU D 496 -14.89 -9.18 13.74
CA LEU D 496 -15.90 -8.29 14.30
C LEU D 496 -15.30 -6.94 14.67
N TYR D 497 -14.14 -6.95 15.31
CA TYR D 497 -13.47 -5.74 15.75
C TYR D 497 -13.19 -4.81 14.57
N LEU D 498 -12.55 -5.32 13.52
CA LEU D 498 -12.17 -4.49 12.40
C LEU D 498 -13.38 -4.01 11.63
N TYR D 499 -14.33 -4.90 11.33
CA TYR D 499 -15.51 -4.47 10.59
C TYR D 499 -16.28 -3.40 11.35
N SER D 500 -16.50 -3.61 12.66
CA SER D 500 -17.27 -2.64 13.43
C SER D 500 -16.53 -1.31 13.53
N PHE D 501 -15.23 -1.33 13.84
CA PHE D 501 -14.50 -0.08 13.94
C PHE D 501 -14.51 0.68 12.62
N ILE D 502 -14.18 0.00 11.53
CA ILE D 502 -14.10 0.66 10.24
C ILE D 502 -15.45 1.25 9.87
N SER D 503 -16.51 0.45 9.97
CA SER D 503 -17.82 0.94 9.57
C SER D 503 -18.23 2.14 10.41
N LEU D 504 -18.17 2.00 11.74
CA LEU D 504 -18.57 3.09 12.61
C LEU D 504 -17.78 4.37 12.30
N PHE D 505 -16.45 4.29 12.29
CA PHE D 505 -15.68 5.51 12.24
C PHE D 505 -15.66 6.11 10.84
N ILE D 506 -15.59 5.30 9.78
CA ILE D 506 -15.59 5.89 8.44
C ILE D 506 -16.97 6.45 8.10
N TYR D 507 -18.05 5.71 8.38
CA TYR D 507 -19.34 6.12 7.85
C TYR D 507 -20.14 7.02 8.78
N MET D 508 -20.01 6.87 10.09
CA MET D 508 -20.74 7.76 10.97
C MET D 508 -19.88 8.87 11.55
N VAL D 509 -18.79 8.52 12.23
CA VAL D 509 -17.98 9.53 12.90
C VAL D 509 -17.44 10.55 11.91
N LEU D 510 -16.82 10.08 10.83
CA LEU D 510 -16.21 10.99 9.87
C LEU D 510 -17.25 11.79 9.12
N SER D 511 -18.38 11.15 8.76
CA SER D 511 -19.45 11.88 8.11
C SER D 511 -19.96 13.01 8.99
N LEU D 512 -20.15 12.74 10.28
CA LEU D 512 -20.65 13.77 11.18
C LEU D 512 -19.61 14.87 11.40
N PHE D 513 -18.35 14.49 11.51
CA PHE D 513 -17.28 15.48 11.66
C PHE D 513 -17.25 16.44 10.48
N ILE D 514 -17.29 15.88 9.27
CA ILE D 514 -17.26 16.71 8.09
C ILE D 514 -18.51 17.58 8.06
N ALA D 515 -19.67 17.00 8.39
CA ALA D 515 -20.90 17.78 8.37
C ALA D 515 -20.81 18.98 9.31
N LEU D 516 -20.22 18.79 10.48
CA LEU D 516 -20.03 19.90 11.40
C LEU D 516 -19.14 20.98 10.80
N ILE D 517 -18.03 20.58 10.17
CA ILE D 517 -17.11 21.56 9.61
C ILE D 517 -17.77 22.35 8.49
N THR D 518 -18.42 21.65 7.57
CA THR D 518 -19.08 22.33 6.46
C THR D 518 -20.27 23.15 6.91
N GLY D 519 -20.93 22.75 8.01
CA GLY D 519 -21.97 23.60 8.56
C GLY D 519 -21.42 24.90 9.11
N ALA D 520 -20.26 24.84 9.72
CA ALA D 520 -19.63 26.06 10.20
C ALA D 520 -19.27 26.95 9.03
N TYR D 521 -18.75 26.35 7.96
CA TYR D 521 -18.44 27.13 6.77
C TYR D 521 -19.70 27.78 6.21
N ASP D 522 -20.79 27.02 6.13
CA ASP D 522 -22.05 27.58 5.65
C ASP D 522 -22.50 28.75 6.52
N THR D 523 -22.21 28.67 7.82
CA THR D 523 -22.54 29.78 8.71
C THR D 523 -21.71 31.02 8.40
N ILE D 524 -20.43 30.88 8.05
CA ILE D 524 -19.65 32.09 7.80
C ILE D 524 -19.72 32.53 6.34
N LYS D 525 -20.09 31.63 5.44
CA LYS D 525 -20.22 32.06 4.05
C LYS D 525 -21.47 32.93 3.94
N HIS D 526 -21.29 34.13 3.41
CA HIS D 526 -22.43 35.05 3.26
C HIS D 526 -23.64 34.49 2.52
N PRO D 527 -23.45 33.76 1.40
CA PRO D 527 -24.65 33.16 0.80
C PRO D 527 -25.42 32.29 1.80
#